data_6C4K
#
_entry.id   6C4K
#
_cell.length_a   178.520
_cell.length_b   114.470
_cell.length_c   96.880
_cell.angle_alpha   90.00
_cell.angle_beta   116.50
_cell.angle_gamma   90.00
#
_symmetry.space_group_name_H-M   'C 1 2 1'
#
loop_
_entity.id
_entity.type
_entity.pdbx_description
1 polymer 'UDP-glucose 6-dehydrogenase'
2 non-polymer 'PHOSPHATE ION'
3 non-polymer 'SODIUM ION'
4 water water
#
_entity_poly.entity_id   1
_entity_poly.type   'polypeptide(L)'
_entity_poly.pdbx_seq_one_letter_code
;MFEIKKICCIGAGYVGGPTCSVIAHMCPEIRVTVVDVNESRINAWNSPTLPIYEPGLKEVVESCRGKNLFFSTNIDDAIK
EADLVFISVNTPTKTYGMGKGRALDLKYIEACARRIVQNSNGYKIVTEKSTVPVRAAESIRRIFDANTKPNLNLQVLSNP
EFLAEGTAIKDLKNPDRVLIGGDETPEGQRAVQALCAVYEHWVPREKILTTNTWSSELSKLAANAFLAQRISSINSISAL
CEATGADVEEVATAIGMDQRIGNKFLKASVGFGGSCFQKDVLNLVYLCEALNLPEVARYWQQVIDMNDYQRRRFASRIID
SLFNTVTDKKIAILGFAFKKDTGDTRESSSIYISKYLMDEGAHLHIYDPKVPREQIVVDLSHPGVSEDDQVSRLVTISKD
PYEACDGAHAVVICTEWDMFKELDYERIHKKMLKPAFIFDGRRVLDGLHNELQTIGFQIETIGKKVSSKRIPYAPSGEIP
KFSLQDPPNKKPKV
;
_entity_poly.pdbx_strand_id   A,B,C
#
loop_
_chem_comp.id
_chem_comp.type
_chem_comp.name
_chem_comp.formula
NA non-polymer 'SODIUM ION' 'Na 1'
PO4 non-polymer 'PHOSPHATE ION' 'O4 P -3'
#
# COMPACT_ATOMS: atom_id res chain seq x y z
N MET A 1 7.21 7.12 -60.15
CA MET A 1 7.53 8.54 -60.07
C MET A 1 8.87 8.75 -59.35
N PHE A 2 8.79 9.04 -58.05
CA PHE A 2 9.99 9.31 -57.27
C PHE A 2 10.76 8.02 -57.01
N GLU A 3 12.09 8.12 -57.05
CA GLU A 3 12.97 6.98 -56.81
C GLU A 3 13.89 7.28 -55.63
N ILE A 4 14.05 6.29 -54.75
CA ILE A 4 14.88 6.43 -53.56
C ILE A 4 16.30 5.96 -53.88
N LYS A 5 17.28 6.82 -53.62
CA LYS A 5 18.67 6.50 -53.93
C LYS A 5 19.58 6.47 -52.70
N LYS A 6 19.30 7.28 -51.68
CA LYS A 6 20.13 7.32 -50.49
C LYS A 6 19.25 7.13 -49.26
N ILE A 7 19.64 6.19 -48.39
CA ILE A 7 18.84 5.81 -47.23
C ILE A 7 19.68 6.01 -45.97
N CYS A 8 19.07 6.62 -44.95
CA CYS A 8 19.67 6.76 -43.64
C CYS A 8 18.80 6.05 -42.61
N CYS A 9 19.44 5.42 -41.63
CA CYS A 9 18.74 4.68 -40.57
C CYS A 9 19.34 5.09 -39.23
N ILE A 10 18.55 5.77 -38.42
CA ILE A 10 19.00 6.20 -37.09
C ILE A 10 18.78 5.07 -36.09
N GLY A 11 19.88 4.54 -35.54
CA GLY A 11 19.82 3.46 -34.59
C GLY A 11 20.30 2.14 -35.15
N ALA A 12 21.43 1.66 -34.63
CA ALA A 12 22.03 0.40 -35.08
C ALA A 12 21.89 -0.64 -33.98
N GLY A 13 20.65 -1.12 -33.79
CA GLY A 13 20.40 -2.03 -32.70
C GLY A 13 19.38 -3.12 -33.01
N TYR A 14 19.85 -4.20 -33.64
CA TYR A 14 19.07 -5.43 -33.82
C TYR A 14 17.87 -5.24 -34.74
N VAL A 15 17.28 -4.05 -34.76
CA VAL A 15 16.13 -3.78 -35.61
C VAL A 15 16.62 -3.18 -36.93
N GLY A 16 17.19 -1.97 -36.85
CA GLY A 16 17.67 -1.30 -38.04
C GLY A 16 18.96 -1.86 -38.60
N GLY A 17 19.76 -2.50 -37.75
CA GLY A 17 21.01 -3.08 -38.18
C GLY A 17 20.85 -4.14 -39.26
N PRO A 18 20.25 -5.28 -38.89
CA PRO A 18 20.06 -6.36 -39.87
C PRO A 18 19.17 -5.97 -41.05
N THR A 19 18.14 -5.14 -40.81
CA THR A 19 17.23 -4.78 -41.90
C THR A 19 17.95 -4.00 -42.99
N CYS A 20 18.81 -3.05 -42.61
CA CYS A 20 19.50 -2.24 -43.59
C CYS A 20 20.61 -3.00 -44.30
N SER A 21 21.21 -3.97 -43.63
CA SER A 21 22.22 -4.80 -44.30
C SER A 21 21.59 -5.61 -45.42
N VAL A 22 20.38 -6.12 -45.21
CA VAL A 22 19.69 -6.88 -46.25
C VAL A 22 19.26 -5.97 -47.39
N ILE A 23 18.83 -4.75 -47.06
CA ILE A 23 18.45 -3.80 -48.09
C ILE A 23 19.64 -3.47 -48.97
N ALA A 24 20.80 -3.22 -48.36
CA ALA A 24 22.02 -2.98 -49.13
C ALA A 24 22.46 -4.21 -49.89
N HIS A 25 22.11 -5.40 -49.39
CA HIS A 25 22.50 -6.64 -50.06
C HIS A 25 21.63 -6.94 -51.28
N MET A 26 20.39 -6.47 -51.28
CA MET A 26 19.47 -6.68 -52.39
C MET A 26 19.27 -5.45 -53.24
N CYS A 27 19.87 -4.32 -52.86
CA CYS A 27 19.78 -3.07 -53.62
C CYS A 27 21.17 -2.48 -53.73
N PRO A 28 22.01 -3.00 -54.64
CA PRO A 28 23.38 -2.48 -54.74
C PRO A 28 23.44 -1.04 -55.22
N GLU A 29 22.40 -0.55 -55.90
CA GLU A 29 22.38 0.81 -56.44
C GLU A 29 21.89 1.85 -55.43
N ILE A 30 21.48 1.43 -54.24
CA ILE A 30 20.98 2.33 -53.21
C ILE A 30 22.03 2.42 -52.10
N ARG A 31 22.38 3.64 -51.71
CA ARG A 31 23.34 3.88 -50.66
C ARG A 31 22.63 3.87 -49.31
N VAL A 32 22.98 2.92 -48.46
CA VAL A 32 22.36 2.75 -47.14
C VAL A 32 23.38 3.10 -46.08
N THR A 33 23.07 4.09 -45.25
CA THR A 33 23.95 4.56 -44.18
C THR A 33 23.25 4.40 -42.85
N VAL A 34 23.79 3.54 -42.00
CA VAL A 34 23.26 3.31 -40.66
C VAL A 34 24.05 4.18 -39.69
N VAL A 35 23.34 5.02 -38.94
CA VAL A 35 23.97 5.94 -38.00
C VAL A 35 23.45 5.66 -36.60
N ASP A 36 24.23 6.07 -35.61
CA ASP A 36 23.87 5.90 -34.20
C ASP A 36 24.70 6.87 -33.38
N VAL A 37 24.12 7.33 -32.26
CA VAL A 37 24.83 8.27 -31.39
C VAL A 37 25.93 7.58 -30.60
N ASN A 38 25.84 6.26 -30.41
CA ASN A 38 26.85 5.52 -29.66
C ASN A 38 27.98 5.11 -30.60
N GLU A 39 29.19 5.61 -30.32
CA GLU A 39 30.33 5.28 -31.15
C GLU A 39 30.79 3.85 -30.96
N SER A 40 30.56 3.27 -29.77
CA SER A 40 30.99 1.90 -29.51
C SER A 40 30.27 0.90 -30.40
N ARG A 41 29.01 1.16 -30.74
CA ARG A 41 28.28 0.27 -31.63
C ARG A 41 28.81 0.35 -33.05
N ILE A 42 29.05 1.58 -33.54
CA ILE A 42 29.50 1.76 -34.93
C ILE A 42 30.84 1.08 -35.15
N ASN A 43 31.77 1.23 -34.21
CA ASN A 43 33.06 0.56 -34.34
C ASN A 43 32.91 -0.95 -34.28
N ALA A 44 31.87 -1.45 -33.60
CA ALA A 44 31.64 -2.89 -33.56
C ALA A 44 31.15 -3.40 -34.91
N TRP A 45 30.35 -2.60 -35.62
CA TRP A 45 29.88 -3.02 -36.94
C TRP A 45 31.01 -3.05 -37.95
N ASN A 46 31.94 -2.08 -37.87
CA ASN A 46 33.07 -2.02 -38.78
C ASN A 46 34.20 -2.98 -38.39
N SER A 47 34.09 -3.65 -37.26
CA SER A 47 35.05 -4.64 -36.80
C SER A 47 34.59 -6.04 -37.19
N PRO A 48 35.52 -7.01 -37.28
CA PRO A 48 35.12 -8.39 -37.59
C PRO A 48 34.30 -9.05 -36.49
N THR A 49 34.00 -8.36 -35.40
CA THR A 49 33.18 -8.87 -34.32
C THR A 49 31.95 -7.96 -34.18
N LEU A 50 30.82 -8.44 -34.70
CA LEU A 50 29.60 -7.64 -34.67
C LEU A 50 29.01 -7.62 -33.25
N PRO A 51 28.27 -6.56 -32.90
CA PRO A 51 27.70 -6.50 -31.54
C PRO A 51 26.59 -7.50 -31.31
N ILE A 52 25.83 -7.88 -32.35
CA ILE A 52 24.77 -8.86 -32.23
C ILE A 52 25.15 -10.09 -33.04
N TYR A 53 24.73 -11.26 -32.58
CA TYR A 53 25.06 -12.54 -33.20
C TYR A 53 23.80 -13.09 -33.86
N GLU A 54 23.68 -12.88 -35.16
CA GLU A 54 22.63 -13.47 -35.98
C GLU A 54 23.23 -14.38 -37.04
N PRO A 55 22.63 -15.54 -37.30
CA PRO A 55 23.19 -16.44 -38.32
C PRO A 55 23.09 -15.83 -39.72
N GLY A 56 24.19 -15.91 -40.46
CA GLY A 56 24.23 -15.34 -41.79
C GLY A 56 24.29 -13.84 -41.86
N LEU A 57 24.62 -13.16 -40.75
CA LEU A 57 24.69 -11.71 -40.77
C LEU A 57 26.05 -11.23 -41.27
N LYS A 58 27.11 -11.96 -40.95
CA LYS A 58 28.45 -11.60 -41.42
C LYS A 58 28.52 -11.66 -42.94
N GLU A 59 27.86 -12.65 -43.55
CA GLU A 59 27.89 -12.79 -45.00
C GLU A 59 27.24 -11.59 -45.68
N VAL A 60 26.16 -11.07 -45.09
CA VAL A 60 25.46 -9.93 -45.68
C VAL A 60 26.23 -8.64 -45.45
N VAL A 61 26.79 -8.47 -44.25
CA VAL A 61 27.50 -7.23 -43.93
C VAL A 61 28.79 -7.13 -44.75
N GLU A 62 29.60 -8.20 -44.73
CA GLU A 62 30.88 -8.17 -45.44
C GLU A 62 30.72 -8.02 -46.94
N SER A 63 29.55 -8.34 -47.48
CA SER A 63 29.31 -8.18 -48.91
C SER A 63 29.10 -6.72 -49.31
N CYS A 64 28.62 -5.88 -48.38
CA CYS A 64 28.26 -4.51 -48.70
C CYS A 64 28.99 -3.46 -47.88
N ARG A 65 29.67 -3.83 -46.79
CA ARG A 65 30.37 -2.86 -45.96
C ARG A 65 31.52 -2.28 -46.75
N GLY A 66 31.29 -1.10 -47.36
CA GLY A 66 32.30 -0.46 -48.17
C GLY A 66 31.77 0.04 -49.50
N LYS A 67 30.86 -0.72 -50.11
CA LYS A 67 30.27 -0.34 -51.39
C LYS A 67 29.06 0.58 -51.19
N ASN A 68 28.01 0.07 -50.56
CA ASN A 68 26.80 0.83 -50.33
C ASN A 68 26.28 0.75 -48.90
N LEU A 69 26.99 0.07 -48.00
CA LEU A 69 26.60 -0.05 -46.60
C LEU A 69 27.66 0.64 -45.75
N PHE A 70 27.24 1.66 -45.00
CA PHE A 70 28.15 2.46 -44.20
C PHE A 70 27.56 2.66 -42.79
N PHE A 71 28.45 2.72 -41.81
CA PHE A 71 28.05 2.96 -40.42
C PHE A 71 28.67 4.24 -39.87
N THR A 73 28.80 7.60 -37.55
CA THR A 73 28.34 8.39 -36.43
C THR A 73 27.92 9.79 -36.87
N ASN A 74 28.12 10.10 -38.15
CA ASN A 74 27.78 11.41 -38.71
C ASN A 74 26.30 11.39 -39.05
N ILE A 75 25.47 11.72 -38.05
CA ILE A 75 24.03 11.67 -38.25
C ILE A 75 23.53 12.86 -39.05
N ASP A 76 24.14 14.03 -38.86
CA ASP A 76 23.65 15.24 -39.52
C ASP A 76 23.81 15.15 -41.04
N ASP A 77 24.97 14.69 -41.50
CA ASP A 77 25.21 14.60 -42.94
C ASP A 77 24.38 13.49 -43.58
N ALA A 78 24.16 12.38 -42.87
CA ALA A 78 23.38 11.28 -43.42
C ALA A 78 21.92 11.67 -43.59
N ILE A 79 21.39 12.49 -42.68
CA ILE A 79 20.01 12.94 -42.80
C ILE A 79 19.85 13.89 -43.98
N LYS A 80 20.84 14.76 -44.20
CA LYS A 80 20.75 15.74 -45.28
C LYS A 80 20.81 15.09 -46.65
N GLU A 81 21.59 14.02 -46.79
CA GLU A 81 21.80 13.40 -48.10
C GLU A 81 20.76 12.34 -48.43
N ALA A 82 20.13 11.74 -47.44
CA ALA A 82 19.25 10.60 -47.67
C ALA A 82 17.87 11.04 -48.12
N ASP A 83 17.25 10.22 -48.97
CA ASP A 83 15.86 10.40 -49.36
C ASP A 83 14.89 9.73 -48.41
N LEU A 84 15.31 8.63 -47.78
CA LEU A 84 14.49 7.91 -46.81
C LEU A 84 15.25 7.81 -45.50
N VAL A 85 14.58 8.13 -44.40
CA VAL A 85 15.18 8.11 -43.07
C VAL A 85 14.41 7.12 -42.21
N PHE A 86 15.07 6.04 -41.80
CA PHE A 86 14.51 5.08 -40.87
C PHE A 86 14.74 5.52 -39.44
N ILE A 87 13.74 5.34 -38.59
CA ILE A 87 13.84 5.59 -37.15
C ILE A 87 13.76 4.23 -36.47
N SER A 88 14.92 3.71 -36.06
CA SER A 88 15.02 2.39 -35.44
C SER A 88 15.54 2.48 -34.01
N VAL A 89 15.06 3.45 -33.26
CA VAL A 89 15.43 3.60 -31.86
C VAL A 89 14.45 2.82 -30.99
N ASN A 90 14.96 2.27 -29.89
CA ASN A 90 14.13 1.48 -28.99
C ASN A 90 13.19 2.39 -28.19
N THR A 91 11.96 1.90 -27.98
CA THR A 91 10.94 2.61 -27.21
C THR A 91 10.60 1.79 -25.97
N PRO A 92 11.33 1.98 -24.87
CA PRO A 92 11.11 1.14 -23.70
C PRO A 92 9.81 1.49 -22.99
N THR A 93 9.34 0.53 -22.20
CA THR A 93 8.14 0.76 -21.39
C THR A 93 8.45 1.77 -20.29
N LYS A 94 7.53 2.69 -20.08
CA LYS A 94 7.70 3.69 -19.04
C LYS A 94 7.71 3.02 -17.67
N THR A 95 8.62 3.49 -16.81
CA THR A 95 8.76 2.98 -15.45
C THR A 95 8.43 4.07 -14.43
N TYR A 96 7.57 5.00 -14.80
CA TYR A 96 7.28 6.19 -14.01
C TYR A 96 6.10 6.93 -14.63
N GLY A 97 5.44 7.75 -13.81
CA GLY A 97 4.40 8.65 -14.27
C GLY A 97 3.14 7.93 -14.72
N MET A 98 2.39 8.63 -15.58
CA MET A 98 1.13 8.13 -16.12
C MET A 98 1.41 7.01 -17.12
N GLY A 99 0.98 5.80 -16.81
CA GLY A 99 1.22 4.65 -17.65
C GLY A 99 2.41 3.81 -17.26
N LYS A 100 2.85 3.86 -16.00
CA LYS A 100 4.01 3.09 -15.57
C LYS A 100 3.77 1.59 -15.77
N GLY A 101 4.72 0.94 -16.44
CA GLY A 101 4.63 -0.49 -16.68
C GLY A 101 3.81 -0.91 -17.87
N ARG A 102 3.17 0.03 -18.56
CA ARG A 102 2.34 -0.31 -19.71
C ARG A 102 2.61 0.63 -20.87
N ALA A 103 2.55 1.93 -20.64
CA ALA A 103 2.77 2.91 -21.69
C ALA A 103 4.22 2.86 -22.17
N LEU A 104 4.42 3.26 -23.42
CA LEU A 104 5.74 3.36 -24.01
C LEU A 104 6.25 4.79 -23.91
N ASP A 105 7.57 4.93 -23.80
CA ASP A 105 8.23 6.23 -23.71
C ASP A 105 8.73 6.63 -25.09
N LEU A 106 8.32 7.81 -25.56
CA LEU A 106 8.67 8.30 -26.89
C LEU A 106 9.81 9.30 -26.86
N LYS A 107 10.61 9.33 -25.79
CA LYS A 107 11.68 10.32 -25.72
C LYS A 107 12.78 10.05 -26.74
N TYR A 108 13.05 8.78 -27.04
CA TYR A 108 14.05 8.45 -28.04
C TYR A 108 13.54 8.67 -29.46
N ILE A 109 12.23 8.67 -29.67
CA ILE A 109 11.67 9.03 -30.97
C ILE A 109 11.53 10.55 -31.06
N GLU A 110 11.22 11.22 -29.95
CA GLU A 110 11.14 12.67 -29.95
C GLU A 110 12.45 13.29 -30.44
N ALA A 111 13.58 12.75 -30.00
CA ALA A 111 14.87 13.31 -30.40
C ALA A 111 15.10 13.14 -31.89
N CYS A 112 14.78 11.97 -32.44
CA CYS A 112 15.00 11.72 -33.86
C CYS A 112 14.14 12.62 -34.72
N ALA A 113 12.87 12.79 -34.36
CA ALA A 113 11.98 13.63 -35.15
C ALA A 113 12.44 15.09 -35.16
N ARG A 114 12.97 15.57 -34.03
CA ARG A 114 13.44 16.96 -33.96
C ARG A 114 14.80 17.12 -34.62
N ARG A 115 15.61 16.06 -34.65
CA ARG A 115 16.90 16.13 -35.31
C ARG A 115 16.77 15.95 -36.82
N ILE A 116 15.76 15.20 -37.26
CA ILE A 116 15.51 15.06 -38.69
C ILE A 116 15.10 16.40 -39.29
N VAL A 117 14.07 17.04 -38.70
CA VAL A 117 13.57 18.30 -39.22
C VAL A 117 14.63 19.40 -39.17
N GLN A 118 15.68 19.21 -38.36
CA GLN A 118 16.73 20.22 -38.27
C GLN A 118 17.67 20.12 -39.46
N ASN A 119 18.26 18.94 -39.68
CA ASN A 119 19.23 18.71 -40.73
C ASN A 119 18.60 18.25 -42.04
N SER A 120 17.47 18.84 -42.43
CA SER A 120 16.76 18.40 -43.63
C SER A 120 16.18 19.60 -44.37
N ASN A 121 16.22 19.51 -45.70
CA ASN A 121 15.57 20.47 -46.59
C ASN A 121 15.03 19.71 -47.79
N GLY A 122 13.98 20.25 -48.40
CA GLY A 122 13.43 19.65 -49.60
C GLY A 122 12.44 18.53 -49.35
N TYR A 123 12.47 17.52 -50.21
CA TYR A 123 11.55 16.38 -50.12
C TYR A 123 12.30 15.19 -49.55
N LYS A 124 11.79 14.66 -48.43
CA LYS A 124 12.36 13.47 -47.80
C LYS A 124 11.25 12.62 -47.22
N ILE A 125 11.51 11.31 -47.11
CA ILE A 125 10.55 10.35 -46.60
C ILE A 125 11.06 9.85 -45.25
N VAL A 126 10.23 9.98 -44.22
CA VAL A 126 10.57 9.53 -42.87
C VAL A 126 9.71 8.32 -42.54
N THR A 127 10.35 7.19 -42.24
CA THR A 127 9.66 5.94 -41.98
C THR A 127 10.08 5.40 -40.62
N GLU A 128 9.09 5.12 -39.77
CA GLU A 128 9.33 4.55 -38.44
C GLU A 128 9.47 3.04 -38.54
N LYS A 129 10.63 2.52 -38.10
CA LYS A 129 10.93 1.09 -38.22
C LYS A 129 10.75 0.34 -36.91
N SER A 130 10.81 1.01 -35.77
CA SER A 130 10.73 0.34 -34.48
C SER A 130 9.27 0.16 -34.07
N THR A 131 9.07 -0.60 -32.98
CA THR A 131 7.75 -0.83 -32.42
C THR A 131 7.31 0.41 -31.66
N VAL A 132 6.37 1.15 -32.23
CA VAL A 132 5.91 2.41 -31.65
C VAL A 132 4.46 2.24 -31.21
N PRO A 133 3.97 3.07 -30.29
CA PRO A 133 2.53 3.04 -29.97
C PRO A 133 1.72 3.60 -31.11
N VAL A 134 0.43 3.27 -31.11
CA VAL A 134 -0.48 3.77 -32.13
C VAL A 134 -0.59 5.29 -32.03
N ARG A 135 -0.70 5.94 -33.19
CA ARG A 135 -0.78 7.39 -33.37
C ARG A 135 0.55 8.09 -33.09
N ALA A 136 1.65 7.35 -32.99
CA ALA A 136 2.95 7.97 -32.76
C ALA A 136 3.40 8.77 -33.98
N ALA A 137 3.01 8.35 -35.18
CA ALA A 137 3.36 9.10 -36.38
C ALA A 137 2.70 10.47 -36.40
N GLU A 138 1.55 10.61 -35.74
CA GLU A 138 0.95 11.93 -35.61
C GLU A 138 1.86 12.87 -34.82
N SER A 139 2.56 12.33 -33.83
CA SER A 139 3.49 13.14 -33.06
C SER A 139 4.67 13.59 -33.91
N ILE A 140 5.14 12.72 -34.81
CA ILE A 140 6.24 13.09 -35.70
C ILE A 140 5.77 14.12 -36.72
N ARG A 141 4.55 13.95 -37.24
CA ARG A 141 3.99 14.94 -38.15
C ARG A 141 3.77 16.28 -37.45
N ARG A 142 3.43 16.26 -36.16
CA ARG A 142 3.19 17.50 -35.44
C ARG A 142 4.48 18.29 -35.27
N ILE A 143 5.61 17.60 -35.07
CA ILE A 143 6.89 18.28 -34.96
C ILE A 143 7.30 18.84 -36.32
N PHE A 144 7.04 18.10 -37.39
CA PHE A 144 7.40 18.56 -38.73
C PHE A 144 6.57 19.76 -39.15
N ASP A 145 5.28 19.76 -38.81
CA ASP A 145 4.41 20.88 -39.19
C ASP A 145 4.75 22.14 -38.41
N ALA A 146 5.10 21.98 -37.13
CA ALA A 146 5.42 23.15 -36.31
C ALA A 146 6.77 23.74 -36.69
N ASN A 147 7.74 22.89 -37.02
CA ASN A 147 9.08 23.32 -37.41
C ASN A 147 9.28 23.32 -38.92
N THR A 148 8.28 23.79 -39.67
CA THR A 148 8.34 23.73 -41.12
C THR A 148 9.23 24.83 -41.69
N LYS A 149 9.97 24.50 -42.74
CA LYS A 149 10.80 25.42 -43.48
C LYS A 149 10.23 25.65 -44.88
N PRO A 150 10.59 26.73 -45.55
CA PRO A 150 10.17 26.90 -46.94
C PRO A 150 10.76 25.82 -47.83
N ASN A 151 9.93 25.29 -48.73
CA ASN A 151 10.33 24.22 -49.64
C ASN A 151 10.72 22.96 -48.88
N LEU A 152 9.96 22.63 -47.85
CA LEU A 152 10.17 21.42 -47.04
C LEU A 152 8.92 20.56 -47.12
N ASN A 153 9.07 19.35 -47.64
CA ASN A 153 7.96 18.41 -47.81
C ASN A 153 8.40 17.06 -47.24
N LEU A 154 8.18 16.87 -45.94
CA LEU A 154 8.53 15.62 -45.26
C LEU A 154 7.33 14.69 -45.24
N GLN A 155 7.54 13.46 -45.69
CA GLN A 155 6.51 12.44 -45.71
C GLN A 155 6.76 11.42 -44.61
N VAL A 156 5.71 11.07 -43.88
CA VAL A 156 5.80 10.17 -42.74
C VAL A 156 5.13 8.85 -43.10
N LEU A 157 5.86 7.75 -42.93
CA LEU A 157 5.36 6.41 -43.22
C LEU A 157 5.57 5.51 -42.01
N SER A 158 4.89 4.37 -42.02
CA SER A 158 5.04 3.32 -41.01
C SER A 158 5.44 2.02 -41.69
N ASN A 159 6.51 1.40 -41.22
CA ASN A 159 6.98 0.12 -41.76
C ASN A 159 7.57 -0.71 -40.63
N PRO A 160 6.73 -1.40 -39.87
CA PRO A 160 7.21 -2.13 -38.70
C PRO A 160 7.95 -3.40 -39.06
N GLU A 161 8.78 -3.85 -38.11
CA GLU A 161 9.54 -5.08 -38.24
C GLU A 161 8.74 -6.28 -37.74
N PHE A 162 9.18 -7.47 -38.17
CA PHE A 162 8.54 -8.70 -37.73
C PHE A 162 9.55 -9.83 -37.54
N LEU A 163 10.83 -9.51 -37.41
CA LEU A 163 11.85 -10.55 -37.27
C LEU A 163 11.95 -11.03 -35.82
N ALA A 164 12.41 -12.26 -35.66
CA ALA A 164 12.59 -12.89 -34.36
C ALA A 164 14.07 -13.09 -34.07
N GLU A 165 14.43 -13.05 -32.79
CA GLU A 165 15.82 -13.23 -32.38
C GLU A 165 16.29 -14.64 -32.66
N GLY A 166 16.92 -14.85 -33.81
CA GLY A 166 17.41 -16.17 -34.17
C GLY A 166 17.33 -16.43 -35.67
N THR A 167 16.28 -15.92 -36.30
CA THR A 167 16.07 -16.08 -37.73
C THR A 167 15.81 -14.72 -38.38
N ALA A 168 16.59 -13.71 -38.01
CA ALA A 168 16.36 -12.37 -38.53
C ALA A 168 16.63 -12.29 -40.02
N ILE A 169 17.77 -12.82 -40.46
CA ILE A 169 18.14 -12.75 -41.88
C ILE A 169 17.17 -13.55 -42.74
N LYS A 170 16.78 -14.74 -42.28
CA LYS A 170 15.83 -15.56 -43.04
C LYS A 170 14.47 -14.89 -43.14
N ASP A 171 14.03 -14.22 -42.06
CA ASP A 171 12.74 -13.54 -42.07
C ASP A 171 12.76 -12.29 -42.94
N LEU A 172 13.93 -11.73 -43.21
CA LEU A 172 14.02 -10.56 -44.08
C LEU A 172 14.12 -10.95 -45.56
N LYS A 173 14.80 -12.05 -45.87
CA LYS A 173 14.92 -12.48 -47.26
C LYS A 173 13.61 -13.05 -47.78
N ASN A 174 12.89 -13.81 -46.97
CA ASN A 174 11.60 -14.40 -47.35
C ASN A 174 10.59 -14.07 -46.27
N PRO A 175 10.09 -12.83 -46.24
CA PRO A 175 9.11 -12.46 -45.22
C PRO A 175 7.72 -12.96 -45.56
N ASP A 176 6.93 -13.21 -44.51
CA ASP A 176 5.52 -13.54 -44.71
C ASP A 176 4.78 -12.38 -45.34
N ARG A 177 5.10 -11.15 -44.93
CA ARG A 177 4.48 -9.97 -45.49
C ARG A 177 5.31 -8.75 -45.11
N VAL A 178 5.23 -7.72 -45.93
CA VAL A 178 5.89 -6.44 -45.67
C VAL A 178 4.79 -5.40 -45.48
N LEU A 179 4.77 -4.77 -44.32
CA LEU A 179 3.73 -3.82 -43.96
C LEU A 179 4.26 -2.41 -44.16
N ILE A 180 3.52 -1.61 -44.93
CA ILE A 180 3.87 -0.22 -45.18
C ILE A 180 2.59 0.60 -45.06
N GLY A 181 2.63 1.61 -44.20
CA GLY A 181 1.48 2.47 -43.96
C GLY A 181 1.80 3.93 -44.24
N GLY A 182 0.88 4.61 -44.91
CA GLY A 182 1.05 6.01 -45.24
C GLY A 182 -0.30 6.70 -45.35
N ASP A 183 -0.25 8.02 -45.44
CA ASP A 183 -1.47 8.80 -45.51
C ASP A 183 -2.21 8.54 -46.82
N GLU A 184 -3.54 8.72 -46.79
CA GLU A 184 -4.38 8.50 -47.96
C GLU A 184 -4.51 9.80 -48.76
N THR A 185 -3.37 10.34 -49.15
CA THR A 185 -3.26 11.56 -49.93
C THR A 185 -2.38 11.30 -51.14
N PRO A 186 -2.53 12.08 -52.22
CA PRO A 186 -1.66 11.88 -53.38
C PRO A 186 -0.19 12.04 -53.06
N GLU A 187 0.18 12.93 -52.14
CA GLU A 187 1.58 13.05 -51.76
C GLU A 187 2.03 11.83 -50.95
N GLY A 188 1.15 11.32 -50.07
CA GLY A 188 1.52 10.18 -49.26
C GLY A 188 1.65 8.90 -50.07
N GLN A 189 0.79 8.73 -51.07
CA GLN A 189 0.87 7.53 -51.92
C GLN A 189 2.18 7.49 -52.71
N ARG A 190 2.70 8.66 -53.10
CA ARG A 190 3.99 8.69 -53.78
C ARG A 190 5.10 8.17 -52.88
N ALA A 191 5.09 8.56 -51.60
CA ALA A 191 6.11 8.07 -50.68
C ALA A 191 5.94 6.58 -50.37
N VAL A 192 4.70 6.09 -50.33
CA VAL A 192 4.46 4.68 -50.07
C VAL A 192 5.02 3.83 -51.20
N GLN A 193 4.70 4.19 -52.44
CA GLN A 193 5.20 3.43 -53.59
C GLN A 193 6.72 3.50 -53.69
N ALA A 194 7.31 4.60 -53.22
CA ALA A 194 8.77 4.71 -53.20
C ALA A 194 9.37 3.68 -52.26
N LEU A 195 8.83 3.57 -51.05
CA LEU A 195 9.30 2.56 -50.12
C LEU A 195 8.93 1.15 -50.57
N CYS A 196 7.77 1.00 -51.21
CA CYS A 196 7.40 -0.30 -51.76
CA CYS A 196 7.39 -0.29 -51.77
C CYS A 196 8.37 -0.73 -52.85
N ALA A 197 8.86 0.21 -53.66
CA ALA A 197 9.79 -0.13 -54.72
C ALA A 197 11.12 -0.62 -54.19
N VAL A 198 11.48 -0.27 -52.95
CA VAL A 198 12.73 -0.75 -52.38
C VAL A 198 12.64 -2.24 -52.07
N TYR A 199 11.52 -2.67 -51.50
CA TYR A 199 11.35 -4.07 -51.16
C TYR A 199 11.06 -4.94 -52.38
N GLU A 200 10.60 -4.35 -53.49
CA GLU A 200 10.36 -5.13 -54.70
C GLU A 200 11.64 -5.66 -55.32
N HIS A 201 12.81 -5.25 -54.82
CA HIS A 201 14.07 -5.80 -55.30
C HIS A 201 14.25 -7.26 -54.91
N TRP A 202 13.55 -7.73 -53.87
CA TRP A 202 13.68 -9.13 -53.49
C TRP A 202 12.41 -9.69 -52.86
N VAL A 203 11.34 -8.90 -52.70
CA VAL A 203 10.09 -9.36 -52.10
C VAL A 203 9.01 -9.29 -53.18
N PRO A 204 8.23 -10.34 -53.39
CA PRO A 204 7.14 -10.26 -54.37
C PRO A 204 6.12 -9.22 -53.96
N ARG A 205 5.50 -8.61 -54.94
CA ARG A 205 4.55 -7.53 -54.67
C ARG A 205 3.31 -8.03 -53.94
N GLU A 206 2.96 -9.28 -54.11
CA GLU A 206 1.79 -9.80 -53.40
C GLU A 206 1.99 -9.79 -51.90
N LYS A 207 3.23 -10.01 -51.44
CA LYS A 207 3.53 -10.04 -50.01
C LYS A 207 3.93 -8.67 -49.46
N ILE A 208 3.51 -7.60 -50.13
CA ILE A 208 3.74 -6.23 -49.66
C ILE A 208 2.38 -5.57 -49.55
N LEU A 209 1.96 -5.27 -48.33
CA LEU A 209 0.65 -4.70 -48.06
C LEU A 209 0.77 -3.21 -47.75
N THR A 210 -0.07 -2.42 -48.40
CA THR A 210 -0.08 -0.97 -48.22
C THR A 210 -1.37 -0.59 -47.50
N THR A 211 -1.23 -0.03 -46.31
CA THR A 211 -2.36 0.41 -45.49
C THR A 211 -2.17 1.86 -45.08
N ASN A 212 -3.04 2.37 -44.21
CA ASN A 212 -2.83 3.71 -43.69
C ASN A 212 -1.84 3.65 -42.52
N THR A 213 -1.40 4.84 -42.09
CA THR A 213 -0.38 4.91 -41.05
C THR A 213 -0.86 4.26 -39.77
N TRP A 214 -2.13 4.44 -39.44
CA TRP A 214 -2.67 3.94 -38.18
C TRP A 214 -2.88 2.44 -38.21
N SER A 215 -3.30 1.90 -39.36
CA SER A 215 -3.46 0.45 -39.48
C SER A 215 -2.12 -0.27 -39.39
N SER A 216 -1.03 0.37 -39.81
CA SER A 216 0.28 -0.27 -39.76
C SER A 216 0.82 -0.31 -38.33
N GLU A 217 0.62 0.77 -37.55
CA GLU A 217 1.06 0.77 -36.16
C GLU A 217 0.25 -0.22 -35.34
N LEU A 218 -1.06 -0.26 -35.57
CA LEU A 218 -1.92 -1.15 -34.79
C LEU A 218 -1.70 -2.61 -35.13
N SER A 219 -1.34 -2.90 -36.39
CA SER A 219 -1.14 -4.29 -36.80
C SER A 219 0.04 -4.92 -36.08
N LYS A 220 1.10 -4.15 -35.85
CA LYS A 220 2.27 -4.69 -35.18
C LYS A 220 1.94 -5.11 -33.74
N LEU A 221 1.21 -4.26 -33.01
CA LEU A 221 0.83 -4.61 -31.64
C LEU A 221 -0.16 -5.78 -31.62
N ALA A 222 -1.16 -5.74 -32.50
CA ALA A 222 -2.19 -6.78 -32.50
C ALA A 222 -1.63 -8.14 -32.89
N ALA A 223 -0.62 -8.17 -33.77
CA ALA A 223 -0.06 -9.45 -34.20
C ALA A 223 0.57 -10.19 -33.02
N ASN A 224 1.27 -9.48 -32.14
CA ASN A 224 1.86 -10.14 -30.99
C ASN A 224 0.81 -10.50 -29.95
N ALA A 225 -0.30 -9.77 -29.89
CA ALA A 225 -1.36 -10.12 -28.95
C ALA A 225 -2.10 -11.38 -29.40
N PHE A 226 -2.37 -11.50 -30.69
CA PHE A 226 -3.00 -12.72 -31.20
C PHE A 226 -2.14 -13.95 -30.94
N LEU A 227 -0.82 -13.81 -31.14
CA LEU A 227 0.08 -14.92 -30.84
C LEU A 227 0.06 -15.25 -29.36
N ALA A 228 0.15 -14.22 -28.50
CA ALA A 228 0.12 -14.45 -27.06
C ALA A 228 -1.21 -15.03 -26.60
N GLN A 229 -2.32 -14.61 -27.23
CA GLN A 229 -3.62 -15.12 -26.83
C GLN A 229 -3.73 -16.62 -27.09
N ARG A 230 -3.07 -17.12 -28.13
CA ARG A 230 -3.10 -18.55 -28.41
C ARG A 230 -2.41 -19.34 -27.31
N ILE A 231 -1.30 -18.82 -26.78
CA ILE A 231 -0.60 -19.53 -25.72
C ILE A 231 -1.40 -19.49 -24.43
N SER A 232 -1.96 -18.32 -24.09
CA SER A 232 -2.77 -18.22 -22.89
C SER A 232 -4.04 -19.05 -23.00
N SER A 233 -4.60 -19.16 -24.21
CA SER A 233 -5.80 -19.98 -24.39
C SER A 233 -5.50 -21.45 -24.16
N ILE A 234 -4.41 -21.95 -24.75
CA ILE A 234 -4.05 -23.35 -24.54
C ILE A 234 -3.53 -23.58 -23.12
N ASN A 235 -3.00 -22.54 -22.48
CA ASN A 235 -2.61 -22.69 -21.08
C ASN A 235 -3.82 -22.79 -20.17
N SER A 236 -4.88 -22.01 -20.47
CA SER A 236 -6.11 -22.14 -19.71
C SER A 236 -6.70 -23.53 -19.85
N ILE A 237 -6.53 -24.14 -21.02
CA ILE A 237 -6.98 -25.52 -21.22
C ILE A 237 -6.11 -26.48 -20.42
N SER A 238 -4.82 -26.19 -20.29
CA SER A 238 -3.95 -27.06 -19.50
C SER A 238 -4.42 -27.15 -18.06
N ALA A 239 -4.80 -26.02 -17.47
CA ALA A 239 -5.36 -26.05 -16.12
C ALA A 239 -6.65 -26.85 -16.06
N LEU A 240 -7.44 -26.81 -17.14
CA LEU A 240 -8.68 -27.58 -17.19
C LEU A 240 -8.41 -29.07 -17.42
N CYS A 241 -7.35 -29.40 -18.15
CA CYS A 241 -6.99 -30.81 -18.34
C CYS A 241 -6.58 -31.46 -17.03
N GLU A 242 -5.84 -30.73 -16.19
CA GLU A 242 -5.40 -31.27 -14.91
C GLU A 242 -6.56 -31.57 -13.97
N ALA A 243 -7.73 -30.98 -14.20
CA ALA A 243 -8.89 -31.20 -13.36
C ALA A 243 -9.88 -32.20 -13.95
N THR A 244 -9.82 -32.46 -15.25
CA THR A 244 -10.73 -33.41 -15.89
C THR A 244 -10.08 -34.75 -16.20
N GLY A 245 -8.75 -34.82 -16.22
CA GLY A 245 -8.04 -36.01 -16.66
C GLY A 245 -7.63 -35.98 -18.11
N ALA A 246 -8.04 -34.97 -18.88
CA ALA A 246 -7.61 -34.84 -20.26
C ALA A 246 -6.13 -34.48 -20.32
N ASP A 247 -5.60 -34.45 -21.54
CA ASP A 247 -4.21 -34.10 -21.80
C ASP A 247 -4.17 -32.92 -22.76
N VAL A 248 -3.38 -31.90 -22.41
CA VAL A 248 -3.38 -30.67 -23.20
C VAL A 248 -2.71 -30.88 -24.55
N GLU A 249 -1.69 -31.74 -24.62
CA GLU A 249 -1.04 -32.01 -25.91
C GLU A 249 -1.97 -32.74 -26.87
N GLU A 250 -2.86 -33.58 -26.35
CA GLU A 250 -3.83 -34.25 -27.21
C GLU A 250 -4.90 -33.26 -27.69
N VAL A 251 -5.32 -32.35 -26.81
CA VAL A 251 -6.32 -31.36 -27.20
C VAL A 251 -5.73 -30.34 -28.17
N ALA A 252 -4.48 -29.93 -27.94
CA ALA A 252 -3.84 -28.97 -28.85
C ALA A 252 -3.67 -29.57 -30.24
N THR A 253 -3.40 -30.87 -30.32
CA THR A 253 -3.30 -31.51 -31.63
C THR A 253 -4.64 -31.53 -32.34
N ALA A 254 -5.71 -31.88 -31.61
CA ALA A 254 -7.04 -31.94 -32.22
C ALA A 254 -7.51 -30.56 -32.67
N ILE A 255 -7.14 -29.50 -31.93
CA ILE A 255 -7.49 -28.15 -32.33
C ILE A 255 -6.66 -27.73 -33.55
N GLY A 256 -5.36 -28.06 -33.54
CA GLY A 256 -4.47 -27.62 -34.60
C GLY A 256 -4.77 -28.19 -35.97
N MET A 257 -5.41 -29.36 -36.03
CA MET A 257 -5.74 -29.97 -37.31
C MET A 257 -6.92 -29.31 -38.01
N ASP A 258 -7.57 -28.35 -37.37
CA ASP A 258 -8.57 -27.51 -38.03
C ASP A 258 -7.85 -26.47 -38.87
N GLN A 259 -8.11 -26.48 -40.18
CA GLN A 259 -7.40 -25.58 -41.09
C GLN A 259 -7.67 -24.11 -40.76
N ARG A 260 -8.83 -23.82 -40.16
CA ARG A 260 -9.18 -22.46 -39.80
C ARG A 260 -8.44 -21.97 -38.55
N ILE A 261 -7.93 -22.88 -37.72
CA ILE A 261 -7.26 -22.52 -36.48
C ILE A 261 -5.75 -22.57 -36.62
N GLY A 262 -5.23 -23.59 -37.31
CA GLY A 262 -3.80 -23.78 -37.43
C GLY A 262 -3.20 -24.46 -36.22
N ASN A 263 -2.00 -25.02 -36.43
CA ASN A 263 -1.31 -25.79 -35.40
C ASN A 263 -0.11 -25.06 -34.81
N LYS A 264 0.12 -23.81 -35.20
CA LYS A 264 1.24 -23.05 -34.67
C LYS A 264 0.84 -22.32 -33.39
N PHE A 265 1.81 -22.17 -32.48
CA PHE A 265 1.62 -21.47 -31.22
C PHE A 265 0.51 -22.10 -30.38
N LEU A 266 0.61 -23.42 -30.21
CA LEU A 266 -0.32 -24.17 -29.36
C LEU A 266 0.44 -25.04 -28.35
N LYS A 267 1.69 -24.70 -28.06
CA LYS A 267 2.50 -25.45 -27.11
C LYS A 267 2.25 -24.89 -25.71
N ALA A 268 1.57 -25.67 -24.87
CA ALA A 268 1.37 -25.26 -23.49
C ALA A 268 2.71 -25.18 -22.77
N SER A 269 2.79 -24.27 -21.80
CA SER A 269 4.05 -24.04 -21.10
C SER A 269 3.74 -23.43 -19.74
N VAL A 270 4.79 -23.23 -18.95
CA VAL A 270 4.67 -22.53 -17.67
C VAL A 270 4.34 -21.05 -17.89
N GLY A 271 4.52 -20.54 -19.10
CA GLY A 271 4.20 -19.16 -19.40
C GLY A 271 5.13 -18.58 -20.46
N PHE A 272 4.60 -17.74 -21.34
CA PHE A 272 5.43 -17.16 -22.39
C PHE A 272 6.32 -16.06 -21.83
N GLY A 273 7.47 -15.89 -22.47
CA GLY A 273 8.41 -14.85 -22.07
C GLY A 273 8.81 -13.95 -23.22
N GLY A 274 9.95 -13.28 -23.09
CA GLY A 274 10.42 -12.39 -24.13
C GLY A 274 10.02 -10.95 -23.88
N SER A 275 10.68 -10.05 -24.60
CA SER A 275 10.49 -8.60 -24.45
C SER A 275 9.46 -8.04 -25.43
N CYS A 276 8.64 -8.88 -26.03
CA CYS A 276 7.67 -8.44 -27.03
C CYS A 276 6.24 -8.79 -26.68
N PHE A 277 6.00 -9.97 -26.12
CA PHE A 277 4.63 -10.41 -25.88
C PHE A 277 3.95 -9.56 -24.81
N GLN A 278 4.45 -9.63 -23.57
CA GLN A 278 3.83 -8.87 -22.49
C GLN A 278 3.93 -7.37 -22.73
N LYS A 279 5.02 -6.92 -23.34
CA LYS A 279 5.20 -5.49 -23.60
C LYS A 279 4.13 -4.95 -24.53
N ASP A 280 3.84 -5.68 -25.61
CA ASP A 280 2.88 -5.19 -26.59
C ASP A 280 1.44 -5.37 -26.13
N VAL A 281 1.15 -6.44 -25.39
CA VAL A 281 -0.20 -6.63 -24.88
C VAL A 281 -0.53 -5.59 -23.81
N LEU A 282 0.40 -5.37 -22.87
CA LEU A 282 0.16 -4.36 -21.84
C LEU A 282 0.08 -2.96 -22.45
N ASN A 283 0.85 -2.69 -23.50
CA ASN A 283 0.71 -1.41 -24.18
C ASN A 283 -0.62 -1.32 -24.92
N LEU A 284 -1.09 -2.44 -25.46
CA LEU A 284 -2.39 -2.46 -26.11
C LEU A 284 -3.51 -2.19 -25.11
N VAL A 285 -3.39 -2.74 -23.90
CA VAL A 285 -4.40 -2.50 -22.87
C VAL A 285 -4.40 -1.04 -22.45
N TYR A 286 -3.21 -0.46 -22.28
CA TYR A 286 -3.14 0.96 -21.91
C TYR A 286 -3.73 1.84 -23.00
N LEU A 287 -3.52 1.47 -24.26
CA LEU A 287 -4.09 2.25 -25.35
C LEU A 287 -5.60 2.27 -25.28
N CYS A 288 -6.23 1.13 -24.97
CA CYS A 288 -7.68 1.06 -24.93
C CYS A 288 -8.25 1.85 -23.76
N GLU A 289 -7.57 1.83 -22.61
CA GLU A 289 -8.06 2.62 -21.48
C GLU A 289 -8.00 4.11 -21.80
N ALA A 290 -6.96 4.54 -22.49
CA ALA A 290 -6.83 5.95 -22.84
C ALA A 290 -7.85 6.39 -23.89
N LEU A 291 -8.41 5.46 -24.64
CA LEU A 291 -9.40 5.77 -25.66
C LEU A 291 -10.83 5.45 -25.21
N ASN A 292 -11.05 5.32 -23.90
CA ASN A 292 -12.36 5.03 -23.33
C ASN A 292 -12.95 3.75 -23.90
N LEU A 293 -12.12 2.71 -23.97
CA LEU A 293 -12.55 1.38 -24.43
C LEU A 293 -12.22 0.36 -23.35
N PRO A 294 -12.88 0.44 -22.20
CA PRO A 294 -12.55 -0.50 -21.11
C PRO A 294 -12.92 -1.93 -21.44
N GLU A 295 -13.97 -2.15 -22.23
CA GLU A 295 -14.32 -3.52 -22.60
C GLU A 295 -13.20 -4.19 -23.37
N VAL A 296 -12.58 -3.46 -24.30
CA VAL A 296 -11.46 -4.04 -25.06
C VAL A 296 -10.25 -4.21 -24.16
N ALA A 297 -10.03 -3.27 -23.24
CA ALA A 297 -8.87 -3.33 -22.35
C ALA A 297 -8.92 -4.58 -21.47
N ARG A 298 -10.04 -4.80 -20.79
CA ARG A 298 -10.13 -5.98 -19.92
C ARG A 298 -10.23 -7.26 -20.73
N TYR A 299 -10.57 -7.18 -22.01
CA TYR A 299 -10.53 -8.35 -22.87
C TYR A 299 -9.10 -8.81 -23.08
N TRP A 300 -8.21 -7.91 -23.50
CA TRP A 300 -6.82 -8.26 -23.74
C TRP A 300 -6.02 -8.45 -22.46
N GLN A 301 -6.46 -7.85 -21.35
CA GLN A 301 -5.77 -8.06 -20.08
C GLN A 301 -5.82 -9.53 -19.66
N GLN A 302 -6.85 -10.25 -20.09
CA GLN A 302 -6.97 -11.67 -19.74
C GLN A 302 -5.82 -12.51 -20.29
N VAL A 303 -5.16 -12.05 -21.36
CA VAL A 303 -3.98 -12.76 -21.86
C VAL A 303 -2.84 -12.67 -20.84
N ILE A 304 -2.72 -11.53 -20.16
CA ILE A 304 -1.69 -11.36 -19.16
C ILE A 304 -2.06 -12.07 -17.86
N ASP A 305 -3.33 -11.93 -17.44
CA ASP A 305 -3.75 -12.56 -16.19
C ASP A 305 -3.63 -14.08 -16.27
N MET A 306 -3.98 -14.66 -17.41
CA MET A 306 -3.86 -16.10 -17.57
C MET A 306 -2.40 -16.53 -17.53
N ASN A 307 -1.51 -15.71 -18.12
CA ASN A 307 -0.08 -16.03 -18.09
C ASN A 307 0.47 -15.91 -16.67
N ASP A 308 0.03 -14.91 -15.92
CA ASP A 308 0.44 -14.80 -14.53
C ASP A 308 -0.16 -15.93 -13.69
N TYR A 309 -1.40 -16.31 -14.00
CA TYR A 309 -2.02 -17.44 -13.30
C TYR A 309 -1.28 -18.73 -13.58
N GLN A 310 -0.81 -18.91 -14.83
CA GLN A 310 -0.10 -20.12 -15.19
C GLN A 310 1.21 -20.26 -14.42
N ARG A 311 1.94 -19.16 -14.24
CA ARG A 311 3.19 -19.20 -13.50
C ARG A 311 2.94 -19.45 -12.01
N ARG A 312 2.02 -18.67 -11.41
CA ARG A 312 1.76 -18.80 -9.98
C ARG A 312 1.18 -20.16 -9.64
N ARG A 313 0.34 -20.72 -10.53
CA ARG A 313 -0.23 -22.04 -10.28
C ARG A 313 0.85 -23.11 -10.28
N PHE A 314 1.82 -23.00 -11.19
CA PHE A 314 2.90 -23.97 -11.24
C PHE A 314 3.75 -23.93 -9.98
N ALA A 315 4.04 -22.72 -9.48
CA ALA A 315 4.82 -22.60 -8.26
C ALA A 315 4.07 -23.13 -7.05
N SER A 316 2.74 -22.99 -7.03
CA SER A 316 1.97 -23.51 -5.91
C SER A 316 1.94 -25.04 -5.88
N ARG A 317 1.95 -25.68 -7.06
CA ARG A 317 2.00 -27.13 -7.09
C ARG A 317 3.29 -27.65 -6.47
N ILE A 318 4.40 -26.96 -6.70
CA ILE A 318 5.67 -27.38 -6.12
C ILE A 318 5.63 -27.26 -4.61
N ILE A 319 5.10 -26.15 -4.09
CA ILE A 319 5.07 -25.93 -2.64
C ILE A 319 4.10 -26.91 -1.98
N ASP A 320 2.93 -27.13 -2.57
CA ASP A 320 1.97 -28.04 -1.97
C ASP A 320 2.50 -29.47 -1.96
N SER A 321 3.24 -29.86 -3.00
CA SER A 321 3.80 -31.20 -3.02
C SER A 321 4.89 -31.37 -1.96
N LEU A 322 5.63 -30.30 -1.66
CA LEU A 322 6.64 -30.31 -0.61
C LEU A 322 6.08 -30.00 0.76
N PHE A 323 4.84 -30.40 1.02
CA PHE A 323 4.21 -30.30 2.34
C PHE A 323 4.06 -28.84 2.79
N ASN A 324 3.93 -27.92 1.82
CA ASN A 324 3.69 -26.50 2.09
C ASN A 324 4.79 -25.89 2.96
N THR A 325 6.01 -26.43 2.88
CA THR A 325 7.15 -25.84 3.57
C THR A 325 8.39 -26.12 2.74
N VAL A 326 9.09 -25.05 2.34
CA VAL A 326 10.26 -25.17 1.49
C VAL A 326 11.43 -24.44 2.15
N THR A 327 11.29 -24.12 3.43
CA THR A 327 12.35 -23.41 4.14
C THR A 327 13.58 -24.28 4.24
N ASP A 328 14.71 -23.75 3.75
CA ASP A 328 16.01 -24.43 3.79
C ASP A 328 15.98 -25.75 3.04
N LYS A 329 15.12 -25.87 2.04
CA LYS A 329 15.08 -27.04 1.17
C LYS A 329 15.81 -26.74 -0.14
N LYS A 330 16.58 -27.71 -0.60
CA LYS A 330 17.35 -27.57 -1.84
C LYS A 330 16.47 -27.93 -3.02
N ILE A 331 16.32 -26.99 -3.97
CA ILE A 331 15.52 -27.20 -5.17
C ILE A 331 16.40 -26.91 -6.38
N ALA A 332 16.40 -27.83 -7.34
CA ALA A 332 17.15 -27.66 -8.57
C ALA A 332 16.25 -27.00 -9.62
N ILE A 333 16.69 -25.86 -10.14
CA ILE A 333 15.97 -25.13 -11.18
C ILE A 333 16.73 -25.33 -12.49
N LEU A 334 16.19 -26.15 -13.38
CA LEU A 334 16.81 -26.47 -14.65
C LEU A 334 16.19 -25.59 -15.73
N GLY A 335 16.98 -24.65 -16.26
CA GLY A 335 16.51 -23.78 -17.32
C GLY A 335 16.11 -22.41 -16.84
N PHE A 336 16.70 -21.37 -17.42
CA PHE A 336 16.42 -20.00 -17.01
C PHE A 336 16.01 -19.07 -18.14
N ALA A 337 16.38 -19.34 -19.39
CA ALA A 337 15.98 -18.50 -20.50
C ALA A 337 14.48 -18.63 -20.75
N PHE A 338 13.91 -17.61 -21.39
CA PHE A 338 12.46 -17.61 -21.64
C PHE A 338 12.06 -18.65 -22.69
N LYS A 339 13.02 -19.15 -23.46
CA LYS A 339 12.78 -20.24 -24.39
C LYS A 339 14.11 -20.98 -24.60
N LYS A 340 14.07 -22.05 -25.37
CA LYS A 340 15.27 -22.84 -25.59
C LYS A 340 16.13 -22.22 -26.69
N ASP A 341 17.39 -22.64 -26.72
CA ASP A 341 18.35 -22.25 -27.76
C ASP A 341 18.55 -20.74 -27.79
N THR A 342 18.74 -20.14 -26.61
CA THR A 342 18.99 -18.71 -26.48
C THR A 342 19.54 -18.43 -25.09
N GLY A 343 20.06 -17.22 -24.91
CA GLY A 343 20.57 -16.80 -23.63
C GLY A 343 19.79 -15.62 -23.07
N ASP A 344 18.71 -15.26 -23.75
CA ASP A 344 17.87 -14.13 -23.33
C ASP A 344 16.98 -14.57 -22.18
N THR A 345 16.96 -13.77 -21.10
CA THR A 345 16.14 -14.06 -19.94
C THR A 345 15.19 -12.90 -19.63
N ARG A 346 14.77 -12.17 -20.64
CA ARG A 346 13.84 -11.06 -20.44
C ARG A 346 12.44 -11.61 -20.29
N GLU A 347 11.81 -11.30 -19.15
CA GLU A 347 10.47 -11.77 -18.82
C GLU A 347 10.36 -13.30 -18.85
N SER A 348 11.46 -13.97 -18.50
CA SER A 348 11.46 -15.43 -18.49
C SER A 348 10.63 -15.94 -17.33
N SER A 349 9.86 -16.99 -17.59
CA SER A 349 9.03 -17.57 -16.54
C SER A 349 9.86 -18.15 -15.40
N SER A 350 11.13 -18.49 -15.65
CA SER A 350 11.97 -19.01 -14.58
C SER A 350 12.24 -17.96 -13.51
N ILE A 351 12.17 -16.68 -13.87
CA ILE A 351 12.41 -15.63 -12.88
C ILE A 351 11.30 -15.60 -11.84
N TYR A 352 10.04 -15.75 -12.27
CA TYR A 352 8.91 -15.66 -11.36
C TYR A 352 8.78 -16.93 -10.53
N ILE A 353 8.99 -18.10 -11.14
CA ILE A 353 8.98 -19.34 -10.38
C ILE A 353 10.06 -19.33 -9.30
N SER A 354 11.23 -18.77 -9.63
CA SER A 354 12.30 -18.67 -8.65
C SER A 354 11.92 -17.74 -7.50
N LYS A 355 11.39 -16.55 -7.82
CA LYS A 355 11.02 -15.62 -6.76
C LYS A 355 9.89 -16.15 -5.92
N TYR A 356 8.96 -16.91 -6.52
CA TYR A 356 7.90 -17.53 -5.74
C TYR A 356 8.47 -18.54 -4.75
N LEU A 357 9.47 -19.31 -5.17
CA LEU A 357 10.13 -20.25 -4.26
C LEU A 357 11.07 -19.55 -3.29
N MET A 358 11.65 -18.42 -3.69
CA MET A 358 12.50 -17.66 -2.78
C MET A 358 11.71 -17.03 -1.65
N ASP A 359 10.45 -16.68 -1.89
CA ASP A 359 9.60 -16.14 -0.83
C ASP A 359 9.26 -17.20 0.22
N GLU A 360 9.51 -18.47 -0.05
CA GLU A 360 9.34 -19.53 0.92
C GLU A 360 10.62 -19.87 1.67
N GLY A 361 11.71 -19.15 1.40
CA GLY A 361 12.99 -19.43 2.04
C GLY A 361 13.65 -20.68 1.52
N ALA A 362 13.57 -20.94 0.22
CA ALA A 362 14.14 -22.14 -0.38
C ALA A 362 15.57 -21.90 -0.84
N HIS A 363 16.32 -22.99 -0.95
CA HIS A 363 17.70 -22.95 -1.46
C HIS A 363 17.65 -23.41 -2.91
N LEU A 364 17.68 -22.45 -3.82
CA LEU A 364 17.58 -22.74 -5.25
C LEU A 364 18.97 -22.95 -5.84
N HIS A 365 19.12 -24.02 -6.61
CA HIS A 365 20.34 -24.29 -7.36
C HIS A 365 19.99 -24.24 -8.84
N ILE A 366 20.35 -23.13 -9.49
CA ILE A 366 19.92 -22.82 -10.85
C ILE A 366 21.00 -23.26 -11.82
N TYR A 367 20.57 -23.86 -12.94
CA TYR A 367 21.47 -24.24 -14.02
C TYR A 367 20.83 -23.92 -15.36
N ASP A 368 21.65 -23.38 -16.27
CA ASP A 368 21.24 -23.11 -17.64
C ASP A 368 22.51 -23.19 -18.48
N PRO A 369 22.49 -23.93 -19.60
CA PRO A 369 23.73 -24.14 -20.36
C PRO A 369 24.24 -22.89 -21.05
N LYS A 370 23.39 -21.91 -21.36
CA LYS A 370 23.81 -20.74 -22.11
C LYS A 370 23.70 -19.43 -21.34
N VAL A 371 22.81 -19.33 -20.37
CA VAL A 371 22.63 -18.07 -19.63
C VAL A 371 23.86 -17.82 -18.76
N PRO A 372 24.49 -16.65 -18.85
CA PRO A 372 25.68 -16.38 -18.02
C PRO A 372 25.33 -16.33 -16.54
N ARG A 373 26.37 -16.50 -15.72
CA ARG A 373 26.16 -16.55 -14.27
C ARG A 373 25.77 -15.18 -13.71
N GLU A 374 26.28 -14.10 -14.28
CA GLU A 374 25.98 -12.77 -13.77
C GLU A 374 24.56 -12.32 -14.12
N GLN A 375 23.99 -12.86 -15.20
CA GLN A 375 22.63 -12.45 -15.57
C GLN A 375 21.60 -12.98 -14.58
N ILE A 376 21.82 -14.17 -14.04
CA ILE A 376 20.88 -14.76 -13.09
C ILE A 376 20.83 -13.94 -11.80
N VAL A 377 21.99 -13.46 -11.35
CA VAL A 377 22.03 -12.70 -10.10
C VAL A 377 21.33 -11.36 -10.24
N VAL A 378 21.41 -10.74 -11.43
CA VAL A 378 20.77 -9.44 -11.61
C VAL A 378 19.26 -9.57 -11.68
N ASP A 379 18.78 -10.59 -12.40
CA ASP A 379 17.33 -10.77 -12.57
C ASP A 379 16.64 -11.17 -11.28
N LEU A 380 17.38 -11.69 -10.29
CA LEU A 380 16.79 -12.14 -9.03
C LEU A 380 16.90 -11.10 -7.92
N SER A 381 17.41 -9.92 -8.20
CA SER A 381 17.54 -8.87 -7.20
C SER A 381 16.36 -7.91 -7.29
N HIS A 382 16.39 -6.89 -6.43
CA HIS A 382 15.31 -5.91 -6.37
C HIS A 382 15.38 -4.94 -7.56
N ASP A 389 21.40 -9.18 -0.07
CA ASP A 389 20.22 -9.16 0.78
C ASP A 389 19.50 -10.50 0.74
N GLN A 390 18.72 -10.72 -0.31
CA GLN A 390 17.93 -11.94 -0.47
C GLN A 390 18.57 -12.95 -1.42
N VAL A 391 19.30 -12.47 -2.44
CA VAL A 391 19.91 -13.37 -3.42
C VAL A 391 21.07 -14.14 -2.78
N SER A 392 21.83 -13.49 -1.91
CA SER A 392 23.02 -14.12 -1.34
C SER A 392 22.66 -15.32 -0.46
N ARG A 393 21.58 -15.20 0.31
CA ARG A 393 21.24 -16.24 1.27
C ARG A 393 20.62 -17.48 0.64
N LEU A 394 19.98 -17.35 -0.53
CA LEU A 394 19.15 -18.41 -1.07
C LEU A 394 19.54 -18.93 -2.45
N VAL A 395 20.30 -18.16 -3.24
CA VAL A 395 20.57 -18.50 -4.63
C VAL A 395 21.96 -19.07 -4.76
N THR A 396 22.08 -20.21 -5.44
CA THR A 396 23.35 -20.81 -5.80
C THR A 396 23.27 -21.25 -7.25
N ILE A 397 24.28 -20.91 -8.04
CA ILE A 397 24.29 -21.20 -9.47
C ILE A 397 25.24 -22.36 -9.73
N SER A 398 24.69 -23.47 -10.22
CA SER A 398 25.46 -24.67 -10.49
C SER A 398 25.95 -24.69 -11.95
N LYS A 399 27.13 -25.25 -12.15
CA LYS A 399 27.71 -25.37 -13.48
C LYS A 399 27.18 -26.55 -14.27
N ASP A 400 26.54 -27.51 -13.61
CA ASP A 400 25.98 -28.68 -14.26
C ASP A 400 24.72 -29.09 -13.52
N PRO A 401 23.83 -29.86 -14.15
CA PRO A 401 22.59 -30.25 -13.47
C PRO A 401 22.81 -31.11 -12.23
N TYR A 402 23.74 -32.06 -12.29
CA TYR A 402 23.92 -32.99 -11.16
C TYR A 402 24.37 -32.27 -9.91
N GLU A 403 25.18 -31.22 -10.03
CA GLU A 403 25.56 -30.44 -8.86
C GLU A 403 24.35 -29.73 -8.24
N ALA A 404 23.37 -29.35 -9.07
CA ALA A 404 22.15 -28.74 -8.55
C ALA A 404 21.21 -29.76 -7.92
N CYS A 405 21.30 -31.03 -8.29
CA CYS A 405 20.44 -32.07 -7.77
C CYS A 405 21.13 -32.94 -6.71
N ASP A 406 22.20 -32.43 -6.09
CA ASP A 406 22.93 -33.17 -5.07
C ASP A 406 22.32 -32.83 -3.72
N GLY A 407 21.40 -33.68 -3.25
CA GLY A 407 20.69 -33.41 -2.01
C GLY A 407 19.50 -32.50 -2.17
N ALA A 408 18.85 -32.52 -3.32
CA ALA A 408 17.70 -31.67 -3.60
C ALA A 408 16.40 -32.46 -3.40
N HIS A 409 15.35 -31.74 -3.01
CA HIS A 409 14.05 -32.37 -2.79
C HIS A 409 13.27 -32.53 -4.09
N ALA A 410 13.43 -31.61 -5.03
CA ALA A 410 12.66 -31.64 -6.27
C ALA A 410 13.49 -31.08 -7.40
N VAL A 411 13.14 -31.47 -8.62
CA VAL A 411 13.76 -31.00 -9.84
C VAL A 411 12.70 -30.27 -10.66
N VAL A 412 12.97 -29.02 -10.99
CA VAL A 412 12.01 -28.17 -11.73
C VAL A 412 12.61 -27.85 -13.09
N ILE A 413 11.86 -28.17 -14.15
CA ILE A 413 12.28 -27.90 -15.52
C ILE A 413 11.44 -26.73 -16.05
N CYS A 414 12.08 -25.59 -16.27
CA CYS A 414 11.37 -24.39 -16.70
C CYS A 414 11.67 -23.98 -18.14
N THR A 415 12.66 -24.59 -18.80
CA THR A 415 13.01 -24.26 -20.17
C THR A 415 13.19 -25.53 -20.97
N GLU A 416 12.62 -25.55 -22.18
CA GLU A 416 12.56 -26.76 -23.01
C GLU A 416 13.89 -27.13 -23.66
N TRP A 417 15.00 -27.04 -22.91
CA TRP A 417 16.30 -27.44 -23.43
C TRP A 417 16.30 -28.93 -23.76
N ASP A 418 16.83 -29.27 -24.95
CA ASP A 418 16.85 -30.66 -25.39
C ASP A 418 17.73 -31.54 -24.51
N MET A 419 18.71 -30.96 -23.82
CA MET A 419 19.62 -31.75 -23.01
C MET A 419 18.94 -32.29 -21.76
N PHE A 420 17.91 -31.60 -21.26
CA PHE A 420 17.21 -32.08 -20.06
C PHE A 420 16.47 -33.39 -20.31
N LYS A 421 16.18 -33.71 -21.57
CA LYS A 421 15.51 -34.98 -21.88
C LYS A 421 16.46 -36.17 -21.72
N GLU A 422 17.77 -35.95 -21.88
CA GLU A 422 18.74 -37.03 -21.94
C GLU A 422 19.56 -37.18 -20.66
N LEU A 423 19.10 -36.62 -19.55
CA LEU A 423 19.84 -36.72 -18.30
C LEU A 423 19.72 -38.11 -17.69
N ASP A 424 20.69 -38.44 -16.83
CA ASP A 424 20.73 -39.72 -16.13
C ASP A 424 19.98 -39.57 -14.81
N TYR A 425 18.69 -39.86 -14.84
CA TYR A 425 17.85 -39.71 -13.65
C TYR A 425 18.07 -40.81 -12.62
N GLU A 426 18.70 -41.92 -13.00
CA GLU A 426 19.00 -42.96 -12.02
C GLU A 426 20.05 -42.49 -11.02
N ARG A 427 21.07 -41.78 -11.49
CA ARG A 427 22.08 -41.24 -10.59
C ARG A 427 21.52 -40.10 -9.75
N ILE A 428 20.66 -39.28 -10.35
CA ILE A 428 20.12 -38.11 -9.65
C ILE A 428 19.29 -38.53 -8.45
N HIS A 429 18.46 -39.57 -8.61
CA HIS A 429 17.57 -39.98 -7.53
C HIS A 429 18.32 -40.53 -6.33
N LYS A 430 19.51 -41.11 -6.55
CA LYS A 430 20.25 -41.71 -5.45
C LYS A 430 20.75 -40.66 -4.46
N LYS A 431 21.09 -39.46 -4.94
CA LYS A 431 21.58 -38.39 -4.08
C LYS A 431 20.55 -37.30 -3.88
N MET A 432 19.27 -37.58 -4.18
CA MET A 432 18.19 -36.67 -3.87
C MET A 432 17.50 -37.10 -2.60
N LEU A 433 17.01 -36.12 -1.83
CA LEU A 433 16.28 -36.44 -0.62
C LEU A 433 14.90 -37.01 -0.96
N LYS A 434 14.41 -37.88 -0.08
CA LYS A 434 13.15 -38.54 -0.40
C LYS A 434 12.00 -37.91 0.38
N PRO A 435 10.80 -37.79 -0.22
CA PRO A 435 10.47 -38.19 -1.59
C PRO A 435 10.99 -37.20 -2.64
N ALA A 436 11.40 -37.71 -3.78
CA ALA A 436 11.97 -36.91 -4.86
C ALA A 436 10.89 -36.58 -5.88
N PHE A 437 10.78 -35.30 -6.23
CA PHE A 437 9.75 -34.82 -7.14
C PHE A 437 10.39 -34.28 -8.42
N ILE A 438 9.64 -34.39 -9.52
CA ILE A 438 10.01 -33.78 -10.79
C ILE A 438 8.81 -33.01 -11.31
N PHE A 439 9.00 -31.71 -11.55
CA PHE A 439 7.93 -30.85 -12.06
C PHE A 439 8.32 -30.38 -13.46
N ASP A 440 7.69 -30.96 -14.48
CA ASP A 440 7.98 -30.66 -15.87
C ASP A 440 7.06 -29.54 -16.33
N GLY A 441 7.60 -28.32 -16.37
CA GLY A 441 6.84 -27.17 -16.80
C GLY A 441 6.86 -26.90 -18.29
N ARG A 442 7.37 -27.82 -19.11
CA ARG A 442 7.46 -27.60 -20.55
C ARG A 442 7.05 -28.81 -21.39
N ARG A 443 6.57 -29.89 -20.78
CA ARG A 443 6.14 -31.08 -21.52
C ARG A 443 7.27 -31.66 -22.38
N VAL A 444 8.49 -31.64 -21.84
CA VAL A 444 9.63 -32.22 -22.54
C VAL A 444 9.81 -33.70 -22.24
N LEU A 445 9.24 -34.20 -21.15
CA LEU A 445 9.38 -35.59 -20.74
C LEU A 445 8.21 -36.46 -21.20
N ASP A 446 7.47 -36.03 -22.22
CA ASP A 446 6.36 -36.81 -22.74
C ASP A 446 6.87 -38.12 -23.34
N GLY A 447 6.64 -39.22 -22.65
CA GLY A 447 7.14 -40.52 -23.05
C GLY A 447 8.02 -41.20 -22.02
N LEU A 448 8.46 -40.46 -21.01
CA LEU A 448 9.31 -41.00 -19.95
C LEU A 448 8.58 -41.09 -18.61
N HIS A 449 7.25 -40.98 -18.62
CA HIS A 449 6.51 -40.99 -17.37
C HIS A 449 6.60 -42.33 -16.66
N ASN A 450 6.46 -43.42 -17.41
CA ASN A 450 6.52 -44.75 -16.80
C ASN A 450 7.92 -45.08 -16.30
N GLU A 451 8.96 -44.62 -17.00
CA GLU A 451 10.32 -44.91 -16.57
C GLU A 451 10.67 -44.17 -15.30
N LEU A 452 10.34 -42.87 -15.23
CA LEU A 452 10.70 -42.07 -14.06
C LEU A 452 9.96 -42.52 -12.81
N GLN A 453 8.74 -43.06 -12.96
CA GLN A 453 7.99 -43.52 -11.79
C GLN A 453 8.57 -44.80 -11.22
N THR A 454 9.06 -45.69 -12.08
CA THR A 454 9.68 -46.92 -11.60
C THR A 454 10.99 -46.65 -10.88
N ILE A 455 11.69 -45.57 -11.25
CA ILE A 455 12.92 -45.20 -10.55
C ILE A 455 12.60 -44.75 -9.13
N GLY A 456 11.49 -44.05 -8.94
CA GLY A 456 11.08 -43.59 -7.63
C GLY A 456 10.61 -42.15 -7.63
N PHE A 457 10.67 -41.52 -8.79
CA PHE A 457 10.25 -40.12 -8.91
C PHE A 457 8.73 -40.01 -9.00
N GLN A 458 8.20 -38.98 -8.36
CA GLN A 458 6.82 -38.56 -8.57
C GLN A 458 6.86 -37.40 -9.57
N ILE A 459 6.47 -37.68 -10.80
CA ILE A 459 6.57 -36.72 -11.89
C ILE A 459 5.22 -36.07 -12.12
N GLU A 460 5.21 -34.73 -12.15
CA GLU A 460 4.03 -33.95 -12.49
C GLU A 460 4.39 -32.99 -13.62
N THR A 461 3.42 -32.70 -14.48
CA THR A 461 3.68 -31.87 -15.64
C THR A 461 2.45 -31.03 -15.95
N ILE A 462 2.65 -30.02 -16.79
CA ILE A 462 1.57 -29.10 -17.15
C ILE A 462 0.57 -29.83 -18.04
N GLY A 463 -0.70 -29.76 -17.65
CA GLY A 463 -1.75 -30.32 -18.49
C GLY A 463 -1.92 -31.82 -18.40
N LYS A 464 -1.56 -32.43 -17.27
CA LYS A 464 -1.76 -33.85 -17.07
C LYS A 464 -2.14 -34.10 -15.62
N LYS A 465 -3.23 -34.86 -15.42
CA LYS A 465 -3.68 -35.16 -14.07
C LYS A 465 -2.70 -36.08 -13.36
N VAL A 466 -2.41 -35.79 -12.11
CA VAL A 466 -1.46 -36.57 -11.34
C VAL A 466 -2.03 -37.96 -11.03
N MET B 1 -27.63 44.09 33.53
CA MET B 1 -26.92 43.49 32.39
C MET B 1 -25.41 43.74 32.49
N PHE B 2 -24.63 42.69 32.29
CA PHE B 2 -23.18 42.79 32.41
C PHE B 2 -22.60 43.57 31.25
N GLU B 3 -21.55 44.35 31.55
CA GLU B 3 -20.84 45.14 30.56
C GLU B 3 -19.38 44.71 30.53
N ILE B 4 -18.85 44.55 29.32
CA ILE B 4 -17.47 44.10 29.13
C ILE B 4 -16.54 45.30 29.04
N LYS B 5 -15.51 45.32 29.88
CA LYS B 5 -14.57 46.44 29.90
C LYS B 5 -13.14 46.04 29.58
N LYS B 6 -12.73 44.82 29.88
CA LYS B 6 -11.38 44.35 29.60
C LYS B 6 -11.45 43.05 28.83
N ILE B 7 -10.72 42.97 27.73
CA ILE B 7 -10.76 41.83 26.81
C ILE B 7 -9.37 41.24 26.68
N CYS B 8 -9.28 39.91 26.77
CA CYS B 8 -8.06 39.18 26.51
C CYS B 8 -8.29 38.23 25.34
N CYS B 9 -7.28 38.09 24.48
CA CYS B 9 -7.37 37.24 23.31
C CYS B 9 -6.13 36.37 23.24
N ILE B 10 -6.30 35.06 23.42
CA ILE B 10 -5.20 34.11 23.35
C ILE B 10 -4.98 33.75 21.88
N GLY B 11 -3.80 34.09 21.36
CA GLY B 11 -3.49 33.84 19.97
C GLY B 11 -3.45 35.13 19.16
N ALA B 12 -2.28 35.48 18.66
CA ALA B 12 -2.08 36.71 17.89
C ALA B 12 -1.86 36.42 16.41
N GLY B 13 -2.61 35.48 15.86
CA GLY B 13 -2.55 35.15 14.46
C GLY B 13 -3.36 36.13 13.63
N TYR B 14 -3.67 35.71 12.40
CA TYR B 14 -4.48 36.56 11.54
C TYR B 14 -5.94 36.60 11.97
N VAL B 15 -6.31 35.87 13.02
CA VAL B 15 -7.69 35.82 13.49
C VAL B 15 -7.88 36.83 14.63
N GLY B 16 -7.22 36.59 15.75
CA GLY B 16 -7.38 37.47 16.90
C GLY B 16 -6.65 38.78 16.75
N GLY B 17 -5.58 38.81 15.95
CA GLY B 17 -4.83 40.02 15.74
C GLY B 17 -5.64 41.14 15.14
N PRO B 18 -6.05 40.99 13.88
CA PRO B 18 -6.85 42.06 13.24
C PRO B 18 -8.19 42.29 13.91
N THR B 19 -8.84 41.24 14.42
CA THR B 19 -10.15 41.42 15.04
C THR B 19 -10.07 42.30 16.27
N CYS B 20 -9.05 42.08 17.11
CA CYS B 20 -8.93 42.85 18.35
C CYS B 20 -8.42 44.26 18.09
N SER B 21 -7.65 44.47 17.02
CA SER B 21 -7.23 45.83 16.68
C SER B 21 -8.44 46.69 16.31
N VAL B 22 -9.42 46.10 15.62
CA VAL B 22 -10.63 46.84 15.27
C VAL B 22 -11.48 47.09 16.51
N ILE B 23 -11.52 46.12 17.43
CA ILE B 23 -12.29 46.30 18.67
C ILE B 23 -11.73 47.45 19.48
N ALA B 24 -10.41 47.49 19.63
CA ALA B 24 -9.79 48.60 20.35
C ALA B 24 -9.94 49.92 19.60
N HIS B 25 -10.06 49.86 18.27
CA HIS B 25 -10.18 51.08 17.48
C HIS B 25 -11.59 51.64 17.51
N MET B 26 -12.61 50.80 17.70
CA MET B 26 -14.00 51.24 17.74
C MET B 26 -14.58 51.26 19.15
N CYS B 27 -13.83 50.81 20.15
CA CYS B 27 -14.27 50.82 21.55
C CYS B 27 -13.13 51.34 22.41
N PRO B 28 -12.94 52.66 22.46
CA PRO B 28 -11.82 53.21 23.25
C PRO B 28 -11.92 52.97 24.74
N GLU B 29 -13.13 52.77 25.28
CA GLU B 29 -13.31 52.56 26.71
C GLU B 29 -13.02 51.13 27.14
N ILE B 30 -12.72 50.23 26.20
CA ILE B 30 -12.46 48.83 26.48
C ILE B 30 -10.97 48.57 26.31
N ARG B 31 -10.36 47.92 27.30
CA ARG B 31 -8.94 47.57 27.25
C ARG B 31 -8.79 46.20 26.60
N VAL B 32 -8.11 46.17 25.45
CA VAL B 32 -7.94 44.94 24.68
C VAL B 32 -6.47 44.52 24.75
N THR B 33 -6.22 43.32 25.25
CA THR B 33 -4.88 42.78 25.39
C THR B 33 -4.77 41.50 24.58
N VAL B 34 -3.93 41.51 23.55
CA VAL B 34 -3.70 40.35 22.70
C VAL B 34 -2.45 39.63 23.19
N VAL B 35 -2.60 38.35 23.50
CA VAL B 35 -1.50 37.54 24.02
C VAL B 35 -1.28 36.37 23.08
N ASP B 36 -0.07 35.80 23.16
CA ASP B 36 0.28 34.66 22.32
C ASP B 36 1.46 33.95 22.95
N VAL B 37 1.53 32.63 22.73
CA VAL B 37 2.62 31.83 23.26
C VAL B 37 3.92 32.09 22.52
N ASN B 38 3.87 32.60 21.29
CA ASN B 38 5.06 32.90 20.52
C ASN B 38 5.56 34.31 20.87
N GLU B 39 6.77 34.39 21.42
CA GLU B 39 7.31 35.69 21.78
C GLU B 39 7.70 36.51 20.55
N SER B 40 8.07 35.82 19.46
CA SER B 40 8.46 36.53 18.24
C SER B 40 7.27 37.28 17.64
N ARG B 41 6.06 36.75 17.79
CA ARG B 41 4.87 37.44 17.29
C ARG B 41 4.61 38.72 18.07
N ILE B 42 4.72 38.66 19.40
CA ILE B 42 4.45 39.83 20.24
C ILE B 42 5.40 40.96 19.89
N ASN B 43 6.69 40.64 19.73
CA ASN B 43 7.66 41.66 19.35
C ASN B 43 7.40 42.19 17.94
N ALA B 44 6.81 41.35 17.07
CA ALA B 44 6.50 41.80 15.71
C ALA B 44 5.35 42.80 15.70
N TRP B 45 4.36 42.61 16.58
CA TRP B 45 3.25 43.56 16.66
C TRP B 45 3.71 44.89 17.25
N ASN B 46 4.63 44.84 18.22
CA ASN B 46 5.17 46.04 18.84
C ASN B 46 6.26 46.71 18.01
N SER B 47 6.65 46.12 16.89
CA SER B 47 7.62 46.67 15.96
C SER B 47 6.91 47.43 14.85
N PRO B 48 7.61 48.38 14.20
CA PRO B 48 6.99 49.12 13.09
C PRO B 48 6.68 48.27 11.87
N THR B 49 6.98 46.97 11.89
CA THR B 49 6.64 46.06 10.79
C THR B 49 5.85 44.89 11.38
N LEU B 50 4.57 44.81 11.04
CA LEU B 50 3.69 43.78 11.56
C LEU B 50 3.96 42.44 10.88
N PRO B 51 3.67 41.32 11.56
CA PRO B 51 3.94 40.01 10.95
C PRO B 51 3.02 39.69 9.78
N ILE B 52 1.78 40.19 9.79
CA ILE B 52 0.86 40.00 8.68
C ILE B 52 0.58 41.34 8.04
N TYR B 53 0.38 41.33 6.73
CA TYR B 53 0.17 42.54 5.94
C TYR B 53 -1.29 42.58 5.48
N GLU B 54 -2.09 43.38 6.16
CA GLU B 54 -3.45 43.67 5.74
C GLU B 54 -3.58 45.15 5.42
N PRO B 55 -4.30 45.50 4.36
CA PRO B 55 -4.45 46.91 3.99
C PRO B 55 -5.17 47.70 5.08
N GLY B 56 -4.60 48.86 5.42
CA GLY B 56 -5.17 49.68 6.46
C GLY B 56 -4.98 49.16 7.87
N LEU B 57 -4.09 48.19 8.07
CA LEU B 57 -3.86 47.64 9.40
C LEU B 57 -2.85 48.48 10.19
N LYS B 58 -1.86 49.05 9.51
CA LYS B 58 -0.87 49.87 10.21
C LYS B 58 -1.51 51.10 10.84
N GLU B 59 -2.47 51.70 10.15
CA GLU B 59 -3.15 52.87 10.70
C GLU B 59 -3.98 52.50 11.93
N VAL B 60 -4.58 51.31 11.93
CA VAL B 60 -5.42 50.90 13.05
C VAL B 60 -4.57 50.53 14.26
N VAL B 61 -3.45 49.84 14.04
CA VAL B 61 -2.63 49.39 15.15
C VAL B 61 -1.95 50.57 15.84
N GLU B 62 -1.29 51.42 15.07
CA GLU B 62 -0.58 52.56 15.66
C GLU B 62 -1.51 53.56 16.31
N SER B 63 -2.79 53.56 15.95
CA SER B 63 -3.76 54.46 16.56
C SER B 63 -4.18 54.01 17.96
N CYS B 64 -3.91 52.76 18.33
CA CYS B 64 -4.34 52.22 19.62
C CYS B 64 -3.24 51.55 20.42
N ARG B 65 -2.09 51.24 19.82
CA ARG B 65 -1.01 50.56 20.52
C ARG B 65 -0.43 51.50 21.57
N GLY B 66 -0.89 51.36 22.81
CA GLY B 66 -0.43 52.21 23.89
C GLY B 66 -1.57 52.75 24.75
N LYS B 67 -2.71 53.06 24.12
CA LYS B 67 -3.86 53.57 24.83
C LYS B 67 -4.72 52.44 25.39
N ASN B 68 -5.31 51.62 24.51
CA ASN B 68 -6.14 50.51 24.94
C ASN B 68 -5.82 49.21 24.22
N LEU B 69 -4.81 49.18 23.36
CA LEU B 69 -4.38 47.96 22.66
C LEU B 69 -2.97 47.64 23.09
N PHE B 70 -2.78 46.45 23.67
CA PHE B 70 -1.48 46.05 24.19
C PHE B 70 -1.19 44.60 23.80
N PHE B 71 0.08 44.32 23.53
CA PHE B 71 0.55 42.98 23.21
C PHE B 71 1.59 42.57 24.24
N SER B 72 1.44 41.36 24.79
CA SER B 72 2.36 40.89 25.82
C SER B 72 2.35 39.37 25.84
N THR B 73 3.42 38.82 26.39
CA THR B 73 3.56 37.38 26.57
C THR B 73 3.07 36.90 27.93
N ASN B 74 2.67 37.81 28.81
CA ASN B 74 2.16 37.46 30.13
C ASN B 74 0.68 37.14 29.98
N ILE B 75 0.39 35.87 29.67
CA ILE B 75 -0.99 35.45 29.41
C ILE B 75 -1.77 35.33 30.71
N ASP B 76 -1.12 34.92 31.80
CA ASP B 76 -1.83 34.69 33.05
C ASP B 76 -2.44 35.99 33.59
N ASP B 77 -1.68 37.09 33.53
CA ASP B 77 -2.19 38.35 34.04
C ASP B 77 -3.31 38.91 33.16
N ALA B 78 -3.22 38.70 31.85
CA ALA B 78 -4.26 39.19 30.94
C ALA B 78 -5.55 38.40 31.13
N ILE B 79 -5.44 37.10 31.40
CA ILE B 79 -6.63 36.29 31.64
C ILE B 79 -7.30 36.70 32.94
N LYS B 80 -6.50 37.01 33.95
CA LYS B 80 -7.05 37.34 35.27
C LYS B 80 -7.82 38.67 35.23
N GLU B 81 -7.37 39.62 34.42
CA GLU B 81 -7.97 40.95 34.40
C GLU B 81 -9.15 41.08 33.44
N ALA B 82 -9.22 40.25 32.42
CA ALA B 82 -10.21 40.42 31.36
C ALA B 82 -11.58 39.90 31.75
N ASP B 83 -12.62 40.56 31.24
CA ASP B 83 -13.98 40.10 31.37
C ASP B 83 -14.38 39.12 30.29
N LEU B 84 -13.79 39.26 29.10
CA LEU B 84 -14.05 38.37 27.97
C LEU B 84 -12.72 37.79 27.50
N VAL B 85 -12.68 36.48 27.29
CA VAL B 85 -11.47 35.78 26.88
C VAL B 85 -11.74 35.13 25.54
N PHE B 86 -11.04 35.59 24.50
CA PHE B 86 -11.09 34.99 23.18
C PHE B 86 -10.10 33.83 23.11
N ILE B 87 -10.52 32.76 22.45
CA ILE B 87 -9.64 31.63 22.16
C ILE B 87 -9.40 31.65 20.65
N SER B 88 -8.25 32.18 20.25
CA SER B 88 -7.90 32.32 18.85
C SER B 88 -6.64 31.53 18.52
N VAL B 89 -6.55 30.32 19.03
CA VAL B 89 -5.43 29.44 18.75
C VAL B 89 -5.77 28.60 17.53
N ASN B 90 -4.75 28.28 16.75
CA ASN B 90 -4.96 27.50 15.54
C ASN B 90 -5.28 26.06 15.89
N THR B 91 -6.19 25.46 15.12
CA THR B 91 -6.59 24.06 15.28
C THR B 91 -6.23 23.34 14.00
N PRO B 92 -5.00 22.84 13.87
CA PRO B 92 -4.59 22.21 12.62
C PRO B 92 -5.25 20.86 12.42
N THR B 93 -5.25 20.41 11.17
CA THR B 93 -5.77 19.09 10.86
C THR B 93 -4.85 18.02 11.43
N LYS B 94 -5.45 16.99 12.02
CA LYS B 94 -4.66 15.88 12.56
C LYS B 94 -3.91 15.17 11.45
N THR B 95 -2.66 14.81 11.73
CA THR B 95 -1.80 14.12 10.77
C THR B 95 -1.43 12.71 11.26
N TYR B 96 -2.30 12.10 12.06
CA TYR B 96 -1.99 10.85 12.74
C TYR B 96 -3.26 10.31 13.37
N GLY B 97 -3.27 9.01 13.61
CA GLY B 97 -4.33 8.41 14.40
C GLY B 97 -5.70 8.41 13.73
N MET B 98 -6.72 8.34 14.60
CA MET B 98 -8.11 8.29 14.15
C MET B 98 -8.51 9.66 13.60
N GLY B 99 -8.77 9.71 12.30
CA GLY B 99 -9.12 10.94 11.62
C GLY B 99 -7.97 11.66 10.96
N LYS B 100 -6.88 10.96 10.67
CA LYS B 100 -5.71 11.57 10.04
C LYS B 100 -6.10 12.19 8.70
N GLY B 101 -5.73 13.46 8.51
CA GLY B 101 -6.00 14.18 7.29
C GLY B 101 -7.36 14.83 7.20
N ARG B 102 -8.24 14.60 8.18
CA ARG B 102 -9.59 15.16 8.14
C ARG B 102 -10.00 15.76 9.48
N ALA B 103 -9.87 14.99 10.55
CA ALA B 103 -10.26 15.48 11.87
C ALA B 103 -9.35 16.62 12.31
N LEU B 104 -9.90 17.49 13.16
CA LEU B 104 -9.13 18.59 13.71
C LEU B 104 -8.54 18.18 15.05
N ASP B 105 -7.37 18.75 15.36
CA ASP B 105 -6.67 18.49 16.60
C ASP B 105 -7.00 19.60 17.59
N LEU B 106 -7.52 19.21 18.75
CA LEU B 106 -7.97 20.16 19.78
C LEU B 106 -6.97 20.31 20.92
N LYS B 107 -5.70 19.97 20.71
CA LYS B 107 -4.74 20.05 21.81
C LYS B 107 -4.46 21.50 22.20
N TYR B 108 -4.46 22.43 21.24
CA TYR B 108 -4.23 23.83 21.54
C TYR B 108 -5.45 24.50 22.17
N ILE B 109 -6.65 23.95 21.97
CA ILE B 109 -7.82 24.46 22.68
C ILE B 109 -7.92 23.81 24.06
N GLU B 110 -7.55 22.54 24.17
CA GLU B 110 -7.52 21.87 25.46
C GLU B 110 -6.61 22.61 26.44
N ALA B 111 -5.45 23.07 25.96
CA ALA B 111 -4.52 23.76 26.85
C ALA B 111 -5.10 25.09 27.32
N CYS B 112 -5.75 25.84 26.43
CA CYS B 112 -6.35 27.11 26.83
C CYS B 112 -7.48 26.90 27.82
N ALA B 113 -8.33 25.89 27.59
CA ALA B 113 -9.43 25.64 28.51
C ALA B 113 -8.91 25.28 29.90
N ARG B 114 -7.79 24.56 29.97
CA ARG B 114 -7.22 24.21 31.26
C ARG B 114 -6.43 25.37 31.87
N ARG B 115 -5.88 26.26 31.04
CA ARG B 115 -5.18 27.44 31.54
C ARG B 115 -6.12 28.57 31.90
N ILE B 116 -7.25 28.69 31.19
CA ILE B 116 -8.23 29.71 31.55
C ILE B 116 -8.84 29.40 32.90
N VAL B 117 -9.33 28.18 33.09
CA VAL B 117 -9.95 27.77 34.35
C VAL B 117 -8.95 27.81 35.50
N GLN B 118 -7.66 27.81 35.19
CA GLN B 118 -6.64 27.85 36.23
C GLN B 118 -6.42 29.27 36.75
N ASN B 119 -6.08 30.20 35.86
CA ASN B 119 -5.76 31.58 36.24
C ASN B 119 -6.96 32.50 36.19
N SER B 120 -8.13 32.06 36.65
CA SER B 120 -9.33 32.89 36.58
C SER B 120 -10.19 32.65 37.81
N ASN B 121 -10.84 33.71 38.27
CA ASN B 121 -11.82 33.63 39.34
C ASN B 121 -12.98 34.58 39.01
N GLY B 122 -14.15 34.25 39.53
CA GLY B 122 -15.32 35.07 39.35
C GLY B 122 -16.07 34.82 38.05
N TYR B 123 -16.61 35.88 37.47
CA TYR B 123 -17.41 35.77 36.25
C TYR B 123 -16.58 36.24 35.07
N LYS B 124 -16.40 35.36 34.08
CA LYS B 124 -15.70 35.66 32.85
C LYS B 124 -16.38 34.93 31.70
N ILE B 125 -16.26 35.50 30.51
CA ILE B 125 -16.88 34.94 29.30
C ILE B 125 -15.77 34.39 28.42
N VAL B 126 -15.88 33.12 28.08
CA VAL B 126 -14.90 32.43 27.24
C VAL B 126 -15.53 32.22 25.88
N THR B 127 -14.91 32.78 24.84
CA THR B 127 -15.46 32.75 23.49
C THR B 127 -14.44 32.14 22.54
N GLU B 128 -14.86 31.11 21.81
CA GLU B 128 -13.99 30.49 20.82
C GLU B 128 -14.06 31.30 19.53
N LYS B 129 -12.90 31.81 19.11
CA LYS B 129 -12.81 32.68 17.95
C LYS B 129 -12.31 31.97 16.72
N SER B 130 -11.59 30.87 16.89
CA SER B 130 -11.01 30.12 15.79
C SER B 130 -12.01 29.12 15.21
N THR B 131 -11.61 28.50 14.10
CA THR B 131 -12.42 27.47 13.47
C THR B 131 -12.30 26.18 14.26
N VAL B 132 -13.36 25.80 14.96
CA VAL B 132 -13.33 24.62 15.81
C VAL B 132 -14.30 23.59 15.25
N PRO B 133 -14.14 22.31 15.56
CA PRO B 133 -15.15 21.33 15.18
C PRO B 133 -16.42 21.51 16.01
N VAL B 134 -17.52 20.95 15.50
CA VAL B 134 -18.78 21.03 16.22
C VAL B 134 -18.67 20.25 17.52
N ARG B 135 -19.46 20.65 18.52
CA ARG B 135 -19.50 20.13 19.90
C ARG B 135 -18.17 20.31 20.64
N ALA B 136 -17.24 21.12 20.09
CA ALA B 136 -16.02 21.41 20.83
C ALA B 136 -16.28 22.30 22.03
N ALA B 137 -17.28 23.18 21.95
CA ALA B 137 -17.63 24.00 23.10
C ALA B 137 -18.17 23.15 24.24
N GLU B 138 -18.76 22.00 23.93
CA GLU B 138 -19.15 21.06 24.98
C GLU B 138 -17.92 20.55 25.72
N SER B 139 -16.82 20.35 25.00
CA SER B 139 -15.57 19.93 25.63
C SER B 139 -15.01 21.03 26.53
N ILE B 140 -15.16 22.28 26.12
CA ILE B 140 -14.67 23.39 26.95
C ILE B 140 -15.51 23.51 28.21
N ARG B 141 -16.83 23.35 28.08
CA ARG B 141 -17.70 23.36 29.27
C ARG B 141 -17.42 22.18 30.17
N ARG B 142 -17.04 21.03 29.60
CA ARG B 142 -16.77 19.86 30.42
C ARG B 142 -15.51 20.03 31.26
N ILE B 143 -14.49 20.72 30.71
CA ILE B 143 -13.28 20.98 31.47
C ILE B 143 -13.57 21.99 32.59
N PHE B 144 -14.40 22.99 32.30
CA PHE B 144 -14.74 23.99 33.30
C PHE B 144 -15.57 23.40 34.43
N ASP B 145 -16.50 22.50 34.11
CA ASP B 145 -17.34 21.89 35.14
C ASP B 145 -16.55 20.93 36.00
N ALA B 146 -15.60 20.19 35.39
CA ALA B 146 -14.82 19.23 36.16
C ALA B 146 -13.81 19.93 37.07
N ASN B 147 -13.24 21.05 36.60
CA ASN B 147 -12.27 21.82 37.37
C ASN B 147 -12.90 23.04 38.02
N THR B 148 -14.10 22.90 38.59
CA THR B 148 -14.83 24.05 39.12
C THR B 148 -14.28 24.48 40.47
N LYS B 149 -14.23 25.79 40.68
CA LYS B 149 -13.84 26.42 41.93
C LYS B 149 -15.02 27.15 42.54
N PRO B 150 -14.96 27.46 43.84
CA PRO B 150 -16.00 28.30 44.44
C PRO B 150 -15.98 29.70 43.84
N ASN B 151 -17.17 30.23 43.59
CA ASN B 151 -17.35 31.55 42.99
C ASN B 151 -16.74 31.61 41.59
N LEU B 152 -16.91 30.54 40.83
CA LEU B 152 -16.44 30.48 39.45
C LEU B 152 -17.65 30.25 38.55
N ASN B 153 -17.90 31.22 37.66
CA ASN B 153 -19.02 31.16 36.72
C ASN B 153 -18.47 31.53 35.35
N LEU B 154 -17.96 30.53 34.63
CA LEU B 154 -17.42 30.72 33.29
C LEU B 154 -18.51 30.44 32.26
N GLN B 155 -18.73 31.39 31.36
CA GLN B 155 -19.70 31.25 30.29
C GLN B 155 -18.97 31.00 28.98
N VAL B 156 -19.44 30.03 28.21
CA VAL B 156 -18.80 29.61 26.96
C VAL B 156 -19.68 30.01 25.79
N LEU B 157 -19.10 30.77 24.87
CA LEU B 157 -19.79 31.24 23.67
C LEU B 157 -18.98 30.88 22.43
N SER B 158 -19.63 31.00 21.28
CA SER B 158 -19.00 30.80 19.98
C SER B 158 -19.15 32.06 19.15
N ASN B 159 -18.04 32.57 18.64
CA ASN B 159 -18.05 33.77 17.77
C ASN B 159 -16.97 33.59 16.72
N PRO B 160 -17.26 32.85 15.65
CA PRO B 160 -16.24 32.56 14.65
C PRO B 160 -15.95 33.77 13.77
N GLU B 161 -14.76 33.72 13.15
CA GLU B 161 -14.32 34.75 12.22
C GLU B 161 -14.80 34.44 10.81
N PHE B 162 -14.83 35.48 9.96
CA PHE B 162 -15.23 35.30 8.57
C PHE B 162 -14.44 36.20 7.63
N LEU B 163 -13.29 36.71 8.05
CA LEU B 163 -12.50 37.59 7.21
C LEU B 163 -11.67 36.79 6.21
N ALA B 164 -11.32 37.44 5.11
CA ALA B 164 -10.55 36.84 4.04
C ALA B 164 -9.17 37.48 3.97
N GLU B 165 -8.19 36.70 3.53
CA GLU B 165 -6.81 37.17 3.42
C GLU B 165 -6.69 38.24 2.34
N GLY B 166 -6.78 39.50 2.74
CA GLY B 166 -6.68 40.59 1.77
C GLY B 166 -7.56 41.78 2.10
N THR B 167 -8.73 41.51 2.67
CA THR B 167 -9.68 42.56 3.03
C THR B 167 -10.13 42.39 4.48
N ALA B 168 -9.18 42.14 5.38
CA ALA B 168 -9.53 41.88 6.77
C ALA B 168 -10.13 43.13 7.43
N ILE B 169 -9.49 44.28 7.25
CA ILE B 169 -9.97 45.51 7.89
C ILE B 169 -11.33 45.91 7.32
N LYS B 170 -11.50 45.79 6.00
CA LYS B 170 -12.78 46.13 5.40
C LYS B 170 -13.87 45.18 5.85
N ASP B 171 -13.54 43.88 6.00
CA ASP B 171 -14.53 42.92 6.47
C ASP B 171 -14.82 43.05 7.95
N LEU B 172 -13.92 43.65 8.73
CA LEU B 172 -14.18 43.83 10.15
C LEU B 172 -14.93 45.12 10.45
N LYS B 173 -14.62 46.20 9.73
CA LYS B 173 -15.34 47.45 9.94
C LYS B 173 -16.77 47.38 9.41
N ASN B 174 -16.95 46.72 8.26
CA ASN B 174 -18.27 46.56 7.64
C ASN B 174 -18.48 45.08 7.33
N PRO B 175 -18.79 44.27 8.34
CA PRO B 175 -19.00 42.85 8.10
C PRO B 175 -20.38 42.55 7.52
N ASP B 176 -20.45 41.47 6.76
CA ASP B 176 -21.74 41.01 6.25
C ASP B 176 -22.65 40.59 7.39
N ARG B 177 -22.09 39.95 8.42
CA ARG B 177 -22.84 39.55 9.60
C ARG B 177 -21.87 39.19 10.70
N VAL B 178 -22.33 39.30 11.95
CA VAL B 178 -21.57 38.89 13.12
C VAL B 178 -22.33 37.73 13.76
N LEU B 179 -21.66 36.59 13.87
CA LEU B 179 -22.27 35.37 14.39
C LEU B 179 -21.86 35.16 15.83
N ILE B 180 -22.85 34.97 16.71
CA ILE B 180 -22.62 34.70 18.12
C ILE B 180 -23.53 33.55 18.54
N GLY B 181 -22.93 32.52 19.11
CA GLY B 181 -23.70 31.37 19.55
C GLY B 181 -23.51 31.04 21.02
N GLY B 182 -24.61 30.79 21.72
CA GLY B 182 -24.56 30.48 23.13
C GLY B 182 -25.72 29.61 23.55
N ASP B 183 -25.63 29.12 24.78
CA ASP B 183 -26.66 28.23 25.30
C ASP B 183 -27.99 28.98 25.42
N GLU B 184 -29.09 28.23 25.32
CA GLU B 184 -30.43 28.80 25.42
C GLU B 184 -30.91 28.78 26.88
N THR B 185 -30.10 29.40 27.72
CA THR B 185 -30.33 29.50 29.16
C THR B 185 -30.23 30.96 29.55
N PRO B 186 -30.86 31.36 30.66
CA PRO B 186 -30.74 32.76 31.09
C PRO B 186 -29.31 33.21 31.34
N GLU B 187 -28.45 32.30 31.83
CA GLU B 187 -27.05 32.67 32.01
C GLU B 187 -26.35 32.83 30.66
N GLY B 188 -26.67 31.95 29.71
CA GLY B 188 -26.04 32.04 28.40
C GLY B 188 -26.49 33.28 27.64
N GLN B 189 -27.77 33.64 27.75
CA GLN B 189 -28.26 34.84 27.07
C GLN B 189 -27.62 36.10 27.62
N ARG B 190 -27.32 36.14 28.92
CA ARG B 190 -26.63 37.30 29.48
C ARG B 190 -25.24 37.45 28.87
N ALA B 191 -24.52 36.34 28.71
CA ALA B 191 -23.20 36.42 28.11
C ALA B 191 -23.27 36.77 26.62
N VAL B 192 -24.32 36.31 25.93
CA VAL B 192 -24.49 36.64 24.52
C VAL B 192 -24.70 38.14 24.35
N GLN B 193 -25.61 38.71 25.14
CA GLN B 193 -25.87 40.15 25.05
C GLN B 193 -24.64 40.97 25.44
N ALA B 194 -23.79 40.43 26.33
CA ALA B 194 -22.56 41.15 26.67
C ALA B 194 -21.65 41.25 25.46
N LEU B 195 -21.42 40.13 24.77
CA LEU B 195 -20.60 40.17 23.56
C LEU B 195 -21.31 40.91 22.43
N CYS B 196 -22.62 40.70 22.30
CA CYS B 196 -23.39 41.41 21.30
C CYS B 196 -23.34 42.93 21.51
N ALA B 197 -23.27 43.38 22.76
CA ALA B 197 -23.18 44.82 23.03
C ALA B 197 -21.83 45.40 22.62
N VAL B 198 -20.79 44.57 22.53
CA VAL B 198 -19.48 45.06 22.12
C VAL B 198 -19.49 45.43 20.64
N TYR B 199 -20.10 44.60 19.81
CA TYR B 199 -20.13 44.87 18.38
C TYR B 199 -21.12 45.98 18.00
N GLU B 200 -22.10 46.27 18.87
CA GLU B 200 -23.04 47.33 18.56
C GLU B 200 -22.41 48.72 18.58
N HIS B 201 -21.14 48.84 18.98
CA HIS B 201 -20.45 50.12 18.91
C HIS B 201 -20.20 50.57 17.46
N TRP B 202 -20.20 49.63 16.51
CA TRP B 202 -20.02 50.00 15.11
C TRP B 202 -20.74 49.08 14.14
N VAL B 203 -21.44 48.06 14.61
CA VAL B 203 -22.17 47.13 13.76
C VAL B 203 -23.66 47.28 14.05
N PRO B 204 -24.51 47.45 13.05
CA PRO B 204 -25.95 47.54 13.30
C PRO B 204 -26.48 46.23 13.89
N ARG B 205 -27.62 46.34 14.57
CA ARG B 205 -28.23 45.17 15.18
C ARG B 205 -28.80 44.19 14.16
N GLU B 206 -29.13 44.67 12.95
CA GLU B 206 -29.65 43.76 11.93
C GLU B 206 -28.58 42.78 11.45
N LYS B 207 -27.32 43.21 11.42
CA LYS B 207 -26.23 42.37 10.97
C LYS B 207 -25.59 41.59 12.12
N ILE B 208 -26.32 41.36 13.21
CA ILE B 208 -25.83 40.57 14.33
C ILE B 208 -26.82 39.43 14.54
N LEU B 209 -26.37 38.21 14.29
CA LEU B 209 -27.22 37.03 14.38
C LEU B 209 -26.86 36.24 15.64
N THR B 210 -27.88 35.89 16.42
CA THR B 210 -27.70 35.16 17.68
C THR B 210 -28.29 33.77 17.53
N THR B 211 -27.45 32.74 17.65
CA THR B 211 -27.90 31.36 17.54
C THR B 211 -27.44 30.57 18.75
N ASN B 212 -27.67 29.25 18.75
CA ASN B 212 -27.10 28.46 19.82
C ASN B 212 -25.64 28.12 19.50
N THR B 213 -24.96 27.53 20.50
CA THR B 213 -23.53 27.28 20.37
C THR B 213 -23.23 26.34 19.20
N TRP B 214 -24.06 25.32 19.02
CA TRP B 214 -23.78 24.33 17.98
C TRP B 214 -24.08 24.88 16.59
N SER B 215 -25.14 25.68 16.46
CA SER B 215 -25.44 26.31 15.18
C SER B 215 -24.33 27.27 14.76
N SER B 216 -23.64 27.88 15.72
CA SER B 216 -22.56 28.79 15.41
C SER B 216 -21.31 28.05 14.94
N GLU B 217 -20.98 26.92 15.57
CA GLU B 217 -19.84 26.12 15.14
C GLU B 217 -20.08 25.51 13.77
N LEU B 218 -21.30 25.01 13.55
CA LEU B 218 -21.61 24.36 12.28
C LEU B 218 -21.68 25.36 11.15
N SER B 219 -22.12 26.60 11.42
CA SER B 219 -22.23 27.59 10.36
C SER B 219 -20.87 27.95 9.80
N LYS B 220 -19.84 28.00 10.65
CA LYS B 220 -18.50 28.34 10.17
C LYS B 220 -17.99 27.30 9.17
N LEU B 221 -18.15 26.01 9.49
CA LEU B 221 -17.69 24.97 8.58
C LEU B 221 -18.51 24.95 7.31
N ALA B 222 -19.84 25.03 7.44
CA ALA B 222 -20.71 24.94 6.28
C ALA B 222 -20.54 26.12 5.34
N ALA B 223 -20.25 27.32 5.88
CA ALA B 223 -20.09 28.48 5.01
C ALA B 223 -18.91 28.31 4.06
N ASN B 224 -17.81 27.73 4.53
CA ASN B 224 -16.68 27.47 3.65
C ASN B 224 -16.97 26.30 2.70
N ALA B 225 -17.80 25.36 3.11
CA ALA B 225 -18.16 24.25 2.22
C ALA B 225 -19.07 24.72 1.10
N PHE B 226 -20.03 25.60 1.41
CA PHE B 226 -20.90 26.16 0.38
C PHE B 226 -20.09 26.96 -0.63
N LEU B 227 -19.13 27.75 -0.16
CA LEU B 227 -18.27 28.50 -1.07
C LEU B 227 -17.44 27.55 -1.92
N ALA B 228 -16.84 26.53 -1.29
CA ALA B 228 -16.02 25.58 -2.03
C ALA B 228 -16.86 24.79 -3.03
N GLN B 229 -18.10 24.48 -2.68
CA GLN B 229 -18.97 23.73 -3.59
C GLN B 229 -19.26 24.52 -4.85
N ARG B 230 -19.34 25.85 -4.75
CA ARG B 230 -19.58 26.66 -5.93
C ARG B 230 -18.42 26.59 -6.91
N ILE B 231 -17.19 26.55 -6.40
CA ILE B 231 -16.04 26.47 -7.28
C ILE B 231 -15.96 25.10 -7.94
N SER B 232 -16.18 24.03 -7.17
CA SER B 232 -16.16 22.69 -7.75
C SER B 232 -17.31 22.49 -8.73
N SER B 233 -18.46 23.12 -8.49
CA SER B 233 -19.56 23.00 -9.44
C SER B 233 -19.22 23.66 -10.77
N ILE B 234 -18.67 24.88 -10.71
CA ILE B 234 -18.30 25.54 -11.96
C ILE B 234 -17.10 24.86 -12.59
N ASN B 235 -16.26 24.18 -11.81
CA ASN B 235 -15.16 23.42 -12.40
C ASN B 235 -15.67 22.17 -13.11
N SER B 236 -16.68 21.50 -12.52
CA SER B 236 -17.28 20.35 -13.19
C SER B 236 -17.92 20.75 -14.51
N ILE B 237 -18.48 21.97 -14.56
CA ILE B 237 -19.05 22.48 -15.81
C ILE B 237 -17.94 22.75 -16.82
N SER B 238 -16.78 23.21 -16.36
CA SER B 238 -15.68 23.48 -17.27
C SER B 238 -15.25 22.20 -18.01
N ALA B 239 -15.17 21.08 -17.29
CA ALA B 239 -14.88 19.82 -17.96
C ALA B 239 -15.96 19.45 -18.97
N LEU B 240 -17.20 19.81 -18.68
CA LEU B 240 -18.28 19.55 -19.61
C LEU B 240 -18.24 20.52 -20.79
N CYS B 241 -17.78 21.75 -20.56
CA CYS B 241 -17.64 22.69 -21.66
C CYS B 241 -16.56 22.23 -22.63
N GLU B 242 -15.45 21.68 -22.10
CA GLU B 242 -14.37 21.22 -22.96
C GLU B 242 -14.79 20.05 -23.85
N ALA B 243 -15.86 19.35 -23.47
CA ALA B 243 -16.35 18.21 -24.23
C ALA B 243 -17.54 18.55 -25.13
N THR B 244 -18.25 19.64 -24.87
CA THR B 244 -19.40 20.02 -25.68
C THR B 244 -19.11 21.18 -26.63
N GLY B 245 -18.05 21.93 -26.41
CA GLY B 245 -17.80 23.16 -27.14
C GLY B 245 -18.30 24.41 -26.46
N ALA B 246 -19.01 24.29 -25.35
CA ALA B 246 -19.43 25.47 -24.61
C ALA B 246 -18.22 26.15 -23.97
N ASP B 247 -18.46 27.32 -23.40
CA ASP B 247 -17.42 28.09 -22.72
C ASP B 247 -17.85 28.32 -21.28
N VAL B 248 -16.95 28.02 -20.35
CA VAL B 248 -17.34 28.06 -18.94
C VAL B 248 -17.55 29.50 -18.48
N GLU B 249 -16.77 30.46 -18.98
CA GLU B 249 -16.97 31.85 -18.60
C GLU B 249 -18.32 32.36 -19.10
N GLU B 250 -18.77 31.87 -20.25
CA GLU B 250 -20.10 32.26 -20.73
C GLU B 250 -21.19 31.60 -19.91
N VAL B 251 -21.00 30.34 -19.52
CA VAL B 251 -21.99 29.63 -18.71
C VAL B 251 -22.02 30.19 -17.30
N ALA B 252 -20.85 30.48 -16.73
CA ALA B 252 -20.83 31.06 -15.38
C ALA B 252 -21.50 32.42 -15.33
N THR B 253 -21.34 33.21 -16.40
CA THR B 253 -22.01 34.50 -16.44
C THR B 253 -23.52 34.34 -16.52
N ALA B 254 -23.99 33.43 -17.38
CA ALA B 254 -25.43 33.21 -17.50
C ALA B 254 -26.03 32.65 -16.22
N ILE B 255 -25.28 31.81 -15.49
CA ILE B 255 -25.74 31.32 -14.20
C ILE B 255 -25.69 32.44 -13.17
N GLY B 256 -24.61 33.21 -13.16
CA GLY B 256 -24.40 34.24 -12.15
C GLY B 256 -25.39 35.38 -12.21
N MET B 257 -25.99 35.63 -13.38
CA MET B 257 -26.95 36.72 -13.46
C MET B 257 -28.28 36.39 -12.81
N ASP B 258 -28.47 35.15 -12.35
CA ASP B 258 -29.62 34.83 -11.52
C ASP B 258 -29.36 35.35 -10.11
N GLN B 259 -30.20 36.27 -9.64
CA GLN B 259 -29.96 36.88 -8.34
C GLN B 259 -30.04 35.85 -7.21
N ARG B 260 -30.77 34.76 -7.43
CA ARG B 260 -30.87 33.71 -6.42
C ARG B 260 -29.60 32.88 -6.34
N ILE B 261 -28.77 32.92 -7.38
CA ILE B 261 -27.52 32.18 -7.42
C ILE B 261 -26.32 33.08 -7.14
N GLY B 262 -26.34 34.29 -7.68
CA GLY B 262 -25.24 35.22 -7.50
C GLY B 262 -24.10 34.98 -8.46
N ASN B 263 -23.24 35.99 -8.60
CA ASN B 263 -22.12 35.94 -9.52
C ASN B 263 -20.78 35.82 -8.83
N LYS B 264 -20.76 35.68 -7.51
CA LYS B 264 -19.51 35.54 -6.78
C LYS B 264 -19.11 34.07 -6.69
N PHE B 265 -17.80 33.83 -6.68
CA PHE B 265 -17.24 32.49 -6.56
C PHE B 265 -17.74 31.57 -7.68
N LEU B 266 -17.64 32.06 -8.92
CA LEU B 266 -17.98 31.28 -10.10
C LEU B 266 -16.87 31.31 -11.13
N LYS B 267 -15.64 31.63 -10.72
CA LYS B 267 -14.50 31.66 -11.63
C LYS B 267 -13.85 30.28 -11.64
N ALA B 268 -13.97 29.60 -12.77
CA ALA B 268 -13.33 28.31 -12.94
C ALA B 268 -11.81 28.47 -12.86
N SER B 269 -11.15 27.43 -12.39
CA SER B 269 -9.71 27.48 -12.19
C SER B 269 -9.17 26.07 -12.22
N VAL B 270 -7.84 25.96 -12.10
CA VAL B 270 -7.19 24.66 -11.96
C VAL B 270 -7.55 24.02 -10.63
N GLY B 271 -8.09 24.79 -9.68
CA GLY B 271 -8.51 24.26 -8.40
C GLY B 271 -8.38 25.26 -7.26
N PHE B 272 -9.32 25.25 -6.32
CA PHE B 272 -9.23 26.19 -5.22
C PHE B 272 -8.13 25.79 -4.25
N GLY B 273 -7.54 26.80 -3.62
CA GLY B 273 -6.48 26.54 -2.66
C GLY B 273 -6.76 27.17 -1.32
N GLY B 274 -5.73 27.40 -0.54
CA GLY B 274 -5.89 28.00 0.76
C GLY B 274 -5.98 26.96 1.87
N SER B 275 -5.80 27.44 3.10
CA SER B 275 -5.78 26.58 4.28
C SER B 275 -7.14 26.49 4.96
N CYS B 276 -8.22 26.85 4.26
CA CYS B 276 -9.54 26.88 4.87
C CYS B 276 -10.55 25.99 4.15
N PHE B 277 -10.53 25.96 2.82
CA PHE B 277 -11.56 25.25 2.08
C PHE B 277 -11.43 23.73 2.26
N GLN B 278 -10.32 23.16 1.82
CA GLN B 278 -10.17 21.71 1.95
C GLN B 278 -10.14 21.27 3.41
N LYS B 279 -9.56 22.11 4.28
CA LYS B 279 -9.48 21.77 5.70
C LYS B 279 -10.87 21.65 6.32
N ASP B 280 -11.76 22.61 6.02
CA ASP B 280 -13.08 22.60 6.64
C ASP B 280 -14.02 21.61 5.98
N VAL B 281 -13.88 21.36 4.67
CA VAL B 281 -14.72 20.37 4.02
C VAL B 281 -14.36 18.97 4.50
N LEU B 282 -13.06 18.66 4.54
CA LEU B 282 -12.64 17.35 5.03
C LEU B 282 -13.03 17.15 6.49
N ASN B 283 -13.01 18.22 7.29
CA ASN B 283 -13.48 18.09 8.67
C ASN B 283 -14.98 17.86 8.72
N LEU B 284 -15.73 18.53 7.85
CA LEU B 284 -17.17 18.32 7.81
C LEU B 284 -17.51 16.89 7.42
N VAL B 285 -16.74 16.32 6.49
CA VAL B 285 -16.96 14.93 6.09
C VAL B 285 -16.66 14.00 7.26
N TYR B 286 -15.56 14.24 7.97
CA TYR B 286 -15.21 13.38 9.09
C TYR B 286 -16.28 13.43 10.17
N LEU B 287 -16.85 14.62 10.39
CA LEU B 287 -17.91 14.75 11.38
C LEU B 287 -19.11 13.88 11.04
N CYS B 288 -19.51 13.85 9.76
CA CYS B 288 -20.68 13.07 9.37
C CYS B 288 -20.41 11.58 9.49
N GLU B 289 -19.20 11.14 9.16
CA GLU B 289 -18.87 9.73 9.32
C GLU B 289 -18.88 9.34 10.80
N ALA B 290 -18.42 10.24 11.67
CA ALA B 290 -18.43 9.95 13.10
C ALA B 290 -19.85 9.94 13.66
N LEU B 291 -20.80 10.61 13.00
CA LEU B 291 -22.17 10.67 13.47
C LEU B 291 -23.09 9.70 12.70
N ASN B 292 -22.52 8.70 12.04
CA ASN B 292 -23.30 7.70 11.30
C ASN B 292 -24.20 8.35 10.28
N LEU B 293 -23.63 9.29 9.52
CA LEU B 293 -24.32 9.98 8.43
C LEU B 293 -23.50 9.80 7.14
N PRO B 294 -23.43 8.57 6.62
CA PRO B 294 -22.59 8.35 5.43
C PRO B 294 -23.13 9.02 4.17
N GLU B 295 -24.46 9.17 4.03
CA GLU B 295 -24.98 9.87 2.86
C GLU B 295 -24.53 11.32 2.82
N VAL B 296 -24.52 11.99 3.98
CA VAL B 296 -24.09 13.38 4.01
C VAL B 296 -22.59 13.48 3.79
N ALA B 297 -21.83 12.51 4.30
CA ALA B 297 -20.39 12.54 4.12
C ALA B 297 -20.02 12.44 2.65
N ARG B 298 -20.55 11.44 1.95
CA ARG B 298 -20.21 11.29 0.55
C ARG B 298 -20.78 12.40 -0.31
N TYR B 299 -21.79 13.12 0.19
CA TYR B 299 -22.28 14.28 -0.53
C TYR B 299 -21.21 15.37 -0.59
N TRP B 300 -20.66 15.76 0.58
CA TRP B 300 -19.66 16.81 0.62
C TRP B 300 -18.29 16.35 0.15
N GLN B 301 -18.01 15.04 0.19
CA GLN B 301 -16.74 14.55 -0.32
C GLN B 301 -16.59 14.84 -1.82
N GLN B 302 -17.71 14.94 -2.56
CA GLN B 302 -17.62 15.23 -3.98
C GLN B 302 -16.99 16.59 -4.25
N VAL B 303 -17.08 17.53 -3.29
CA VAL B 303 -16.43 18.82 -3.47
C VAL B 303 -14.91 18.66 -3.53
N ILE B 304 -14.35 17.77 -2.70
CA ILE B 304 -12.91 17.55 -2.72
C ILE B 304 -12.52 16.70 -3.91
N ASP B 305 -13.28 15.64 -4.18
CA ASP B 305 -12.97 14.77 -5.31
C ASP B 305 -13.01 15.54 -6.63
N MET B 306 -13.97 16.46 -6.75
CA MET B 306 -14.03 17.28 -7.95
C MET B 306 -12.82 18.19 -8.06
N ASN B 307 -12.37 18.74 -6.93
CA ASN B 307 -11.20 19.62 -6.95
C ASN B 307 -9.93 18.84 -7.25
N ASP B 308 -9.82 17.62 -6.74
CA ASP B 308 -8.68 16.78 -7.10
C ASP B 308 -8.74 16.36 -8.56
N TYR B 309 -9.95 16.08 -9.05
CA TYR B 309 -10.10 15.73 -10.47
C TYR B 309 -9.71 16.89 -11.37
N GLN B 310 -10.05 18.12 -10.96
CA GLN B 310 -9.72 19.28 -11.77
C GLN B 310 -8.21 19.44 -11.93
N ARG B 311 -7.46 19.23 -10.84
CA ARG B 311 -6.01 19.36 -10.91
C ARG B 311 -5.39 18.26 -11.75
N ARG B 312 -5.79 17.01 -11.49
CA ARG B 312 -5.20 15.89 -12.21
C ARG B 312 -5.56 15.93 -13.70
N ARG B 313 -6.78 16.37 -14.02
CA ARG B 313 -7.18 16.48 -15.42
C ARG B 313 -6.35 17.54 -16.14
N PHE B 314 -6.08 18.66 -15.47
CA PHE B 314 -5.27 19.72 -16.08
C PHE B 314 -3.85 19.24 -16.33
N ALA B 315 -3.27 18.52 -15.38
CA ALA B 315 -1.92 18.00 -15.59
C ALA B 315 -1.90 16.94 -16.68
N SER B 316 -2.98 16.17 -16.83
CA SER B 316 -2.99 15.15 -17.88
C SER B 316 -3.06 15.77 -19.27
N ARG B 317 -3.77 16.89 -19.41
CA ARG B 317 -3.79 17.57 -20.70
C ARG B 317 -2.40 18.04 -21.10
N ILE B 318 -1.61 18.51 -20.13
CA ILE B 318 -0.26 18.95 -20.43
C ILE B 318 0.59 17.78 -20.88
N ILE B 319 0.51 16.65 -20.18
CA ILE B 319 1.32 15.50 -20.52
C ILE B 319 0.88 14.89 -21.85
N ASP B 320 -0.44 14.80 -22.07
CA ASP B 320 -0.93 14.27 -23.34
CA ASP B 320 -0.93 14.27 -23.34
C ASP B 320 -0.53 15.15 -24.51
N SER B 321 -0.54 16.48 -24.32
CA SER B 321 -0.14 17.37 -25.40
C SER B 321 1.36 17.25 -25.69
N LEU B 322 2.16 16.95 -24.67
CA LEU B 322 3.59 16.72 -24.83
C LEU B 322 3.92 15.28 -25.20
N PHE B 323 3.04 14.61 -25.94
CA PHE B 323 3.27 13.27 -26.49
C PHE B 323 3.48 12.23 -25.39
N ASN B 324 2.87 12.44 -24.24
CA ASN B 324 2.92 11.50 -23.11
C ASN B 324 4.35 11.21 -22.66
N THR B 325 5.26 12.15 -22.90
CA THR B 325 6.63 12.04 -22.42
C THR B 325 7.15 13.43 -22.10
N VAL B 326 7.57 13.63 -20.84
CA VAL B 326 8.04 14.94 -20.40
C VAL B 326 9.41 14.78 -19.78
N THR B 327 10.05 13.65 -20.03
CA THR B 327 11.37 13.41 -19.46
C THR B 327 12.39 14.40 -20.02
N ASP B 328 13.05 15.12 -19.11
CA ASP B 328 14.09 16.10 -19.47
C ASP B 328 13.57 17.21 -20.37
N LYS B 329 12.27 17.50 -20.27
CA LYS B 329 11.67 18.60 -21.01
C LYS B 329 11.53 19.81 -20.09
N LYS B 330 11.84 20.99 -20.62
CA LYS B 330 11.75 22.23 -19.85
C LYS B 330 10.32 22.76 -19.90
N ILE B 331 9.73 22.94 -18.72
CA ILE B 331 8.37 23.47 -18.60
C ILE B 331 8.42 24.67 -17.67
N ALA B 332 7.82 25.77 -18.12
CA ALA B 332 7.76 26.99 -17.33
C ALA B 332 6.50 26.99 -16.48
N ILE B 333 6.65 27.11 -15.17
CA ILE B 333 5.54 27.17 -14.24
C ILE B 333 5.43 28.61 -13.76
N LEU B 334 4.42 29.33 -14.27
CA LEU B 334 4.21 30.73 -13.91
C LEU B 334 3.13 30.79 -12.83
N GLY B 335 3.53 31.14 -11.62
CA GLY B 335 2.60 31.25 -10.51
C GLY B 335 2.62 30.06 -9.59
N PHE B 336 2.85 30.31 -8.30
CA PHE B 336 2.91 29.25 -7.31
C PHE B 336 1.98 29.43 -6.12
N ALA B 337 1.57 30.66 -5.81
CA ALA B 337 0.63 30.88 -4.72
C ALA B 337 -0.75 30.37 -5.11
N PHE B 338 -1.57 30.07 -4.10
CA PHE B 338 -2.90 29.52 -4.36
C PHE B 338 -3.85 30.54 -4.97
N LYS B 339 -3.52 31.83 -4.89
CA LYS B 339 -4.26 32.87 -5.57
C LYS B 339 -3.31 34.03 -5.84
N LYS B 340 -3.82 35.07 -6.50
CA LYS B 340 -2.98 36.20 -6.86
C LYS B 340 -2.86 37.18 -5.69
N ASP B 341 -1.85 38.05 -5.78
CA ASP B 341 -1.63 39.13 -4.81
C ASP B 341 -1.42 38.57 -3.40
N THR B 342 -0.59 37.54 -3.31
CA THR B 342 -0.23 36.93 -2.03
C THR B 342 0.99 36.06 -2.22
N GLY B 343 1.59 35.65 -1.10
CA GLY B 343 2.73 34.77 -1.12
C GLY B 343 2.44 33.44 -0.44
N ASP B 344 1.18 33.24 -0.06
CA ASP B 344 0.76 32.02 0.61
C ASP B 344 0.64 30.88 -0.40
N THR B 345 1.26 29.74 -0.09
CA THR B 345 1.21 28.57 -0.95
C THR B 345 0.63 27.36 -0.22
N ARG B 346 -0.28 27.59 0.72
CA ARG B 346 -0.90 26.50 1.45
C ARG B 346 -1.99 25.86 0.60
N GLU B 347 -1.83 24.57 0.30
CA GLU B 347 -2.76 23.82 -0.54
C GLU B 347 -2.94 24.46 -1.91
N SER B 348 -1.88 25.08 -2.43
CA SER B 348 -1.94 25.70 -3.75
C SER B 348 -1.99 24.65 -4.85
N SER B 349 -2.83 24.89 -5.86
CA SER B 349 -2.92 23.95 -6.97
C SER B 349 -1.61 23.84 -7.74
N SER B 350 -0.75 24.86 -7.65
CA SER B 350 0.55 24.80 -8.33
C SER B 350 1.44 23.72 -7.73
N ILE B 351 1.23 23.37 -6.47
CA ILE B 351 2.03 22.32 -5.85
C ILE B 351 1.71 20.98 -6.49
N TYR B 352 0.43 20.70 -6.72
CA TYR B 352 0.03 19.41 -7.27
C TYR B 352 0.31 19.31 -8.76
N ILE B 353 0.08 20.39 -9.50
CA ILE B 353 0.44 20.39 -10.92
C ILE B 353 1.93 20.18 -11.09
N SER B 354 2.73 20.79 -10.20
CA SER B 354 4.17 20.61 -10.27
C SER B 354 4.57 19.17 -9.98
N LYS B 355 4.01 18.59 -8.91
CA LYS B 355 4.37 17.22 -8.55
C LYS B 355 3.90 16.23 -9.60
N TYR B 356 2.75 16.48 -10.25
CA TYR B 356 2.31 15.62 -11.33
C TYR B 356 3.29 15.67 -12.51
N LEU B 357 3.82 16.85 -12.81
CA LEU B 357 4.82 16.96 -13.87
C LEU B 357 6.17 16.43 -13.41
N MET B 358 6.46 16.52 -12.11
CA MET B 358 7.71 15.97 -11.60
C MET B 358 7.71 14.44 -11.64
N ASP B 359 6.53 13.82 -11.52
CA ASP B 359 6.43 12.37 -11.64
C ASP B 359 6.70 11.88 -13.06
N GLU B 360 6.71 12.78 -14.04
CA GLU B 360 7.09 12.43 -15.40
C GLU B 360 8.56 12.72 -15.69
N GLY B 361 9.32 13.16 -14.70
CA GLY B 361 10.71 13.49 -14.91
C GLY B 361 10.92 14.78 -15.69
N ALA B 362 10.10 15.79 -15.41
CA ALA B 362 10.17 17.05 -16.14
C ALA B 362 11.14 18.02 -15.44
N HIS B 363 11.66 18.95 -16.23
CA HIS B 363 12.52 20.02 -15.73
C HIS B 363 11.65 21.26 -15.61
N LEU B 364 11.19 21.53 -14.39
CA LEU B 364 10.31 22.66 -14.13
C LEU B 364 11.11 23.90 -13.81
N HIS B 365 10.76 25.02 -14.45
CA HIS B 365 11.32 26.33 -14.15
C HIS B 365 10.17 27.18 -13.62
N ILE B 366 10.14 27.35 -12.30
CA ILE B 366 9.02 27.98 -11.61
C ILE B 366 9.31 29.44 -11.38
N TYR B 367 8.30 30.28 -11.57
CA TYR B 367 8.40 31.71 -11.28
C TYR B 367 7.14 32.18 -10.60
N ASP B 368 7.31 33.02 -9.56
CA ASP B 368 6.22 33.67 -8.87
C ASP B 368 6.79 34.98 -8.34
N PRO B 369 6.11 36.11 -8.57
CA PRO B 369 6.69 37.41 -8.19
C PRO B 369 6.78 37.64 -6.70
N LYS B 370 5.95 36.99 -5.89
CA LYS B 370 5.92 37.26 -4.46
C LYS B 370 6.29 36.07 -3.60
N VAL B 371 6.11 34.85 -4.07
CA VAL B 371 6.42 33.66 -3.26
C VAL B 371 7.93 33.57 -3.09
N PRO B 372 8.43 33.43 -1.86
CA PRO B 372 9.88 33.33 -1.66
C PRO B 372 10.44 32.06 -2.27
N ARG B 373 11.75 32.07 -2.51
CA ARG B 373 12.40 30.95 -3.18
C ARG B 373 12.45 29.73 -2.27
N GLU B 374 12.58 29.92 -0.96
CA GLU B 374 12.68 28.78 -0.06
C GLU B 374 11.34 28.09 0.15
N GLN B 375 10.24 28.79 -0.04
CA GLN B 375 8.93 28.18 0.15
C GLN B 375 8.63 27.17 -0.95
N ILE B 376 9.09 27.44 -2.17
CA ILE B 376 8.84 26.54 -3.29
C ILE B 376 9.58 25.22 -3.08
N VAL B 377 10.81 25.29 -2.55
CA VAL B 377 11.59 24.07 -2.35
C VAL B 377 10.98 23.22 -1.23
N VAL B 378 10.40 23.84 -0.21
CA VAL B 378 9.82 23.08 0.89
C VAL B 378 8.52 22.41 0.45
N ASP B 379 7.67 23.15 -0.27
CA ASP B 379 6.38 22.61 -0.69
C ASP B 379 6.52 21.48 -1.71
N LEU B 380 7.64 21.40 -2.41
CA LEU B 380 7.85 20.37 -3.41
C LEU B 380 8.65 19.17 -2.88
N SER B 381 9.01 19.17 -1.60
CA SER B 381 9.74 18.08 -0.99
C SER B 381 8.79 17.17 -0.22
N HIS B 382 9.34 16.13 0.38
CA HIS B 382 8.54 15.18 1.15
C HIS B 382 8.12 15.76 2.50
N ASP B 389 16.07 15.89 -2.39
CA ASP B 389 16.73 15.06 -3.38
C ASP B 389 16.05 15.17 -4.74
N GLN B 390 14.76 14.87 -4.77
CA GLN B 390 13.98 14.93 -6.01
C GLN B 390 13.87 16.36 -6.51
N VAL B 391 13.84 17.34 -5.61
CA VAL B 391 13.69 18.74 -6.00
C VAL B 391 14.92 19.25 -6.72
N SER B 392 16.11 18.84 -6.26
CA SER B 392 17.34 19.36 -6.84
C SER B 392 17.53 18.94 -8.30
N ARG B 393 17.01 17.77 -8.67
CA ARG B 393 17.23 17.26 -10.02
C ARG B 393 16.27 17.89 -11.04
N LEU B 394 15.04 18.19 -10.62
CA LEU B 394 13.99 18.57 -11.57
C LEU B 394 13.53 20.02 -11.45
N VAL B 395 13.74 20.67 -10.31
CA VAL B 395 13.18 21.99 -10.04
C VAL B 395 14.26 23.05 -10.18
N THR B 396 13.92 24.12 -10.91
CA THR B 396 14.76 25.31 -11.03
C THR B 396 13.88 26.53 -10.84
N ILE B 397 14.31 27.47 -10.00
CA ILE B 397 13.50 28.64 -9.69
C ILE B 397 14.08 29.84 -10.42
N SER B 398 13.28 30.41 -11.32
CA SER B 398 13.70 31.53 -12.15
C SER B 398 13.39 32.86 -11.48
N LYS B 399 14.27 33.85 -11.73
CA LYS B 399 14.10 35.18 -11.17
C LYS B 399 13.12 36.03 -11.99
N ASP B 400 12.85 35.65 -13.23
CA ASP B 400 11.91 36.37 -14.09
C ASP B 400 11.22 35.36 -14.99
N PRO B 401 10.07 35.72 -15.57
CA PRO B 401 9.35 34.74 -16.43
C PRO B 401 10.13 34.31 -17.66
N TYR B 402 10.82 35.24 -18.32
CA TYR B 402 11.49 34.91 -19.57
C TYR B 402 12.63 33.92 -19.36
N GLU B 403 13.32 33.97 -18.22
CA GLU B 403 14.33 32.97 -17.95
C GLU B 403 13.73 31.58 -17.78
N ALA B 404 12.50 31.49 -17.28
CA ALA B 404 11.81 30.22 -17.17
C ALA B 404 11.30 29.70 -18.51
N CYS B 405 11.07 30.58 -19.48
CA CYS B 405 10.59 30.19 -20.80
C CYS B 405 11.69 30.19 -21.85
N ASP B 406 12.94 30.09 -21.43
CA ASP B 406 14.08 30.07 -22.34
C ASP B 406 14.36 28.63 -22.71
N GLY B 407 13.84 28.19 -23.86
CA GLY B 407 13.99 26.81 -24.27
C GLY B 407 13.00 25.86 -23.65
N ALA B 408 11.80 26.33 -23.32
CA ALA B 408 10.78 25.51 -22.70
C ALA B 408 9.79 25.00 -23.74
N HIS B 409 9.22 23.82 -23.47
CA HIS B 409 8.24 23.24 -24.39
C HIS B 409 6.86 23.84 -24.20
N ALA B 410 6.49 24.18 -22.96
CA ALA B 410 5.17 24.68 -22.68
C ALA B 410 5.23 25.69 -21.54
N VAL B 411 4.23 26.56 -21.49
CA VAL B 411 4.07 27.55 -20.43
C VAL B 411 2.76 27.25 -19.72
N VAL B 412 2.84 27.03 -18.41
CA VAL B 412 1.68 26.69 -17.60
C VAL B 412 1.42 27.83 -16.63
N ILE B 413 0.20 28.36 -16.65
CA ILE B 413 -0.20 29.45 -15.77
C ILE B 413 -1.12 28.86 -14.70
N CYS B 414 -0.65 28.86 -13.46
CA CYS B 414 -1.39 28.29 -12.35
C CYS B 414 -1.90 29.32 -11.36
N THR B 415 -1.49 30.57 -11.47
CA THR B 415 -1.94 31.62 -10.57
C THR B 415 -2.31 32.85 -11.39
N GLU B 416 -3.47 33.45 -11.08
CA GLU B 416 -4.04 34.54 -11.87
C GLU B 416 -3.34 35.88 -11.66
N TRP B 417 -2.01 35.89 -11.61
CA TRP B 417 -1.28 37.16 -11.49
C TRP B 417 -1.55 38.03 -12.70
N ASP B 418 -1.83 39.32 -12.45
CA ASP B 418 -2.16 40.24 -13.52
C ASP B 418 -0.99 40.49 -14.47
N MET B 419 0.25 40.28 -14.00
CA MET B 419 1.40 40.55 -14.86
C MET B 419 1.53 39.55 -15.99
N PHE B 420 1.03 38.33 -15.79
CA PHE B 420 1.10 37.32 -16.84
C PHE B 420 0.29 37.70 -18.06
N LYS B 421 -0.72 38.57 -17.89
CA LYS B 421 -1.53 38.99 -19.02
C LYS B 421 -0.77 39.95 -19.93
N GLU B 422 0.21 40.68 -19.38
CA GLU B 422 0.90 41.74 -20.09
C GLU B 422 2.30 41.33 -20.56
N LEU B 423 2.59 40.04 -20.59
CA LEU B 423 3.91 39.59 -21.01
C LEU B 423 4.05 39.71 -22.52
N ASP B 424 5.30 39.75 -22.97
CA ASP B 424 5.63 39.84 -24.39
C ASP B 424 5.71 38.41 -24.93
N TYR B 425 4.58 37.91 -25.42
CA TYR B 425 4.54 36.54 -25.92
C TYR B 425 5.21 36.40 -27.28
N GLU B 426 5.46 37.51 -27.98
CA GLU B 426 6.22 37.43 -29.21
C GLU B 426 7.67 37.05 -28.94
N ARG B 427 8.25 37.62 -27.87
CA ARG B 427 9.62 37.27 -27.49
C ARG B 427 9.71 35.86 -26.94
N ILE B 428 8.71 35.45 -26.15
CA ILE B 428 8.74 34.13 -25.54
C ILE B 428 8.70 33.03 -26.59
N HIS B 429 7.88 33.21 -27.62
CA HIS B 429 7.72 32.19 -28.65
C HIS B 429 9.01 31.98 -29.44
N LYS B 430 9.84 33.01 -29.56
CA LYS B 430 11.05 32.90 -30.36
C LYS B 430 12.06 31.94 -29.74
N LYS B 431 12.11 31.85 -28.42
CA LYS B 431 13.07 30.99 -27.73
C LYS B 431 12.41 29.75 -27.12
N MET B 432 11.20 29.42 -27.55
CA MET B 432 10.53 28.19 -27.13
C MET B 432 10.67 27.13 -28.21
N LEU B 433 10.75 25.87 -27.77
CA LEU B 433 10.81 24.76 -28.72
C LEU B 433 9.44 24.54 -29.35
N LYS B 434 9.45 24.07 -30.59
CA LYS B 434 8.18 23.92 -31.28
C LYS B 434 7.74 22.46 -31.32
N PRO B 435 6.45 22.17 -31.18
CA PRO B 435 5.39 23.18 -31.01
C PRO B 435 5.33 23.75 -29.59
N ALA B 436 5.03 25.04 -29.49
CA ALA B 436 4.99 25.75 -28.22
C ALA B 436 3.56 25.79 -27.70
N PHE B 437 3.37 25.38 -26.44
CA PHE B 437 2.06 25.31 -25.83
C PHE B 437 1.93 26.32 -24.71
N ILE B 438 0.69 26.77 -24.51
CA ILE B 438 0.32 27.61 -23.36
C ILE B 438 -0.91 26.98 -22.74
N PHE B 439 -0.83 26.64 -21.46
CA PHE B 439 -1.94 26.04 -20.73
C PHE B 439 -2.39 27.07 -19.69
N ASP B 440 -3.50 27.74 -19.98
CA ASP B 440 -4.04 28.79 -19.14
C ASP B 440 -4.99 28.16 -18.14
N GLY B 441 -4.51 27.95 -16.91
CA GLY B 441 -5.32 27.36 -15.87
C GLY B 441 -6.14 28.33 -15.06
N ARG B 442 -6.22 29.60 -15.49
CA ARG B 442 -6.95 30.61 -14.74
C ARG B 442 -7.80 31.52 -15.61
N ARG B 443 -7.89 31.27 -16.92
CA ARG B 443 -8.68 32.08 -17.85
C ARG B 443 -8.23 33.55 -17.82
N VAL B 444 -6.93 33.77 -17.74
CA VAL B 444 -6.39 35.13 -17.73
C VAL B 444 -6.12 35.67 -19.13
N LEU B 445 -5.97 34.79 -20.14
CA LEU B 445 -5.69 35.21 -21.49
C LEU B 445 -6.95 35.27 -22.35
N ASP B 446 -8.13 35.34 -21.72
CA ASP B 446 -9.38 35.44 -22.45
C ASP B 446 -9.44 36.74 -23.23
N GLY B 447 -9.30 36.65 -24.54
CA GLY B 447 -9.22 37.80 -25.42
C GLY B 447 -7.95 37.83 -26.24
N LEU B 448 -6.96 37.01 -25.90
CA LEU B 448 -5.70 36.96 -26.61
C LEU B 448 -5.53 35.66 -27.39
N HIS B 449 -6.61 34.88 -27.56
CA HIS B 449 -6.48 33.61 -28.25
C HIS B 449 -6.12 33.79 -29.72
N ASN B 450 -6.76 34.75 -30.39
CA ASN B 450 -6.47 34.96 -31.81
C ASN B 450 -5.07 35.50 -32.02
N GLU B 451 -4.60 36.35 -31.09
CA GLU B 451 -3.26 36.89 -31.21
C GLU B 451 -2.20 35.82 -30.95
N LEU B 452 -2.37 35.03 -29.88
CA LEU B 452 -1.38 34.03 -29.54
C LEU B 452 -1.28 32.94 -30.59
N GLN B 453 -2.37 32.64 -31.29
CA GLN B 453 -2.33 31.62 -32.33
C GLN B 453 -1.61 32.12 -33.57
N THR B 454 -1.78 33.39 -33.91
CA THR B 454 -1.07 33.94 -35.07
C THR B 454 0.42 34.04 -34.80
N ILE B 455 0.83 34.21 -33.54
CA ILE B 455 2.24 34.19 -33.21
C ILE B 455 2.82 32.80 -33.41
N GLY B 456 2.04 31.77 -33.08
CA GLY B 456 2.48 30.40 -33.25
C GLY B 456 2.17 29.50 -32.08
N PHE B 457 1.57 30.07 -31.03
CA PHE B 457 1.24 29.30 -29.84
C PHE B 457 -0.02 28.46 -30.07
N GLN B 458 -0.01 27.25 -29.53
CA GLN B 458 -1.22 26.44 -29.37
C GLN B 458 -1.65 26.63 -27.93
N ILE B 459 -2.69 27.43 -27.72
CA ILE B 459 -3.14 27.80 -26.39
C ILE B 459 -4.35 26.96 -26.01
N GLU B 460 -4.31 26.35 -24.83
CA GLU B 460 -5.43 25.62 -24.28
C GLU B 460 -5.73 26.16 -22.90
N THR B 461 -7.00 26.14 -22.52
CA THR B 461 -7.41 26.73 -21.26
C THR B 461 -8.57 25.94 -20.68
N ILE B 462 -8.83 26.18 -19.39
CA ILE B 462 -9.88 25.48 -18.67
C ILE B 462 -11.24 25.93 -19.21
N GLY B 463 -12.08 24.97 -19.58
CA GLY B 463 -13.44 25.27 -19.96
C GLY B 463 -13.62 25.81 -21.37
N LYS B 464 -12.72 25.47 -22.29
CA LYS B 464 -12.86 25.84 -23.69
C LYS B 464 -12.33 24.71 -24.56
N LYS B 465 -13.14 24.29 -25.52
CA LYS B 465 -12.74 23.21 -26.41
C LYS B 465 -11.62 23.66 -27.34
N VAL B 466 -10.62 22.80 -27.51
CA VAL B 466 -9.48 23.10 -28.37
C VAL B 466 -9.89 23.15 -29.84
N SER B 467 -9.38 24.15 -30.56
CA SER B 467 -9.69 24.30 -31.98
C SER B 467 -8.64 23.61 -32.85
N SER B 468 -8.65 23.95 -34.13
CA SER B 468 -7.70 23.36 -35.08
C SER B 468 -7.89 23.94 -36.47
N MET C 1 -1.14 -56.02 23.03
CA MET C 1 0.07 -56.56 22.42
C MET C 1 1.33 -55.89 22.96
N PHE C 2 1.82 -54.88 22.25
CA PHE C 2 3.04 -54.19 22.63
C PHE C 2 2.81 -53.30 23.86
N GLU C 3 3.82 -53.25 24.73
CA GLU C 3 3.79 -52.41 25.92
C GLU C 3 4.93 -51.41 25.86
N ILE C 4 4.64 -50.16 26.23
CA ILE C 4 5.61 -49.08 26.17
C ILE C 4 6.31 -48.96 27.52
N LYS C 5 7.64 -48.99 27.50
CA LYS C 5 8.46 -48.93 28.71
C LYS C 5 9.40 -47.73 28.75
N LYS C 6 9.83 -47.22 27.60
CA LYS C 6 10.73 -46.08 27.54
C LYS C 6 10.11 -45.01 26.65
N ILE C 7 10.14 -43.76 27.12
CA ILE C 7 9.46 -42.65 26.46
C ILE C 7 10.51 -41.61 26.06
N CYS C 8 10.41 -41.14 24.82
CA CYS C 8 11.20 -40.01 24.35
C CYS C 8 10.25 -38.91 23.91
N CYS C 9 10.60 -37.66 24.24
CA CYS C 9 9.78 -36.50 23.91
C CYS C 9 10.68 -35.43 23.30
N ILE C 10 10.47 -35.13 22.03
CA ILE C 10 11.25 -34.10 21.35
C ILE C 10 10.60 -32.76 21.68
N GLY C 11 11.32 -31.91 22.39
CA GLY C 11 10.80 -30.62 22.78
C GLY C 11 10.47 -30.52 24.26
N ALA C 12 11.18 -29.65 24.97
CA ALA C 12 10.96 -29.48 26.40
C ALA C 12 10.30 -28.14 26.70
N VAL C 15 4.99 -27.66 27.01
CA VAL C 15 4.01 -28.61 26.50
C VAL C 15 4.42 -30.05 26.78
N GLY C 16 5.51 -30.48 26.15
CA GLY C 16 5.98 -31.85 26.35
C GLY C 16 6.64 -32.07 27.68
N GLY C 17 7.17 -31.02 28.29
CA GLY C 17 7.81 -31.11 29.58
C GLY C 17 6.86 -31.57 30.66
N PRO C 18 5.85 -30.74 30.98
CA PRO C 18 4.89 -31.14 32.03
C PRO C 18 4.12 -32.40 31.72
N THR C 19 3.81 -32.65 30.44
CA THR C 19 3.05 -33.85 30.10
C THR C 19 3.83 -35.12 30.43
N CYS C 20 5.13 -35.13 30.10
CA CYS C 20 5.95 -36.31 30.36
C CYS C 20 6.34 -36.44 31.82
N SER C 21 6.43 -35.32 32.55
CA SER C 21 6.69 -35.40 33.98
C SER C 21 5.55 -36.07 34.72
N VAL C 22 4.32 -35.82 34.29
CA VAL C 22 3.17 -36.48 34.90
C VAL C 22 3.15 -37.97 34.54
N ILE C 23 3.55 -38.29 33.30
CA ILE C 23 3.61 -39.69 32.89
C ILE C 23 4.63 -40.44 33.73
N ALA C 24 5.81 -39.85 33.93
CA ALA C 24 6.82 -40.48 34.77
C ALA C 24 6.39 -40.54 36.23
N HIS C 25 5.55 -39.60 36.68
CA HIS C 25 5.11 -39.58 38.06
C HIS C 25 4.01 -40.60 38.32
N MET C 26 3.23 -40.95 37.30
CA MET C 26 2.15 -41.93 37.44
C MET C 26 2.50 -43.28 36.83
N CYS C 27 3.67 -43.40 36.21
CA CYS C 27 4.13 -44.67 35.63
C CYS C 27 5.56 -44.89 36.09
N PRO C 28 5.75 -45.38 37.33
CA PRO C 28 7.11 -45.57 37.83
C PRO C 28 7.91 -46.61 37.07
N GLU C 29 7.26 -47.55 36.39
CA GLU C 29 7.95 -48.58 35.64
C GLU C 29 8.28 -48.16 34.21
N ILE C 30 7.96 -46.93 33.83
CA ILE C 30 8.23 -46.41 32.49
C ILE C 30 9.31 -45.36 32.58
N ARG C 31 10.32 -45.48 31.71
CA ARG C 31 11.44 -44.53 31.65
C ARG C 31 11.07 -43.39 30.72
N VAL C 32 11.04 -42.17 31.24
CA VAL C 32 10.66 -40.99 30.47
C VAL C 32 11.88 -40.10 30.31
N THR C 33 12.28 -39.87 29.06
CA THR C 33 13.43 -39.04 28.73
C THR C 33 12.97 -37.90 27.83
N VAL C 34 13.06 -36.67 28.31
CA VAL C 34 12.69 -35.48 27.56
C VAL C 34 13.95 -34.92 26.91
N VAL C 35 13.91 -34.77 25.59
CA VAL C 35 15.05 -34.27 24.84
C VAL C 35 14.67 -32.99 24.09
N ASP C 36 15.68 -32.20 23.75
CA ASP C 36 15.49 -30.96 23.02
C ASP C 36 16.83 -30.56 22.42
N VAL C 37 16.77 -29.88 21.27
CA VAL C 37 17.97 -29.43 20.61
C VAL C 37 18.59 -28.24 21.35
N ASN C 38 17.80 -27.53 22.15
CA ASN C 38 18.28 -26.38 22.89
C ASN C 38 18.92 -26.85 24.19
N GLU C 39 20.21 -26.59 24.35
CA GLU C 39 20.92 -27.01 25.55
C GLU C 39 20.50 -26.19 26.77
N SER C 40 20.07 -24.94 26.56
CA SER C 40 19.71 -24.08 27.68
C SER C 40 18.48 -24.60 28.43
N ARG C 41 17.52 -25.21 27.72
CA ARG C 41 16.34 -25.74 28.40
C ARG C 41 16.67 -26.99 29.22
N ILE C 42 17.45 -27.91 28.64
CA ILE C 42 17.72 -29.18 29.30
C ILE C 42 18.46 -28.97 30.61
N ASN C 43 19.48 -28.10 30.61
CA ASN C 43 20.21 -27.82 31.83
C ASN C 43 19.33 -27.12 32.86
N ALA C 44 18.32 -26.37 32.42
CA ALA C 44 17.42 -25.71 33.34
C ALA C 44 16.51 -26.70 34.06
N TRP C 45 16.09 -27.75 33.36
CA TRP C 45 15.24 -28.76 33.98
C TRP C 45 15.99 -29.56 35.04
N ASN C 46 17.27 -29.83 34.83
CA ASN C 46 18.07 -30.58 35.79
C ASN C 46 18.54 -29.73 36.96
N SER C 47 18.28 -28.42 36.95
CA SER C 47 18.63 -27.53 38.04
C SER C 47 17.45 -27.36 38.99
N PRO C 48 17.70 -27.01 40.26
CA PRO C 48 16.61 -26.76 41.21
C PRO C 48 15.81 -25.49 40.87
N LEU C 50 13.40 -24.86 37.62
CA LEU C 50 12.81 -25.23 36.33
C LEU C 50 12.64 -24.00 35.45
N PRO C 51 12.68 -24.19 34.13
CA PRO C 51 12.53 -23.03 33.23
C PRO C 51 11.12 -22.47 33.20
N ILE C 52 10.10 -23.29 33.39
CA ILE C 52 8.71 -22.83 33.42
C ILE C 52 8.15 -23.02 34.82
N TYR C 53 7.25 -22.13 35.21
CA TYR C 53 6.65 -22.12 36.54
C TYR C 53 5.19 -22.56 36.43
N GLU C 54 4.95 -23.83 36.74
CA GLU C 54 3.61 -24.36 36.87
C GLU C 54 3.37 -24.83 38.30
N PRO C 55 2.19 -24.58 38.87
CA PRO C 55 1.94 -24.98 40.25
C PRO C 55 1.99 -26.49 40.40
N GLY C 56 2.71 -26.94 41.42
CA GLY C 56 2.88 -28.36 41.68
C GLY C 56 3.79 -29.08 40.71
N LEU C 57 4.57 -28.36 39.91
CA LEU C 57 5.46 -29.00 38.96
C LEU C 57 6.79 -29.38 39.60
N LYS C 58 7.28 -28.56 40.54
CA LYS C 58 8.54 -28.88 41.21
C LYS C 58 8.42 -30.17 42.01
N GLU C 59 7.28 -30.39 42.66
CA GLU C 59 7.08 -31.62 43.41
C GLU C 59 7.05 -32.84 42.48
N VAL C 60 6.49 -32.69 41.29
CA VAL C 60 6.40 -33.82 40.37
C VAL C 60 7.76 -34.13 39.76
N VAL C 61 8.53 -33.10 39.42
CA VAL C 61 9.82 -33.32 38.77
C VAL C 61 10.80 -33.95 39.76
N GLU C 62 10.95 -33.36 40.94
CA GLU C 62 11.89 -33.86 41.93
C GLU C 62 11.52 -35.25 42.44
N SER C 63 10.26 -35.66 42.29
CA SER C 63 9.83 -36.99 42.71
C SER C 63 10.27 -38.10 41.77
N CYS C 64 10.73 -37.75 40.57
CA CYS C 64 11.14 -38.75 39.59
CA CYS C 64 11.16 -38.77 39.62
C CYS C 64 12.38 -38.37 38.79
N ARG C 65 12.91 -37.17 38.96
CA ARG C 65 14.11 -36.76 38.23
C ARG C 65 15.30 -37.55 38.77
N GLY C 66 15.63 -38.65 38.10
CA GLY C 66 16.70 -39.51 38.54
C GLY C 66 16.30 -40.98 38.51
N LYS C 67 15.02 -41.24 38.83
CA LYS C 67 14.51 -42.61 38.82
C LYS C 67 14.06 -43.02 37.42
N ASN C 68 13.04 -42.35 36.89
CA ASN C 68 12.54 -42.64 35.56
C ASN C 68 12.29 -41.39 34.73
N LEU C 69 12.63 -40.21 35.25
CA LEU C 69 12.49 -38.95 34.51
C LEU C 69 13.87 -38.36 34.29
N PHE C 70 14.24 -38.17 33.03
CA PHE C 70 15.56 -37.66 32.68
C PHE C 70 15.42 -36.61 31.59
N PHE C 71 16.31 -35.61 31.65
CA PHE C 71 16.39 -34.54 30.66
C PHE C 71 17.76 -34.58 30.02
N SER C 72 17.81 -34.68 28.69
CA SER C 72 19.07 -34.83 27.97
C SER C 72 19.01 -34.05 26.67
N THR C 73 20.19 -33.68 26.18
CA THR C 73 20.36 -33.10 24.84
C THR C 73 20.72 -34.15 23.79
N ASN C 74 20.92 -35.40 24.21
CA ASN C 74 21.27 -36.49 23.30
C ASN C 74 19.98 -37.04 22.71
N ILE C 75 19.56 -36.45 21.59
CA ILE C 75 18.28 -36.83 20.98
C ILE C 75 18.41 -38.15 20.23
N ASP C 76 19.58 -38.43 19.64
CA ASP C 76 19.72 -39.64 18.84
C ASP C 76 19.59 -40.89 19.69
N ASP C 77 20.20 -40.91 20.87
CA ASP C 77 20.15 -42.10 21.72
C ASP C 77 18.76 -42.32 22.30
N ALA C 78 18.04 -41.24 22.61
CA ALA C 78 16.70 -41.40 23.17
C ALA C 78 15.72 -41.94 22.14
N ILE C 79 15.88 -41.55 20.87
CA ILE C 79 15.00 -42.05 19.82
C ILE C 79 15.25 -43.53 19.57
N LYS C 80 16.52 -43.96 19.61
CA LYS C 80 16.85 -45.34 19.31
C LYS C 80 16.32 -46.28 20.40
N GLU C 81 16.33 -45.85 21.65
CA GLU C 81 15.96 -46.70 22.77
C GLU C 81 14.49 -46.67 23.13
N ALA C 82 13.77 -45.61 22.77
CA ALA C 82 12.41 -45.43 23.25
C ALA C 82 11.41 -46.25 22.46
N ASP C 83 10.34 -46.70 23.15
CA ASP C 83 9.24 -47.38 22.50
C ASP C 83 8.20 -46.42 21.94
N LEU C 84 8.03 -45.26 22.58
CA LEU C 84 7.11 -44.23 22.12
C LEU C 84 7.88 -42.93 21.99
N VAL C 85 7.72 -42.25 20.85
CA VAL C 85 8.40 -40.99 20.57
C VAL C 85 7.35 -39.92 20.37
N PHE C 86 7.30 -38.96 21.28
CA PHE C 86 6.42 -37.81 21.17
C PHE C 86 7.07 -36.72 20.33
N ILE C 87 6.26 -36.07 19.51
CA ILE C 87 6.70 -34.91 18.73
C ILE C 87 6.01 -33.71 19.34
N SER C 88 6.73 -32.98 20.18
CA SER C 88 6.20 -31.82 20.90
C SER C 88 6.98 -30.57 20.54
N VAL C 89 7.31 -30.42 19.26
CA VAL C 89 8.01 -29.24 18.77
C VAL C 89 6.98 -28.21 18.36
N ASN C 90 7.32 -26.93 18.55
CA ASN C 90 6.39 -25.86 18.22
C ASN C 90 6.27 -25.69 16.72
N THR C 91 5.05 -25.40 16.26
CA THR C 91 4.75 -25.15 14.86
C THR C 91 4.27 -23.72 14.73
N PRO C 92 5.17 -22.76 14.58
CA PRO C 92 4.77 -21.36 14.54
C PRO C 92 4.06 -21.00 13.25
N THR C 93 3.32 -19.89 13.31
CA THR C 93 2.64 -19.38 12.14
C THR C 93 3.67 -18.87 11.13
N LYS C 94 3.45 -19.18 9.86
CA LYS C 94 4.36 -18.71 8.82
C LYS C 94 4.30 -17.19 8.72
N THR C 95 5.47 -16.59 8.54
CA THR C 95 5.60 -15.14 8.39
C THR C 95 6.15 -14.77 7.02
N TYR C 96 5.85 -15.58 6.01
CA TYR C 96 6.45 -15.42 4.69
C TYR C 96 5.76 -16.37 3.73
N GLY C 97 5.83 -16.02 2.44
CA GLY C 97 5.38 -16.94 1.41
C GLY C 97 3.88 -17.20 1.38
N MET C 98 3.54 -18.37 0.83
CA MET C 98 2.15 -18.78 0.65
C MET C 98 1.55 -19.12 2.02
N GLY C 99 0.58 -18.33 2.45
CA GLY C 99 -0.04 -18.52 3.75
C GLY C 99 0.52 -17.67 4.86
N LYS C 100 1.16 -16.54 4.55
CA LYS C 100 1.75 -15.69 5.57
C LYS C 100 0.70 -15.19 6.55
N GLY C 101 0.97 -15.38 7.84
CA GLY C 101 0.10 -14.92 8.90
C GLY C 101 -1.04 -15.84 9.26
N ARG C 102 -1.21 -16.95 8.55
CA ARG C 102 -2.31 -17.87 8.84
C ARG C 102 -1.85 -19.32 8.85
N ALA C 103 -1.18 -19.75 7.78
CA ALA C 103 -0.72 -21.13 7.68
C ALA C 103 0.36 -21.43 8.72
N LEU C 104 0.47 -22.71 9.08
CA LEU C 104 1.49 -23.16 10.01
C LEU C 104 2.71 -23.67 9.24
N ASP C 105 3.88 -23.48 9.83
CA ASP C 105 5.15 -23.91 9.25
C ASP C 105 5.51 -25.28 9.82
N LEU C 106 5.71 -26.25 8.94
CA LEU C 106 5.98 -27.62 9.33
C LEU C 106 7.46 -27.97 9.28
N LYS C 107 8.35 -26.97 9.30
CA LYS C 107 9.77 -27.26 9.18
C LYS C 107 10.31 -28.00 10.41
N TYR C 108 9.78 -27.69 11.59
CA TYR C 108 10.20 -28.39 12.79
C TYR C 108 9.62 -29.80 12.89
N ILE C 109 8.51 -30.07 12.20
CA ILE C 109 7.99 -31.42 12.13
C ILE C 109 8.68 -32.20 11.02
N GLU C 110 8.98 -31.53 9.90
CA GLU C 110 9.75 -32.16 8.84
C GLU C 110 11.10 -32.65 9.35
N ALA C 111 11.76 -31.83 10.17
CA ALA C 111 13.07 -32.21 10.70
C ALA C 111 12.96 -33.41 11.63
N CYS C 112 11.94 -33.44 12.49
CA CYS C 112 11.77 -34.57 13.39
C CYS C 112 11.46 -35.86 12.63
N ALA C 113 10.60 -35.76 11.61
CA ALA C 113 10.25 -36.96 10.83
C ALA C 113 11.46 -37.53 10.11
N ARG C 114 12.34 -36.66 9.63
CA ARG C 114 13.53 -37.13 8.94
C ARG C 114 14.61 -37.60 9.91
N ARG C 115 14.63 -37.04 11.13
CA ARG C 115 15.59 -37.49 12.13
C ARG C 115 15.09 -38.75 12.84
N ILE C 116 13.78 -38.91 12.99
CA ILE C 116 13.24 -40.13 13.58
C ILE C 116 13.49 -41.31 12.64
N VAL C 117 13.11 -41.19 11.38
CA VAL C 117 13.29 -42.28 10.43
C VAL C 117 14.76 -42.60 10.22
N GLN C 118 15.66 -41.69 10.58
CA GLN C 118 17.09 -41.96 10.45
C GLN C 118 17.61 -42.81 11.60
N ASN C 119 17.42 -42.34 12.83
CA ASN C 119 17.95 -43.02 14.02
C ASN C 119 16.95 -44.01 14.63
N SER C 120 16.25 -44.78 13.81
CA SER C 120 15.27 -45.72 14.33
C SER C 120 15.25 -46.98 13.47
N ASN C 121 15.04 -48.11 14.14
CA ASN C 121 14.86 -49.40 13.49
C ASN C 121 13.80 -50.19 14.23
N GLY C 122 13.11 -51.06 13.50
CA GLY C 122 12.12 -51.93 14.11
C GLY C 122 10.75 -51.27 14.25
N TYR C 123 10.04 -51.59 15.33
CA TYR C 123 8.70 -51.08 15.58
C TYR C 123 8.76 -50.00 16.65
N LYS C 124 8.28 -48.81 16.32
CA LYS C 124 8.18 -47.70 17.25
C LYS C 124 6.92 -46.91 16.93
N ILE C 125 6.41 -46.22 17.95
CA ILE C 125 5.18 -45.45 17.83
C ILE C 125 5.54 -43.97 17.81
N VAL C 126 5.12 -43.28 16.75
CA VAL C 126 5.38 -41.86 16.58
C VAL C 126 4.06 -41.12 16.78
N THR C 127 4.02 -40.23 17.77
CA THR C 127 2.81 -39.52 18.14
C THR C 127 3.08 -38.02 18.11
N GLU C 128 2.26 -37.29 17.37
CA GLU C 128 2.36 -35.84 17.31
C GLU C 128 1.62 -35.24 18.50
N LYS C 129 2.34 -34.48 19.33
CA LYS C 129 1.77 -33.91 20.54
C LYS C 129 1.40 -32.44 20.40
N SER C 130 2.01 -31.73 19.47
CA SER C 130 1.76 -30.30 19.31
C SER C 130 0.54 -30.05 18.42
N THR C 131 0.14 -28.79 18.35
CA THR C 131 -0.97 -28.37 17.50
C THR C 131 -0.49 -28.30 16.05
N VAL C 132 -0.92 -29.26 15.23
CA VAL C 132 -0.48 -29.35 13.85
C VAL C 132 -1.66 -29.08 12.93
N PRO C 133 -1.44 -28.68 11.68
CA PRO C 133 -2.55 -28.56 10.73
C PRO C 133 -3.11 -29.92 10.36
N VAL C 134 -4.33 -29.89 9.81
CA VAL C 134 -4.98 -31.13 9.38
C VAL C 134 -4.18 -31.73 8.23
N ARG C 135 -4.30 -33.06 8.08
CA ARG C 135 -3.60 -33.88 7.08
C ARG C 135 -2.07 -33.78 7.19
N ALA C 136 -1.56 -33.26 8.31
CA ALA C 136 -0.12 -33.26 8.52
C ALA C 136 0.42 -34.66 8.77
N ALA C 137 -0.38 -35.52 9.41
CA ALA C 137 0.06 -36.90 9.62
C ALA C 137 0.20 -37.65 8.31
N GLU C 138 -0.53 -37.24 7.28
CA GLU C 138 -0.33 -37.83 5.95
C GLU C 138 1.06 -37.50 5.42
N SER C 139 1.56 -36.30 5.72
CA SER C 139 2.90 -35.92 5.30
C SER C 139 3.96 -36.72 6.04
N ILE C 140 3.72 -37.01 7.32
CA ILE C 140 4.67 -37.78 8.10
C ILE C 140 4.73 -39.23 7.60
N ARG C 141 3.57 -39.79 7.24
CA ARG C 141 3.56 -41.13 6.67
C ARG C 141 4.27 -41.18 5.32
N ARG C 142 4.18 -40.11 4.54
CA ARG C 142 4.83 -40.08 3.23
C ARG C 142 6.35 -40.04 3.36
N ILE C 143 6.85 -39.33 4.38
CA ILE C 143 8.29 -39.30 4.61
C ILE C 143 8.80 -40.65 5.08
N PHE C 144 8.01 -41.34 5.92
CA PHE C 144 8.42 -42.65 6.39
C PHE C 144 8.40 -43.68 5.26
N ASP C 145 7.41 -43.58 4.37
CA ASP C 145 7.32 -44.54 3.27
C ASP C 145 8.43 -44.30 2.24
N ALA C 146 8.81 -43.03 2.03
CA ALA C 146 9.85 -42.74 1.05
C ALA C 146 11.23 -43.15 1.57
N ASN C 147 11.49 -42.95 2.85
CA ASN C 147 12.77 -43.31 3.47
C ASN C 147 12.68 -44.62 4.24
N THR C 148 12.02 -45.63 3.65
CA THR C 148 11.79 -46.89 4.35
C THR C 148 13.05 -47.76 4.35
N LYS C 149 13.25 -48.47 5.46
CA LYS C 149 14.31 -49.44 5.63
C LYS C 149 13.72 -50.84 5.73
N PRO C 150 14.52 -51.88 5.50
CA PRO C 150 14.02 -53.24 5.72
C PRO C 150 13.70 -53.47 7.19
N ASN C 151 12.55 -54.11 7.44
CA ASN C 151 12.09 -54.41 8.79
C ASN C 151 11.87 -53.14 9.60
N LEU C 152 11.31 -52.12 8.97
CA LEU C 152 10.97 -50.86 9.61
C LEU C 152 9.47 -50.65 9.50
N ASN C 153 8.79 -50.55 10.64
CA ASN C 153 7.34 -50.38 10.69
C ASN C 153 7.03 -49.25 11.67
N GLN C 155 4.55 -46.42 13.07
CA GLN C 155 3.13 -46.10 13.17
C GLN C 155 2.98 -44.66 13.62
N VAL C 156 2.07 -43.93 12.95
CA VAL C 156 1.85 -42.51 13.19
C VAL C 156 0.50 -42.33 13.86
N LEU C 157 0.51 -41.66 15.01
CA LEU C 157 -0.70 -41.37 15.76
C LEU C 157 -0.79 -39.88 16.05
N SER C 158 -1.98 -39.45 16.46
CA SER C 158 -2.23 -38.08 16.87
C SER C 158 -2.78 -38.09 18.30
N ASN C 159 -2.16 -37.30 19.17
CA ASN C 159 -2.59 -37.19 20.57
C ASN C 159 -2.35 -35.74 21.00
N PRO C 160 -3.28 -34.84 20.69
CA PRO C 160 -3.05 -33.42 20.98
C PRO C 160 -3.21 -33.13 22.46
N GLU C 161 -2.60 -32.02 22.87
CA GLU C 161 -2.68 -31.55 24.24
C GLU C 161 -3.90 -30.66 24.45
N PHE C 162 -4.29 -30.50 25.72
CA PHE C 162 -5.42 -29.65 26.05
C PHE C 162 -5.21 -28.89 27.36
N LEU C 163 -3.97 -28.81 27.83
CA LEU C 163 -3.66 -28.11 29.08
C LEU C 163 -3.56 -26.60 28.86
N ALA C 164 -3.87 -25.84 29.91
CA ALA C 164 -3.81 -24.39 29.86
C ALA C 164 -2.64 -23.89 30.69
N GLU C 165 -2.07 -22.76 30.25
CA GLU C 165 -0.92 -22.16 30.92
C GLU C 165 -1.32 -21.63 32.30
N GLY C 166 -1.13 -22.45 33.33
CA GLY C 166 -1.48 -22.06 34.68
C GLY C 166 -1.98 -23.21 35.52
N THR C 167 -2.68 -24.15 34.90
CA THR C 167 -3.22 -25.33 35.57
C THR C 167 -2.82 -26.60 34.82
N ALA C 168 -1.56 -26.67 34.41
CA ALA C 168 -1.09 -27.81 33.62
C ALA C 168 -1.13 -29.10 34.43
N ILE C 169 -0.60 -29.07 35.65
CA ILE C 169 -0.50 -30.28 36.45
C ILE C 169 -1.90 -30.81 36.81
N LYS C 170 -2.81 -29.92 37.19
CA LYS C 170 -4.17 -30.36 37.52
C LYS C 170 -4.88 -30.90 36.30
N ASP C 171 -4.68 -30.27 35.13
CA ASP C 171 -5.31 -30.74 33.90
C ASP C 171 -4.70 -32.02 33.37
N LEU C 172 -3.46 -32.34 33.76
CA LEU C 172 -2.84 -33.58 33.33
C LEU C 172 -3.18 -34.75 34.24
N LYS C 173 -3.28 -34.50 35.54
CA LYS C 173 -3.63 -35.57 36.48
C LYS C 173 -5.10 -35.95 36.34
N ASN C 174 -5.97 -34.96 36.13
CA ASN C 174 -7.41 -35.19 35.97
C ASN C 174 -7.87 -34.49 34.70
N PRO C 175 -7.60 -35.07 33.53
CA PRO C 175 -8.00 -34.43 32.28
C PRO C 175 -9.48 -34.63 32.00
N ASP C 176 -10.06 -33.66 31.29
CA ASP C 176 -11.45 -33.79 30.85
C ASP C 176 -11.60 -34.94 29.87
N ARG C 177 -10.63 -35.10 28.97
CA ARG C 177 -10.64 -36.19 28.01
C ARG C 177 -9.26 -36.32 27.39
N VAL C 178 -8.96 -37.53 26.93
CA VAL C 178 -7.72 -37.83 26.22
C VAL C 178 -8.08 -38.18 24.78
N LEU C 179 -7.54 -37.44 23.83
CA LEU C 179 -7.86 -37.64 22.42
C LEU C 179 -6.70 -38.38 21.75
N ILE C 180 -7.03 -39.49 21.09
CA ILE C 180 -6.06 -40.29 20.36
C ILE C 180 -6.65 -40.64 19.00
N GLY C 181 -5.92 -40.32 17.94
CA GLY C 181 -6.37 -40.56 16.58
C GLY C 181 -5.37 -41.42 15.82
N GLY C 182 -5.88 -42.41 15.09
CA GLY C 182 -5.03 -43.30 14.34
C GLY C 182 -5.75 -43.85 13.13
N ASP C 183 -4.98 -44.52 12.27
CA ASP C 183 -5.52 -45.06 11.04
C ASP C 183 -6.52 -46.18 11.34
N GLU C 184 -7.45 -46.39 10.41
CA GLU C 184 -8.48 -47.43 10.55
C GLU C 184 -7.97 -48.75 9.96
N THR C 185 -6.82 -49.18 10.48
CA THR C 185 -6.16 -50.41 10.08
C THR C 185 -5.85 -51.24 11.33
N PRO C 186 -5.70 -52.55 11.18
CA PRO C 186 -5.34 -53.38 12.34
C PRO C 186 -4.04 -52.96 13.00
N GLU C 187 -3.07 -52.44 12.23
CA GLU C 187 -1.84 -51.95 12.82
C GLU C 187 -2.09 -50.68 13.62
N GLY C 188 -2.96 -49.80 13.13
CA GLY C 188 -3.24 -48.56 13.83
C GLY C 188 -3.97 -48.79 15.15
N GLN C 189 -4.89 -49.75 15.17
CA GLN C 189 -5.61 -50.04 16.41
C GLN C 189 -4.68 -50.58 17.47
N ARG C 190 -3.67 -51.35 17.08
CA ARG C 190 -2.67 -51.83 18.04
C ARG C 190 -1.90 -50.66 18.65
N ALA C 191 -1.51 -49.68 17.82
CA ALA C 191 -0.79 -48.53 18.33
C ALA C 191 -1.67 -47.64 19.21
N VAL C 192 -2.96 -47.54 18.87
CA VAL C 192 -3.87 -46.75 19.70
C VAL C 192 -4.02 -47.39 21.07
N GLN C 193 -4.30 -48.69 21.11
CA GLN C 193 -4.44 -49.38 22.39
C GLN C 193 -3.13 -49.36 23.17
N ALA C 194 -2.00 -49.34 22.48
CA ALA C 194 -0.71 -49.22 23.16
C ALA C 194 -0.60 -47.87 23.87
N LEU C 195 -0.94 -46.79 23.16
CA LEU C 195 -0.92 -45.47 23.78
C LEU C 195 -2.04 -45.32 24.80
N CYS C 196 -3.17 -46.01 24.59
CA CYS C 196 -4.27 -45.95 25.55
C CYS C 196 -3.84 -46.52 26.89
N ALA C 197 -3.10 -47.63 26.88
CA ALA C 197 -2.69 -48.28 28.11
C ALA C 197 -1.78 -47.41 28.95
N VAL C 198 -1.09 -46.44 28.34
CA VAL C 198 -0.21 -45.56 29.10
C VAL C 198 -1.04 -44.61 29.97
N TYR C 199 -2.12 -44.05 29.42
CA TYR C 199 -2.96 -43.13 30.18
C TYR C 199 -3.85 -43.86 31.17
N GLU C 200 -4.09 -45.16 30.97
CA GLU C 200 -4.93 -45.93 31.88
C GLU C 200 -4.30 -46.14 33.24
N HIS C 201 -3.03 -45.74 33.43
CA HIS C 201 -2.42 -45.81 34.75
C HIS C 201 -3.07 -44.86 35.75
N TRP C 202 -3.72 -43.80 35.26
CA TRP C 202 -4.39 -42.86 36.16
C TRP C 202 -5.62 -42.21 35.55
N VAL C 203 -5.97 -42.48 34.31
CA VAL C 203 -7.13 -41.89 33.64
C VAL C 203 -8.12 -43.01 33.34
N PRO C 204 -9.40 -42.87 33.69
CA PRO C 204 -10.38 -43.92 33.37
C PRO C 204 -10.53 -44.12 31.87
N ARG C 205 -11.13 -45.26 31.52
CA ARG C 205 -11.34 -45.59 30.12
C ARG C 205 -12.45 -44.78 29.47
N GLU C 206 -13.40 -44.26 30.26
CA GLU C 206 -14.49 -43.48 29.68
C GLU C 206 -14.00 -42.15 29.13
N LYS C 207 -12.98 -41.57 29.77
CA LYS C 207 -12.44 -40.29 29.34
C LYS C 207 -11.31 -40.42 28.32
N ILE C 208 -11.29 -41.52 27.57
CA ILE C 208 -10.31 -41.74 26.50
C ILE C 208 -11.07 -41.98 25.22
N LEU C 209 -10.97 -41.05 24.27
CA LEU C 209 -11.68 -41.13 23.00
C LEU C 209 -10.72 -41.51 21.89
N THR C 210 -11.11 -42.51 21.09
CA THR C 210 -10.31 -43.00 19.98
C THR C 210 -11.02 -42.69 18.67
N THR C 211 -10.39 -41.86 17.84
CA THR C 211 -10.93 -41.48 16.54
C THR C 211 -9.88 -41.74 15.46
N ASN C 212 -10.13 -41.29 14.22
CA ASN C 212 -9.10 -41.39 13.20
C ASN C 212 -8.13 -40.21 13.31
N THR C 213 -7.03 -40.31 12.56
CA THR C 213 -5.99 -39.30 12.65
C THR C 213 -6.49 -37.92 12.24
N TRP C 214 -7.31 -37.86 11.18
CA TRP C 214 -7.75 -36.57 10.69
C TRP C 214 -8.79 -35.94 11.62
N SER C 215 -9.67 -36.76 12.19
CA SER C 215 -10.63 -36.23 13.16
C SER C 215 -9.93 -35.72 14.42
N SER C 216 -8.79 -36.31 14.78
CA SER C 216 -8.07 -35.86 15.98
C SER C 216 -7.34 -34.54 15.72
N GLU C 217 -6.75 -34.38 14.54
CA GLU C 217 -6.08 -33.12 14.22
C GLU C 217 -7.09 -31.98 14.11
N LEU C 218 -8.24 -32.23 13.47
CA LEU C 218 -9.24 -31.19 13.31
C LEU C 218 -9.91 -30.84 14.63
N SER C 219 -10.05 -31.82 15.53
CA SER C 219 -10.72 -31.56 16.80
C SER C 219 -9.94 -30.58 17.66
N LYS C 220 -8.61 -30.66 17.64
CA LYS C 220 -7.80 -29.74 18.41
C LYS C 220 -7.98 -28.31 17.91
N LEU C 221 -7.96 -28.11 16.59
CA LEU C 221 -8.15 -26.77 16.04
C LEU C 221 -9.57 -26.28 16.30
N ALA C 222 -10.57 -27.14 16.06
CA ALA C 222 -11.95 -26.72 16.21
C ALA C 222 -12.31 -26.42 17.66
N ALA C 223 -11.72 -27.15 18.60
CA ALA C 223 -12.02 -26.91 20.02
C ALA C 223 -11.60 -25.51 20.43
N ASN C 224 -10.46 -25.03 19.94
CA ASN C 224 -10.04 -23.67 20.24
C ASN C 224 -10.87 -22.65 19.47
N ALA C 225 -11.40 -23.03 18.30
CA ALA C 225 -12.25 -22.12 17.56
C ALA C 225 -13.61 -21.97 18.23
N PHE C 226 -14.19 -23.07 18.72
CA PHE C 226 -15.46 -23.00 19.44
C PHE C 226 -15.33 -22.17 20.72
N LEU C 227 -14.22 -22.35 21.45
CA LEU C 227 -13.99 -21.55 22.65
C LEU C 227 -13.86 -20.08 22.29
N ALA C 228 -13.07 -19.76 21.28
CA ALA C 228 -12.92 -18.38 20.86
C ALA C 228 -14.23 -17.80 20.35
N GLN C 229 -15.05 -18.64 19.70
CA GLN C 229 -16.32 -18.15 19.18
C GLN C 229 -17.25 -17.71 20.29
N ARG C 230 -17.18 -18.35 21.45
CA ARG C 230 -18.04 -17.97 22.57
C ARG C 230 -17.67 -16.59 23.10
N ILE C 231 -16.37 -16.27 23.15
CA ILE C 231 -15.95 -14.95 23.63
C ILE C 231 -16.34 -13.86 22.65
N SER C 232 -16.13 -14.10 21.35
CA SER C 232 -16.53 -13.12 20.35
C SER C 232 -18.04 -12.95 20.32
N SER C 233 -18.79 -14.01 20.61
CA SER C 233 -20.24 -13.91 20.63
C SER C 233 -20.71 -13.03 21.78
N ILE C 234 -20.17 -13.25 22.98
CA ILE C 234 -20.56 -12.41 24.10
C ILE C 234 -19.98 -11.00 23.94
N ASN C 235 -18.89 -10.84 23.20
CA ASN C 235 -18.38 -9.51 22.93
C ASN C 235 -19.26 -8.76 21.95
N SER C 236 -19.77 -9.45 20.92
CA SER C 236 -20.70 -8.80 20.00
C SER C 236 -21.97 -8.39 20.73
N ILE C 237 -22.39 -9.17 21.73
CA ILE C 237 -23.53 -8.78 22.54
C ILE C 237 -23.18 -7.58 23.41
N SER C 238 -21.94 -7.54 23.91
CA SER C 238 -21.53 -6.42 24.74
C SER C 238 -21.65 -5.09 23.98
N ALA C 239 -21.25 -5.08 22.71
CA ALA C 239 -21.43 -3.88 21.90
C ALA C 239 -22.91 -3.56 21.75
N LEU C 240 -23.77 -4.57 21.71
CA LEU C 240 -25.21 -4.35 21.61
C LEU C 240 -25.80 -3.90 22.93
N CYS C 241 -25.24 -4.35 24.07
CA CYS C 241 -25.70 -3.87 25.36
C CYS C 241 -25.41 -2.39 25.54
N GLU C 242 -24.25 -1.94 25.07
CA GLU C 242 -23.88 -0.54 25.20
C GLU C 242 -24.79 0.38 24.41
N ALA C 243 -25.49 -0.15 23.40
CA ALA C 243 -26.37 0.65 22.56
C ALA C 243 -27.84 0.54 22.95
N THR C 244 -28.23 -0.52 23.67
CA THR C 244 -29.62 -0.70 24.08
C THR C 244 -29.86 -0.33 25.54
N GLY C 245 -28.81 -0.24 26.35
CA GLY C 245 -28.96 -0.05 27.77
C GLY C 245 -28.91 -1.33 28.58
N ALA C 246 -28.89 -2.48 27.91
CA ALA C 246 -28.74 -3.75 28.62
C ALA C 246 -27.32 -3.86 29.20
N ASP C 247 -27.12 -4.90 29.99
CA ASP C 247 -25.84 -5.18 30.62
C ASP C 247 -25.39 -6.58 30.20
N VAL C 248 -24.13 -6.68 29.75
CA VAL C 248 -23.67 -7.95 29.18
C VAL C 248 -23.51 -9.01 30.27
N GLU C 249 -23.11 -8.62 31.48
CA GLU C 249 -22.99 -9.61 32.55
C GLU C 249 -24.35 -10.18 32.93
N GLU C 250 -25.40 -9.37 32.85
CA GLU C 250 -26.74 -9.89 33.12
C GLU C 250 -27.21 -10.79 31.98
N VAL C 251 -26.89 -10.44 30.74
CA VAL C 251 -27.28 -11.27 29.61
C VAL C 251 -26.46 -12.55 29.59
N ALA C 252 -25.16 -12.46 29.87
CA ALA C 252 -24.33 -13.65 29.89
C ALA C 252 -24.76 -14.62 30.98
N THR C 253 -25.20 -14.09 32.13
CA THR C 253 -25.69 -14.96 33.19
C THR C 253 -27.00 -15.63 32.79
N ALA C 254 -27.92 -14.89 32.17
CA ALA C 254 -29.19 -15.47 31.75
C ALA C 254 -28.97 -16.52 30.64
N ILE C 255 -27.98 -16.31 29.77
CA ILE C 255 -27.66 -17.30 28.75
C ILE C 255 -26.97 -18.50 29.38
N GLY C 256 -26.05 -18.26 30.31
CA GLY C 256 -25.25 -19.32 30.89
C GLY C 256 -26.05 -20.32 31.70
N MET C 257 -27.20 -19.92 32.24
CA MET C 257 -28.03 -20.83 33.02
C MET C 257 -28.77 -21.84 32.16
N ASP C 258 -28.67 -21.75 30.85
CA ASP C 258 -29.16 -22.79 29.95
C ASP C 258 -28.16 -23.94 29.97
N GLN C 259 -28.62 -25.14 30.35
CA GLN C 259 -27.71 -26.28 30.47
C GLN C 259 -27.10 -26.66 29.13
N ARG C 260 -27.79 -26.37 28.02
CA ARG C 260 -27.27 -26.69 26.69
C ARG C 260 -26.18 -25.74 26.23
N ILE C 261 -26.08 -24.55 26.82
CA ILE C 261 -25.10 -23.56 26.41
C ILE C 261 -23.92 -23.52 27.38
N GLY C 262 -24.17 -23.61 28.67
CA GLY C 262 -23.13 -23.54 29.68
C GLY C 262 -22.76 -22.10 30.01
N ASN C 263 -22.11 -21.94 31.16
CA ASN C 263 -21.74 -20.61 31.64
C ASN C 263 -20.24 -20.35 31.57
N LYS C 264 -19.46 -21.26 30.99
CA LYS C 264 -18.03 -21.06 30.88
C LYS C 264 -17.68 -20.28 29.61
N PHE C 265 -16.64 -19.44 29.72
CA PHE C 265 -16.14 -18.64 28.60
C PHE C 265 -17.23 -17.74 28.04
N LEU C 266 -17.91 -17.02 28.94
CA LEU C 266 -18.94 -16.05 28.56
C LEU C 266 -18.71 -14.70 29.23
N LYS C 267 -17.49 -14.42 29.67
CA LYS C 267 -17.16 -13.14 30.28
C LYS C 267 -16.66 -12.21 29.18
N ALA C 268 -17.45 -11.18 28.88
CA ALA C 268 -17.03 -10.20 27.89
C ALA C 268 -15.75 -9.50 28.35
N SER C 269 -14.94 -9.09 27.38
CA SER C 269 -13.66 -8.48 27.67
C SER C 269 -13.29 -7.60 26.48
N VAL C 270 -12.14 -6.91 26.62
CA VAL C 270 -11.62 -6.12 25.51
C VAL C 270 -11.16 -7.01 24.36
N GLY C 271 -10.99 -8.31 24.59
CA GLY C 271 -10.60 -9.22 23.53
C GLY C 271 -9.75 -10.37 24.05
N PHE C 272 -9.94 -11.56 23.50
CA PHE C 272 -9.16 -12.71 23.96
C PHE C 272 -7.72 -12.63 23.46
N GLY C 273 -6.82 -13.19 24.25
CA GLY C 273 -5.41 -13.21 23.89
C GLY C 273 -4.85 -14.61 23.88
N GLY C 274 -3.54 -14.74 24.01
CA GLY C 274 -2.89 -16.02 24.02
C GLY C 274 -2.37 -16.43 22.65
N SER C 275 -1.49 -17.42 22.66
CA SER C 275 -0.84 -17.91 21.45
C SER C 275 -1.56 -19.10 20.83
N CYS C 276 -2.82 -19.33 21.21
CA CYS C 276 -3.56 -20.49 20.72
C CYS C 276 -4.86 -20.12 20.02
N PHE C 277 -5.60 -19.13 20.52
CA PHE C 277 -6.93 -18.85 19.98
C PHE C 277 -6.84 -18.30 18.56
N GLN C 278 -6.25 -17.12 18.39
CA GLN C 278 -6.16 -16.54 17.05
C GLN C 278 -5.30 -17.40 16.14
N LYS C 279 -4.27 -18.06 16.68
CA LYS C 279 -3.40 -18.89 15.86
C LYS C 279 -4.17 -20.03 15.21
N ASP C 280 -5.00 -20.72 15.99
CA ASP C 280 -5.70 -21.90 15.47
C ASP C 280 -6.91 -21.51 14.63
N VAL C 281 -7.57 -20.39 14.94
CA VAL C 281 -8.70 -19.94 14.14
C VAL C 281 -8.22 -19.46 12.77
N LEU C 282 -7.14 -18.68 12.74
CA LEU C 282 -6.62 -18.21 11.46
C LEU C 282 -6.11 -19.38 10.62
N ASN C 283 -5.53 -20.39 11.27
CA ASN C 283 -5.11 -21.57 10.52
C ASN C 283 -6.31 -22.35 10.01
N LEU C 284 -7.39 -22.39 10.79
CA LEU C 284 -8.61 -23.07 10.35
C LEU C 284 -9.21 -22.37 9.14
N VAL C 285 -9.17 -21.04 9.11
CA VAL C 285 -9.68 -20.30 7.96
C VAL C 285 -8.83 -20.56 6.73
N TYR C 286 -7.50 -20.57 6.88
CA TYR C 286 -6.63 -20.83 5.74
C TYR C 286 -6.86 -22.22 5.17
N LEU C 287 -7.14 -23.20 6.04
CA LEU C 287 -7.41 -24.55 5.58
C LEU C 287 -8.64 -24.59 4.69
N CYS C 288 -9.69 -23.84 5.06
CA CYS C 288 -10.91 -23.85 4.26
C CYS C 288 -10.70 -23.19 2.91
N GLU C 289 -9.92 -22.11 2.86
CA GLU C 289 -9.62 -21.47 1.59
C GLU C 289 -8.81 -22.40 0.69
N ALA C 290 -7.89 -23.17 1.27
CA ALA C 290 -7.09 -24.11 0.49
C ALA C 290 -7.91 -25.27 -0.04
N LEU C 291 -9.04 -25.58 0.58
CA LEU C 291 -9.92 -26.66 0.16
C LEU C 291 -11.15 -26.16 -0.59
N ASN C 292 -11.11 -24.92 -1.09
CA ASN C 292 -12.22 -24.35 -1.86
C ASN C 292 -13.52 -24.37 -1.05
N LEU C 293 -13.45 -23.92 0.21
CA LEU C 293 -14.60 -23.80 1.08
C LEU C 293 -14.69 -22.37 1.60
N PRO C 294 -14.97 -21.40 0.71
CA PRO C 294 -14.98 -19.99 1.15
C PRO C 294 -16.11 -19.66 2.11
N GLU C 295 -17.25 -20.34 2.01
CA GLU C 295 -18.34 -20.10 2.95
C GLU C 295 -17.92 -20.45 4.38
N VAL C 296 -17.25 -21.58 4.55
CA VAL C 296 -16.78 -21.97 5.87
C VAL C 296 -15.66 -21.06 6.34
N ALA C 297 -14.80 -20.63 5.42
CA ALA C 297 -13.68 -19.77 5.78
C ALA C 297 -14.16 -18.43 6.34
N ARG C 298 -15.04 -17.75 5.62
CA ARG C 298 -15.53 -16.46 6.10
C ARG C 298 -16.45 -16.60 7.30
N TYR C 299 -16.97 -17.80 7.55
CA TYR C 299 -17.74 -18.03 8.77
C TYR C 299 -16.86 -17.93 10.01
N TRP C 300 -15.74 -18.67 10.02
CA TRP C 300 -14.84 -18.64 11.18
C TRP C 300 -14.00 -17.37 11.24
N GLN C 301 -13.83 -16.68 10.10
CA GLN C 301 -13.12 -15.40 10.11
C GLN C 301 -13.82 -14.36 10.96
N GLN C 302 -15.15 -14.50 11.13
CA GLN C 302 -15.89 -13.55 11.94
C GLN C 302 -15.45 -13.57 13.40
N VAL C 303 -14.93 -14.71 13.89
CA VAL C 303 -14.43 -14.77 15.25
C VAL C 303 -13.22 -13.87 15.42
N ILE C 304 -12.36 -13.80 14.41
CA ILE C 304 -11.19 -12.92 14.45
C ILE C 304 -11.60 -11.46 14.20
N ASP C 305 -12.47 -11.23 13.21
CA ASP C 305 -12.90 -9.87 12.92
C ASP C 305 -13.63 -9.26 14.09
N MET C 306 -14.45 -10.05 14.79
CA MET C 306 -15.13 -9.53 15.98
C MET C 306 -14.14 -9.22 17.09
N ASN C 307 -13.11 -10.05 17.25
CA ASN C 307 -12.13 -9.79 18.29
C ASN C 307 -11.33 -8.53 17.99
N ASP C 308 -11.00 -8.29 16.72
CA ASP C 308 -10.33 -7.05 16.37
C ASP C 308 -11.27 -5.86 16.51
N TYR C 309 -12.56 -6.05 16.21
CA TYR C 309 -13.53 -4.97 16.39
C TYR C 309 -13.69 -4.63 17.87
N GLN C 310 -13.65 -5.64 18.75
CA GLN C 310 -13.79 -5.37 20.18
C GLN C 310 -12.64 -4.52 20.69
N ARG C 311 -11.41 -4.81 20.25
CA ARG C 311 -10.26 -4.04 20.70
C ARG C 311 -10.31 -2.62 20.15
N ARG C 312 -10.54 -2.48 18.84
CA ARG C 312 -10.55 -1.17 18.22
C ARG C 312 -11.69 -0.31 18.75
N ARG C 313 -12.85 -0.93 19.02
CA ARG C 313 -13.97 -0.17 19.54
C ARG C 313 -13.67 0.37 20.93
N PHE C 314 -13.03 -0.43 21.78
CA PHE C 314 -12.68 0.04 23.12
C PHE C 314 -11.67 1.17 23.05
N ALA C 315 -10.67 1.04 22.19
CA ALA C 315 -9.67 2.10 22.06
C ALA C 315 -10.29 3.39 21.51
N SER C 316 -11.30 3.27 20.66
CA SER C 316 -11.96 4.45 20.11
C SER C 316 -12.80 5.15 21.16
N ARG C 317 -13.42 4.40 22.08
CA ARG C 317 -14.19 5.02 23.14
C ARG C 317 -13.32 5.88 24.04
N ILE C 318 -12.09 5.41 24.31
CA ILE C 318 -11.18 6.15 25.17
C ILE C 318 -10.81 7.48 24.53
N ILE C 319 -10.53 7.47 23.23
CA ILE C 319 -10.12 8.69 22.55
C ILE C 319 -11.29 9.66 22.45
N ASP C 320 -12.49 9.15 22.19
CA ASP C 320 -13.64 10.04 22.08
C ASP C 320 -13.99 10.67 23.41
N SER C 321 -13.92 9.90 24.50
CA SER C 321 -14.15 10.49 25.82
C SER C 321 -13.11 11.54 26.15
N LEU C 322 -11.88 11.38 25.67
CA LEU C 322 -10.81 12.35 25.86
C LEU C 322 -10.82 13.45 24.81
N PHE C 323 -12.00 13.81 24.29
CA PHE C 323 -12.17 14.94 23.37
C PHE C 323 -11.43 14.73 22.06
N ASN C 324 -11.26 13.48 21.64
CA ASN C 324 -10.64 13.13 20.37
C ASN C 324 -9.23 13.70 20.22
N THR C 325 -8.56 13.94 21.35
CA THR C 325 -7.17 14.38 21.30
C THR C 325 -6.45 13.82 22.52
N VAL C 326 -5.39 13.05 22.27
CA VAL C 326 -4.64 12.39 23.32
C VAL C 326 -3.16 12.74 23.17
N THR C 327 -2.87 13.77 22.37
CA THR C 327 -1.49 14.19 22.16
C THR C 327 -0.92 14.71 23.48
N ASP C 328 0.20 14.12 23.90
CA ASP C 328 0.92 14.52 25.11
C ASP C 328 0.04 14.40 26.36
N LYS C 329 -0.94 13.50 26.33
CA LYS C 329 -1.77 13.21 27.49
C LYS C 329 -1.27 11.96 28.19
N LYS C 330 -1.25 11.99 29.52
CA LYS C 330 -0.80 10.88 30.33
C LYS C 330 -1.95 9.91 30.54
N ILE C 331 -1.78 8.66 30.14
CA ILE C 331 -2.79 7.63 30.30
C ILE C 331 -2.16 6.45 31.04
N ALA C 332 -2.84 5.97 32.07
CA ALA C 332 -2.36 4.83 32.84
C ALA C 332 -2.95 3.55 32.27
N ILE C 333 -2.09 2.63 31.87
CA ILE C 333 -2.48 1.33 31.34
C ILE C 333 -2.19 0.29 32.42
N LEU C 334 -3.23 -0.19 33.09
CA LEU C 334 -3.09 -1.17 34.15
C LEU C 334 -3.35 -2.56 33.58
N GLY C 335 -2.30 -3.37 33.50
CA GLY C 335 -2.42 -4.71 33.00
C GLY C 335 -1.94 -4.87 31.58
N PHE C 336 -1.00 -5.79 31.37
CA PHE C 336 -0.42 -6.04 30.05
C PHE C 336 -0.49 -7.49 29.59
N ALA C 337 -0.58 -8.45 30.50
CA ALA C 337 -0.74 -9.84 30.10
C ALA C 337 -2.13 -10.06 29.53
N PHE C 338 -2.26 -11.11 28.70
CA PHE C 338 -3.52 -11.38 28.03
C PHE C 338 -4.60 -11.87 29.00
N LYS C 339 -4.21 -12.30 30.20
CA LYS C 339 -5.15 -12.64 31.26
C LYS C 339 -4.44 -12.45 32.59
N LYS C 340 -5.18 -12.67 33.68
CA LYS C 340 -4.61 -12.47 35.00
C LYS C 340 -3.80 -13.68 35.44
N ASP C 341 -2.96 -13.46 36.46
CA ASP C 341 -2.17 -14.50 37.11
C ASP C 341 -1.24 -15.19 36.11
N THR C 342 -0.54 -14.38 35.33
CA THR C 342 0.44 -14.87 34.37
C THR C 342 1.31 -13.69 33.92
N GLY C 343 2.41 -14.02 33.26
CA GLY C 343 3.29 -13.00 32.72
C GLY C 343 3.40 -13.07 31.20
N ASP C 344 2.61 -13.93 30.59
CA ASP C 344 2.62 -14.10 29.14
C ASP C 344 1.88 -12.95 28.48
N THR C 345 2.51 -12.34 27.48
CA THR C 345 1.90 -11.23 26.75
C THR C 345 1.81 -11.53 25.25
N ARG C 346 1.64 -12.80 24.90
CA ARG C 346 1.51 -13.18 23.50
C ARG C 346 0.09 -12.90 23.04
N GLU C 347 -0.03 -12.03 22.02
CA GLU C 347 -1.33 -11.63 21.47
C GLU C 347 -2.23 -11.00 22.53
N SER C 348 -1.64 -10.31 23.51
CA SER C 348 -2.43 -9.69 24.56
C SER C 348 -3.17 -8.48 24.02
N SER C 349 -4.43 -8.33 24.46
CA SER C 349 -5.22 -7.18 24.03
C SER C 349 -4.65 -5.86 24.51
N SER C 350 -3.84 -5.89 25.58
CA SER C 350 -3.21 -4.67 26.07
C SER C 350 -2.19 -4.13 25.06
N ILE C 351 -1.62 -4.99 24.24
CA ILE C 351 -0.67 -4.53 23.23
C ILE C 351 -1.37 -3.65 22.20
N TYR C 352 -2.55 -4.06 21.76
CA TYR C 352 -3.25 -3.34 20.70
C TYR C 352 -3.89 -2.06 21.22
N ILE C 353 -4.46 -2.10 22.44
CA ILE C 353 -5.00 -0.88 23.04
C ILE C 353 -3.90 0.14 23.24
N SER C 354 -2.69 -0.32 23.62
CA SER C 354 -1.57 0.59 23.79
C SER C 354 -1.13 1.17 22.44
N LYS C 355 -0.98 0.31 21.44
CA LYS C 355 -0.52 0.78 20.13
C LYS C 355 -1.55 1.71 19.49
N TYR C 356 -2.83 1.48 19.72
CA TYR C 356 -3.85 2.40 19.23
C TYR C 356 -3.70 3.77 19.88
N LEU C 357 -3.43 3.79 21.20
CA LEU C 357 -3.23 5.06 21.89
C LEU C 357 -1.86 5.67 21.56
N MET C 358 -0.87 4.83 21.25
CA MET C 358 0.42 5.36 20.83
C MET C 358 0.33 6.05 19.46
N ASP C 359 -0.56 5.59 18.59
CA ASP C 359 -0.75 6.23 17.29
C ASP C 359 -1.36 7.61 17.41
N GLU C 360 -1.93 7.96 18.57
CA GLU C 360 -2.46 9.29 18.82
C GLU C 360 -1.45 10.21 19.50
N GLY C 361 -0.22 9.73 19.73
CA GLY C 361 0.78 10.53 20.41
C GLY C 361 0.56 10.66 21.90
N ALA C 362 0.13 9.59 22.55
CA ALA C 362 -0.16 9.63 23.97
C ALA C 362 1.08 9.22 24.78
N HIS C 363 1.11 9.67 26.04
CA HIS C 363 2.15 9.28 26.99
C HIS C 363 1.56 8.19 27.88
N LEU C 364 1.86 6.94 27.56
CA LEU C 364 1.32 5.79 28.29
C LEU C 364 2.24 5.44 29.45
N HIS C 365 1.64 5.25 30.62
CA HIS C 365 2.36 4.77 31.80
C HIS C 365 1.79 3.40 32.15
N ILE C 366 2.53 2.35 31.79
CA ILE C 366 2.07 0.97 31.88
C ILE C 366 2.58 0.35 33.18
N TYR C 367 1.71 -0.42 33.83
CA TYR C 367 2.08 -1.17 35.02
C TYR C 367 1.46 -2.56 34.97
N ASP C 368 2.25 -3.57 35.33
CA ASP C 368 1.75 -4.92 35.46
C ASP C 368 2.59 -5.59 36.53
N PRO C 369 1.96 -6.26 37.51
CA PRO C 369 2.73 -6.80 38.63
C PRO C 369 3.63 -7.98 38.25
N LYS C 370 3.32 -8.71 37.19
CA LYS C 370 4.07 -9.92 36.83
C LYS C 370 4.78 -9.83 35.49
N VAL C 371 4.29 -9.01 34.57
CA VAL C 371 4.94 -8.90 33.24
C VAL C 371 6.29 -8.21 33.40
N PRO C 372 7.37 -8.78 32.87
CA PRO C 372 8.68 -8.16 33.04
C PRO C 372 8.77 -6.79 32.37
N ARG C 373 9.73 -5.99 32.84
CA ARG C 373 9.85 -4.61 32.36
C ARG C 373 10.37 -4.57 30.92
N GLU C 374 11.26 -5.49 30.56
CA GLU C 374 11.83 -5.48 29.22
C GLU C 374 10.87 -6.05 28.17
N GLN C 375 9.91 -6.88 28.57
CA GLN C 375 8.97 -7.45 27.60
C GLN C 375 8.03 -6.41 27.04
N ILE C 376 7.63 -5.42 27.84
CA ILE C 376 6.69 -4.40 27.36
C ILE C 376 7.32 -3.57 26.25
N VAL C 377 8.62 -3.28 26.37
CA VAL C 377 9.29 -2.48 25.36
C VAL C 377 9.41 -3.24 24.04
N VAL C 378 9.58 -4.56 24.11
CA VAL C 378 9.74 -5.36 22.91
C VAL C 378 8.41 -5.48 22.15
N ASP C 379 7.32 -5.71 22.87
CA ASP C 379 6.02 -5.88 22.23
C ASP C 379 5.51 -4.61 21.58
N LEU C 380 6.02 -3.44 21.97
CA LEU C 380 5.59 -2.18 21.42
C LEU C 380 6.49 -1.65 20.31
N SER C 381 7.53 -2.40 19.94
CA SER C 381 8.44 -2.01 18.88
C SER C 381 8.09 -2.74 17.59
N HIS C 382 8.85 -2.47 16.54
CA HIS C 382 8.64 -3.11 15.24
C HIS C 382 9.13 -4.55 15.25
N ASP C 389 12.25 3.88 18.14
CA ASP C 389 12.36 5.27 18.58
C ASP C 389 11.03 5.78 19.12
N GLN C 390 9.93 5.30 18.53
CA GLN C 390 8.61 5.71 18.98
C GLN C 390 8.33 5.26 20.40
N VAL C 391 8.90 4.12 20.81
CA VAL C 391 8.65 3.60 22.16
C VAL C 391 9.32 4.49 23.20
N SER C 392 10.51 5.01 22.90
CA SER C 392 11.24 5.81 23.87
C SER C 392 10.53 7.13 24.16
N ARG C 393 9.83 7.69 23.18
CA ARG C 393 9.21 8.99 23.36
C ARG C 393 7.88 8.91 24.09
N LEU C 394 7.11 7.84 23.87
CA LEU C 394 5.73 7.78 24.34
C LEU C 394 5.49 6.79 25.46
N VAL C 395 6.35 5.79 25.65
CA VAL C 395 6.09 4.71 26.59
C VAL C 395 6.91 4.94 27.86
N THR C 396 6.26 4.82 29.00
CA THR C 396 6.91 4.86 30.30
C THR C 396 6.35 3.73 31.14
N ILE C 397 7.24 2.96 31.77
CA ILE C 397 6.84 1.79 32.55
C ILE C 397 6.95 2.15 34.02
N SER C 398 5.83 2.08 34.73
CA SER C 398 5.79 2.44 36.14
C SER C 398 6.12 1.22 36.98
N LYS C 399 6.79 1.47 38.11
CA LYS C 399 7.19 0.38 39.00
C LYS C 399 6.06 -0.06 39.92
N ASP C 400 5.08 0.81 40.15
CA ASP C 400 3.92 0.52 40.97
C ASP C 400 2.76 1.37 40.47
N PRO C 401 1.52 1.03 40.82
CA PRO C 401 0.40 1.89 40.44
C PRO C 401 0.52 3.24 41.12
N TYR C 402 -0.49 4.11 40.96
CA TYR C 402 -0.48 5.47 41.48
C TYR C 402 0.59 6.32 40.81
N GLU C 403 1.77 5.73 40.57
CA GLU C 403 2.80 6.44 39.81
C GLU C 403 2.38 6.62 38.36
N ALA C 404 1.63 5.67 37.81
CA ALA C 404 1.10 5.80 36.47
C ALA C 404 -0.08 6.76 36.42
N CYS C 405 -0.76 6.97 37.56
CA CYS C 405 -1.92 7.84 37.63
C CYS C 405 -1.58 9.20 38.24
N ASP C 406 -0.32 9.59 38.23
CA ASP C 406 0.12 10.86 38.80
C ASP C 406 0.05 11.91 37.70
N GLY C 407 -1.06 12.64 37.64
CA GLY C 407 -1.25 13.60 36.57
C GLY C 407 -1.76 12.98 35.30
N ALA C 408 -2.52 11.89 35.40
CA ALA C 408 -3.04 11.18 34.24
C ALA C 408 -4.49 11.60 33.98
N HIS C 409 -4.88 11.57 32.71
CA HIS C 409 -6.24 11.94 32.34
C HIS C 409 -7.21 10.78 32.49
N ALA C 410 -6.75 9.55 32.26
CA ALA C 410 -7.63 8.39 32.33
C ALA C 410 -6.85 7.19 32.80
N VAL C 411 -7.58 6.23 33.37
CA VAL C 411 -7.02 4.96 33.83
C VAL C 411 -7.69 3.84 33.05
N VAL C 412 -6.90 3.03 32.36
CA VAL C 412 -7.40 1.96 31.51
C VAL C 412 -6.98 0.63 32.11
N ILE C 413 -7.94 -0.25 32.35
CA ILE C 413 -7.70 -1.58 32.90
C ILE C 413 -7.87 -2.57 31.76
N CYS C 414 -6.79 -3.22 31.36
CA CYS C 414 -6.79 -4.15 30.24
C CYS C 414 -6.62 -5.61 30.64
N THR C 415 -6.29 -5.89 31.90
CA THR C 415 -6.11 -7.24 32.41
C THR C 415 -6.85 -7.39 33.72
N GLU C 416 -7.57 -8.50 33.88
CA GLU C 416 -8.44 -8.71 35.04
C GLU C 416 -7.68 -9.07 36.32
N TRP C 417 -6.57 -8.38 36.61
CA TRP C 417 -5.84 -8.63 37.84
C TRP C 417 -6.71 -8.32 39.06
N ASP C 418 -6.70 -9.23 40.03
CA ASP C 418 -7.50 -9.06 41.23
C ASP C 418 -7.05 -7.87 42.05
N MET C 419 -5.78 -7.47 41.95
CA MET C 419 -5.28 -6.34 42.73
C MET C 419 -5.87 -5.02 42.26
N PHE C 420 -6.22 -4.90 40.98
CA PHE C 420 -6.81 -3.66 40.48
C PHE C 420 -8.16 -3.35 41.11
N LYS C 421 -8.85 -4.37 41.61
CA LYS C 421 -10.14 -4.15 42.25
C LYS C 421 -9.98 -3.50 43.63
N GLU C 422 -8.84 -3.70 44.27
CA GLU C 422 -8.63 -3.28 45.65
C GLU C 422 -7.79 -2.00 45.75
N LEU C 423 -7.66 -1.25 44.66
CA LEU C 423 -6.86 -0.04 44.67
C LEU C 423 -7.60 1.08 45.40
N ASP C 424 -6.82 2.07 45.85
CA ASP C 424 -7.35 3.25 46.53
C ASP C 424 -7.65 4.31 45.49
N TYR C 425 -8.87 4.30 44.97
CA TYR C 425 -9.26 5.25 43.94
C TYR C 425 -9.50 6.65 44.49
N GLU C 426 -9.66 6.78 45.81
CA GLU C 426 -9.80 8.11 46.39
C GLU C 426 -8.50 8.89 46.30
N ARG C 427 -7.37 8.22 46.52
CA ARG C 427 -6.07 8.88 46.40
C ARG C 427 -5.74 9.16 44.94
N ILE C 428 -6.12 8.25 44.04
CA ILE C 428 -5.80 8.40 42.63
C ILE C 428 -6.46 9.65 42.05
N HIS C 429 -7.71 9.89 42.42
CA HIS C 429 -8.45 11.03 41.87
C HIS C 429 -7.85 12.37 42.30
N LYS C 430 -7.20 12.41 43.46
CA LYS C 430 -6.67 13.67 43.95
C LYS C 430 -5.53 14.20 43.10
N LYS C 431 -4.70 13.31 42.54
CA LYS C 431 -3.57 13.71 41.73
C LYS C 431 -3.78 13.43 40.24
N MET C 432 -5.02 13.19 39.82
CA MET C 432 -5.37 13.05 38.41
C MET C 432 -5.93 14.36 37.88
N LEU C 433 -5.67 14.62 36.61
CA LEU C 433 -6.24 15.80 35.96
C LEU C 433 -7.74 15.61 35.74
N LYS C 434 -8.47 16.72 35.77
CA LYS C 434 -9.91 16.59 35.64
C LYS C 434 -10.36 16.97 34.23
N PRO C 435 -11.37 16.29 33.66
CA PRO C 435 -12.10 15.16 34.27
C PRO C 435 -11.32 13.84 34.24
N ALA C 436 -11.47 13.05 35.30
CA ALA C 436 -10.78 11.78 35.44
C ALA C 436 -11.66 10.64 34.97
N PHE C 437 -11.12 9.79 34.10
CA PHE C 437 -11.86 8.69 33.50
C PHE C 437 -11.29 7.34 33.95
N ILE C 438 -12.17 6.35 34.01
CA ILE C 438 -11.80 4.96 34.24
C ILE C 438 -12.49 4.11 33.17
N PHE C 439 -11.70 3.36 32.42
CA PHE C 439 -12.22 2.49 31.37
C PHE C 439 -11.94 1.05 31.79
N ASP C 440 -13.00 0.35 32.23
CA ASP C 440 -12.89 -1.01 32.72
C ASP C 440 -13.11 -1.96 31.54
N GLY C 441 -12.02 -2.46 30.98
CA GLY C 441 -12.09 -3.38 29.86
C GLY C 441 -12.20 -4.85 30.23
N ARG C 442 -12.43 -5.16 31.51
CA ARG C 442 -12.50 -6.54 31.95
C ARG C 442 -13.65 -6.81 32.91
N ARG C 443 -14.50 -5.82 33.21
CA ARG C 443 -15.63 -5.96 34.11
C ARG C 443 -15.20 -6.42 35.51
N VAL C 444 -14.07 -5.89 35.98
CA VAL C 444 -13.61 -6.20 37.33
C VAL C 444 -14.18 -5.26 38.39
N LEU C 445 -14.67 -4.09 37.98
CA LEU C 445 -15.21 -3.11 38.91
C LEU C 445 -16.73 -3.18 39.02
N ASP C 446 -17.32 -4.31 38.63
CA ASP C 446 -18.77 -4.50 38.74
C ASP C 446 -19.19 -4.50 40.21
N GLY C 447 -19.82 -3.43 40.65
CA GLY C 447 -20.20 -3.25 42.03
C GLY C 447 -19.65 -1.99 42.67
N LEU C 448 -18.68 -1.34 42.04
CA LEU C 448 -18.08 -0.12 42.56
C LEU C 448 -18.47 1.11 41.73
N HIS C 449 -19.48 0.99 40.87
CA HIS C 449 -19.84 2.08 39.98
C HIS C 449 -20.40 3.27 40.77
N ASN C 450 -21.26 3.01 41.75
CA ASN C 450 -21.84 4.11 42.52
C ASN C 450 -20.80 4.80 43.39
N GLU C 451 -19.82 4.03 43.91
CA GLU C 451 -18.78 4.62 44.73
C GLU C 451 -17.85 5.50 43.89
N LEU C 452 -17.42 4.98 42.73
CA LEU C 452 -16.47 5.73 41.90
C LEU C 452 -17.09 7.01 41.35
N GLN C 453 -18.41 7.02 41.13
CA GLN C 453 -19.06 8.23 40.63
C GLN C 453 -19.17 9.28 41.72
N THR C 454 -19.41 8.88 42.97
CA THR C 454 -19.46 9.85 44.06
C THR C 454 -18.09 10.45 44.34
N ILE C 455 -17.01 9.71 44.07
CA ILE C 455 -15.68 10.27 44.23
C ILE C 455 -15.43 11.35 43.19
N GLY C 456 -15.91 11.16 41.97
CA GLY C 456 -15.73 12.14 40.92
C GLY C 456 -15.33 11.53 39.60
N PHE C 457 -15.16 10.21 39.58
CA PHE C 457 -14.76 9.52 38.36
C PHE C 457 -15.96 9.36 37.43
N GLN C 458 -15.70 9.49 36.14
CA GLN C 458 -16.64 9.08 35.08
C GLN C 458 -16.17 7.71 34.63
N ILE C 459 -16.86 6.66 35.04
CA ILE C 459 -16.44 5.28 34.79
C ILE C 459 -17.25 4.71 33.64
N GLU C 460 -16.55 4.13 32.68
CA GLU C 460 -17.16 3.42 31.57
C GLU C 460 -16.58 2.01 31.50
N THR C 461 -17.39 1.07 31.03
CA THR C 461 -16.97 -0.32 31.00
C THR C 461 -17.59 -1.03 29.80
N ILE C 462 -17.06 -2.20 29.48
CA ILE C 462 -17.54 -2.98 28.35
C ILE C 462 -18.92 -3.55 28.67
N GLY C 463 -19.87 -3.34 27.76
CA GLY C 463 -21.18 -3.94 27.91
C GLY C 463 -22.11 -3.23 28.87
N LYS C 464 -21.95 -1.93 29.05
CA LYS C 464 -22.86 -1.13 29.87
C LYS C 464 -22.99 0.24 29.26
N LYS C 465 -24.23 0.70 29.09
CA LYS C 465 -24.47 2.01 28.52
C LYS C 465 -24.04 3.10 29.50
N VAL C 466 -23.35 4.12 28.98
CA VAL C 466 -22.83 5.20 29.80
C VAL C 466 -23.98 6.06 30.35
P PO4 D . 7.86 -17.65 -25.77
O1 PO4 D . 6.37 -17.59 -26.05
O2 PO4 D . 8.15 -17.03 -24.43
O3 PO4 D . 8.30 -19.10 -25.76
O4 PO4 D . 8.60 -16.90 -26.85
NA NA E . -8.34 2.74 16.45
P PO4 F . -9.23 30.21 -3.59
O1 PO4 F . -9.49 28.97 -2.77
O2 PO4 F . -8.62 31.28 -2.71
O3 PO4 F . -10.54 30.72 -4.16
O4 PO4 F . -8.27 29.86 -4.72
P PO4 G . -8.16 -15.18 27.07
O1 PO4 G . -9.30 -16.17 26.94
O2 PO4 G . -7.23 -15.67 28.17
O3 PO4 G . -8.69 -13.83 27.44
O4 PO4 G . -7.42 -15.10 25.77
#